data_2WRG
#
_entry.id   2WRG
#
_cell.length_a   104.758
_cell.length_b   156.843
_cell.length_c   157.842
_cell.angle_alpha   90.00
_cell.angle_beta   90.00
_cell.angle_gamma   90.00
#
_symmetry.space_group_name_H-M   'P 21 21 21'
#
loop_
_entity.id
_entity.type
_entity.pdbx_description
1 polymer 'HEMAGGLUTININ HA1 CHAIN'
2 polymer 'HEMAGGLUTININ HA2 CHAIN'
3 branched 'N-acetyl-alpha-neuraminic acid-(2-6)-beta-D-galactopyranose-(1-4)-2-acetamido-2-deoxy-beta-D-glucopyranose-(1-3)-beta-D-galactopyranose'
4 non-polymer 2-acetamido-2-deoxy-beta-D-glucopyranose
#
loop_
_entity_poly.entity_id
_entity_poly.type
_entity_poly.pdbx_seq_one_letter_code
_entity_poly.pdbx_strand_id
1 'polypeptide(L)'
;DTICIGYHANNSTDTVDTVLEKNVTVTHSVNLLEDSHNGKLCKLKGIAPLQLGKCNIAGWLLGNPECDLLLTASSWSYIV
ETSNSENGTCYPGDFIDYEELREQLSSVSSFEKFEIFPKTSSWPNHETTKGVTAACSYAGASSFYRNLLWLTKKGSSYPK
LSKSYVNNKGKEVLVLWGVHHPPTGTDQQSLYQNADAYVSVGSSKYNRRFTPEIAARPKVRDQAGRMNYYWTLLEPGDTI
TFEATGNLIAPWYAFALNRGSGSGIITSDAPVHDCNTKCQTPHGAINSSLPFQNIHPVTIGECPKYVRSTKLRMATGLRN
IPSRQS
;
H,J,L
2 'polypeptide(L)'
;GLFGAIAGFIEGGWTGMIDGWYGYHHQNEQGSGYAADQKSTQNAIDGITNKVNSVIEKMNTQFTAVGKEFNNLERRIENL
NKKVDDGFLDIWTYNAELLVLLENERTLDFHDSNVRNLYEKVKSQLKNNAKEIGNGCFEFYHKCDDACMESVRNGTYDYP
KYSEESKLNREEIDGVKLESMGVYQILAIYSTVASSLVLLVSLGAISFWMCSNGSLQCRICI
;
I,K,M
#
loop_
_chem_comp.id
_chem_comp.type
_chem_comp.name
_chem_comp.formula
GAL D-saccharide, beta linking beta-D-galactopyranose 'C6 H12 O6'
NAG D-saccharide, beta linking 2-acetamido-2-deoxy-beta-D-glucopyranose 'C8 H15 N O6'
SIA D-saccharide, alpha linking 'N-acetyl-alpha-neuraminic acid' 'C11 H19 N O9'
#
# COMPACT_ATOMS: atom_id res chain seq x y z
N ASP A 1 30.94 17.07 56.50
CA ASP A 1 31.16 15.89 55.65
C ASP A 1 29.92 15.52 54.84
N THR A 2 30.06 15.44 53.52
CA THR A 2 28.92 15.16 52.63
C THR A 2 29.30 14.32 51.40
N ILE A 3 28.38 13.44 50.98
CA ILE A 3 28.40 12.84 49.65
C ILE A 3 27.13 13.22 48.88
N CYS A 4 27.25 13.42 47.57
CA CYS A 4 26.11 13.85 46.77
C CYS A 4 25.89 12.95 45.59
N ILE A 5 24.62 12.75 45.24
CA ILE A 5 24.24 12.04 44.01
C ILE A 5 23.91 13.07 42.91
N GLY A 6 24.24 12.73 41.66
CA GLY A 6 24.04 13.65 40.56
C GLY A 6 24.39 13.10 39.19
N TYR A 7 24.17 13.91 38.18
CA TYR A 7 24.27 13.43 36.80
C TYR A 7 25.15 14.27 35.88
N HIS A 8 25.68 13.61 34.86
CA HIS A 8 26.53 14.22 33.86
C HIS A 8 25.89 15.42 33.16
N ALA A 9 26.71 16.39 32.81
CA ALA A 9 26.30 17.51 31.97
C ALA A 9 27.49 17.84 31.09
N ASN A 10 27.26 18.58 30.01
CA ASN A 10 28.36 18.94 29.13
C ASN A 10 28.10 20.11 28.19
N ASN A 11 29.00 20.30 27.24
CA ASN A 11 28.93 21.42 26.33
C ASN A 11 28.06 21.14 25.12
N SER A 12 27.33 20.03 25.17
CA SER A 12 26.47 19.61 24.05
C SER A 12 25.29 20.54 23.81
N THR A 13 24.91 20.72 22.55
CA THR A 13 23.80 21.60 22.20
C THR A 13 22.81 20.86 21.31
N ASP A 14 23.02 19.56 21.18
CA ASP A 14 22.05 18.68 20.54
C ASP A 14 20.65 18.88 21.12
N THR A 15 19.65 18.92 20.25
CA THR A 15 18.26 18.98 20.72
C THR A 15 17.39 17.92 20.06
N VAL A 16 16.52 17.31 20.87
CA VAL A 16 15.59 16.29 20.42
C VAL A 16 14.20 16.75 20.82
N ASP A 17 13.18 16.28 20.11
CA ASP A 17 11.81 16.56 20.53
C ASP A 17 11.25 15.38 21.31
N THR A 18 10.58 15.67 22.43
CA THR A 18 9.88 14.65 23.18
C THR A 18 8.38 14.86 23.02
N VAL A 19 7.57 13.94 23.52
CA VAL A 19 6.14 14.08 23.30
C VAL A 19 5.51 15.22 24.13
N LEU A 20 6.02 15.47 25.33
CA LEU A 20 5.53 16.57 26.17
C LEU A 20 6.26 17.90 25.93
N GLU A 21 7.46 17.85 25.35
CA GLU A 21 8.25 19.06 25.20
C GLU A 21 9.05 19.10 23.90
N LYS A 22 8.94 20.22 23.20
CA LYS A 22 9.72 20.42 21.99
C LYS A 22 11.09 20.96 22.35
N ASN A 23 12.07 20.64 21.51
CA ASN A 23 13.41 21.23 21.60
C ASN A 23 14.08 21.14 22.96
N VAL A 24 14.50 19.93 23.32
CA VAL A 24 15.15 19.68 24.60
C VAL A 24 16.65 19.42 24.40
N THR A 25 17.51 20.17 25.09
CA THR A 25 18.94 19.94 24.97
C THR A 25 19.36 18.69 25.75
N VAL A 26 20.14 17.83 25.12
CA VAL A 26 20.51 16.58 25.71
C VAL A 26 22.03 16.43 25.61
N THR A 27 22.61 15.62 26.48
CA THR A 27 24.06 15.41 26.45
C THR A 27 24.54 14.62 25.23
N HIS A 28 23.74 13.66 24.75
CA HIS A 28 24.14 12.84 23.60
C HIS A 28 22.91 12.47 22.75
N SER A 29 23.12 12.18 21.47
CA SER A 29 22.01 11.77 20.62
C SER A 29 22.49 11.06 19.38
N VAL A 30 21.60 10.36 18.69
CA VAL A 30 21.93 9.85 17.38
C VAL A 30 20.92 10.33 16.32
N ASN A 31 21.34 10.34 15.07
CA ASN A 31 20.44 10.72 14.00
C ASN A 31 19.87 9.45 13.40
N LEU A 32 18.58 9.47 13.07
CA LEU A 32 17.92 8.31 12.51
C LEU A 32 17.54 8.60 11.06
N LEU A 33 17.67 9.87 10.68
CA LEU A 33 17.25 10.34 9.36
C LEU A 33 18.44 10.67 8.46
N GLU A 34 18.55 9.98 7.33
CA GLU A 34 19.53 10.34 6.34
C GLU A 34 19.03 11.50 5.50
N ASP A 35 19.75 12.63 5.51
CA ASP A 35 19.32 13.77 4.72
C ASP A 35 20.42 14.35 3.86
N SER A 36 21.40 13.52 3.52
CA SER A 36 22.50 13.94 2.69
C SER A 36 22.74 12.98 1.55
N HIS A 37 22.86 13.51 0.35
CA HIS A 37 23.22 12.67 -0.77
C HIS A 37 24.61 12.92 -1.34
N ASN A 38 24.92 12.10 -2.32
CA ASN A 38 26.28 11.83 -2.75
C ASN A 38 26.68 12.75 -3.89
N GLY A 39 25.69 13.16 -4.69
CA GLY A 39 25.90 14.06 -5.81
C GLY A 39 26.18 13.30 -7.10
N LYS A 40 26.33 11.98 -6.98
CA LYS A 40 26.79 11.16 -8.09
C LYS A 40 25.95 9.91 -8.32
N LEU A 41 25.77 9.54 -9.57
CA LEU A 41 25.09 8.29 -9.91
C LEU A 41 26.09 7.13 -9.80
N CYS A 42 25.91 6.28 -8.80
CA CYS A 42 26.92 5.29 -8.45
C CYS A 42 26.62 3.88 -8.95
N LYS A 43 27.54 2.97 -8.66
CA LYS A 43 27.37 1.57 -9.01
C LYS A 43 26.36 0.94 -8.08
N LEU A 44 25.56 0.04 -8.62
CA LEU A 44 24.53 -0.61 -7.82
C LEU A 44 24.82 -2.09 -7.78
N LYS A 45 25.31 -2.57 -6.65
CA LYS A 45 25.55 -4.00 -6.52
C LYS A 45 26.78 -4.39 -7.33
N GLY A 46 27.81 -3.55 -7.25
CA GLY A 46 29.07 -3.82 -7.93
C GLY A 46 29.11 -3.38 -9.39
N ILE A 47 27.95 -3.37 -10.04
CA ILE A 47 27.86 -3.04 -11.46
C ILE A 47 27.44 -1.59 -11.75
N ALA A 48 27.81 -1.08 -12.92
CA ALA A 48 27.53 0.31 -13.28
C ALA A 48 26.25 0.43 -14.08
N PRO A 49 25.66 1.63 -14.08
CA PRO A 49 24.46 1.91 -14.88
C PRO A 49 24.83 2.00 -16.34
N LEU A 50 23.90 1.65 -17.21
CA LEU A 50 24.01 1.94 -18.63
C LEU A 50 23.75 3.45 -18.88
N GLN A 51 24.66 4.14 -19.54
CA GLN A 51 24.41 5.53 -19.92
C GLN A 51 24.09 5.58 -21.39
N LEU A 52 23.16 6.45 -21.78
CA LEU A 52 22.72 6.51 -23.17
C LEU A 52 23.06 7.84 -23.85
N GLY A 53 23.59 8.78 -23.07
CA GLY A 53 23.98 10.06 -23.62
C GLY A 53 22.78 10.84 -24.14
N LYS A 54 22.80 11.15 -25.44
CA LYS A 54 21.73 11.94 -26.03
C LYS A 54 20.58 11.07 -26.56
N CYS A 55 20.73 9.76 -26.46
CA CYS A 55 19.70 8.83 -26.91
C CYS A 55 18.86 8.29 -25.77
N ASN A 56 17.62 7.91 -26.08
CA ASN A 56 16.78 7.21 -25.12
C ASN A 56 16.70 5.73 -25.48
N ILE A 57 16.12 4.93 -24.60
CA ILE A 57 16.04 3.48 -24.81
C ILE A 57 15.64 3.07 -26.23
N ALA A 58 14.68 3.80 -26.82
CA ALA A 58 14.21 3.50 -28.15
C ALA A 58 15.30 3.70 -29.21
N GLY A 59 15.92 4.88 -29.20
CA GLY A 59 16.96 5.23 -30.17
C GLY A 59 18.14 4.30 -30.08
N TRP A 60 18.53 3.94 -28.88
CA TRP A 60 19.66 3.06 -28.67
C TRP A 60 19.35 1.64 -29.15
N LEU A 61 18.11 1.19 -28.91
CA LEU A 61 17.69 -0.12 -29.39
C LEU A 61 17.54 -0.17 -30.91
N LEU A 62 16.82 0.80 -31.46
CA LEU A 62 16.57 0.86 -32.90
C LEU A 62 17.82 1.17 -33.71
N GLY A 63 18.78 1.86 -33.11
CA GLY A 63 19.98 2.25 -33.81
C GLY A 63 19.81 3.57 -34.53
N ASN A 64 19.17 4.52 -33.86
CA ASN A 64 19.12 5.90 -34.33
C ASN A 64 20.54 6.30 -34.72
N PRO A 65 20.68 7.01 -35.85
CA PRO A 65 22.00 7.40 -36.36
C PRO A 65 22.83 8.29 -35.43
N GLU A 66 22.24 8.76 -34.33
CA GLU A 66 22.96 9.61 -33.39
C GLU A 66 23.59 8.81 -32.23
N CYS A 67 23.25 7.53 -32.13
CA CYS A 67 23.72 6.68 -31.04
C CYS A 67 24.83 5.76 -31.53
N ASP A 68 25.81 6.33 -32.22
CA ASP A 68 26.88 5.53 -32.77
C ASP A 68 28.02 5.35 -31.76
N LEU A 69 28.02 6.16 -30.72
CA LEU A 69 29.05 6.06 -29.69
C LEU A 69 28.70 5.08 -28.56
N LEU A 70 27.50 5.22 -28.00
CA LEU A 70 27.10 4.34 -26.90
C LEU A 70 26.85 2.90 -27.33
N LEU A 71 27.31 2.54 -28.53
CA LEU A 71 27.30 1.13 -28.93
C LEU A 71 28.25 0.36 -28.01
N THR A 72 28.11 0.63 -26.72
CA THR A 72 29.04 0.19 -25.71
C THR A 72 28.27 -0.19 -24.44
N ALA A 73 28.15 -1.49 -24.20
CA ALA A 73 27.49 -2.00 -23.03
C ALA A 73 27.95 -3.43 -22.86
N SER A 74 27.74 -4.04 -21.70
CA SER A 74 28.05 -5.45 -21.54
C SER A 74 27.20 -6.09 -20.45
N SER A 75 26.78 -5.25 -19.52
CA SER A 75 26.02 -5.65 -18.34
C SER A 75 25.79 -4.41 -17.47
N TRP A 76 24.56 -4.17 -17.08
CA TRP A 76 24.28 -2.99 -16.26
C TRP A 76 23.25 -3.28 -15.17
N SER A 77 23.33 -2.52 -14.09
CA SER A 77 22.45 -2.72 -12.95
C SER A 77 21.18 -1.88 -13.07
N TYR A 78 21.25 -0.79 -13.82
CA TYR A 78 20.08 0.03 -14.07
C TYR A 78 20.39 1.00 -15.19
N ILE A 79 19.39 1.66 -15.74
CA ILE A 79 19.64 2.55 -16.85
C ILE A 79 19.48 4.01 -16.44
N VAL A 80 20.32 4.88 -17.00
CA VAL A 80 20.23 6.33 -16.74
C VAL A 80 19.88 7.09 -18.02
N GLU A 81 18.87 7.96 -17.92
CA GLU A 81 18.56 8.89 -19.01
C GLU A 81 18.73 10.29 -18.48
N THR A 82 18.99 11.23 -19.37
CA THR A 82 19.26 12.61 -18.98
C THR A 82 18.32 13.59 -19.67
N SER A 83 18.39 14.86 -19.28
CA SER A 83 17.54 15.90 -19.85
C SER A 83 17.79 15.97 -21.35
N ASN A 84 19.00 15.59 -21.73
CA ASN A 84 19.43 15.69 -23.11
C ASN A 84 19.48 14.31 -23.76
N SER A 85 18.31 13.68 -23.78
CA SER A 85 18.17 12.31 -24.24
C SER A 85 16.90 12.20 -25.09
N GLU A 86 16.89 12.89 -26.23
CA GLU A 86 15.69 12.93 -27.07
C GLU A 86 15.80 12.18 -28.40
N ASN A 87 16.99 11.73 -28.75
CA ASN A 87 17.18 10.96 -29.97
C ASN A 87 16.62 9.57 -29.77
N GLY A 88 15.48 9.28 -30.40
CA GLY A 88 14.87 7.98 -30.28
C GLY A 88 14.22 7.53 -31.58
N THR A 89 12.90 7.53 -31.58
CA THR A 89 12.13 7.22 -32.78
C THR A 89 12.13 8.44 -33.67
N CYS A 90 13.03 8.43 -34.66
CA CYS A 90 13.18 9.59 -35.53
C CYS A 90 12.17 9.57 -36.67
N TYR A 91 11.92 8.39 -37.25
CA TYR A 91 10.79 8.27 -38.16
C TYR A 91 9.57 8.13 -37.28
N PRO A 92 8.59 9.03 -37.43
CA PRO A 92 7.41 9.08 -36.56
C PRO A 92 6.59 7.78 -36.63
N GLY A 93 6.01 7.41 -35.49
CA GLY A 93 5.29 6.16 -35.37
C GLY A 93 5.22 5.72 -33.91
N ASP A 94 4.58 4.59 -33.68
CA ASP A 94 4.38 4.11 -32.32
C ASP A 94 5.27 2.92 -32.01
N PHE A 95 5.94 2.97 -30.87
CA PHE A 95 6.75 1.87 -30.36
C PHE A 95 5.84 1.07 -29.43
N ILE A 96 5.47 -0.14 -29.86
CA ILE A 96 4.53 -0.96 -29.09
C ILE A 96 5.08 -1.52 -27.78
N ASP A 97 4.30 -1.36 -26.72
CA ASP A 97 4.67 -1.90 -25.42
C ASP A 97 6.03 -1.39 -25.01
N TYR A 98 6.23 -0.10 -25.22
CA TYR A 98 7.52 0.53 -25.01
C TYR A 98 7.90 0.56 -23.53
N GLU A 99 6.98 1.00 -22.68
CA GLU A 99 7.28 1.11 -21.25
C GLU A 99 7.62 -0.25 -20.68
N GLU A 100 6.97 -1.29 -21.20
CA GLU A 100 7.22 -2.64 -20.74
C GLU A 100 8.63 -3.13 -21.09
N LEU A 101 9.05 -2.86 -22.33
CA LEU A 101 10.41 -3.21 -22.76
C LEU A 101 11.42 -2.46 -21.92
N ARG A 102 11.19 -1.18 -21.72
CA ARG A 102 12.07 -0.36 -20.91
C ARG A 102 12.19 -0.99 -19.52
N GLU A 103 11.08 -1.50 -19.00
CA GLU A 103 11.05 -2.11 -17.69
C GLU A 103 11.86 -3.41 -17.65
N GLN A 104 11.70 -4.22 -18.69
CA GLN A 104 12.37 -5.52 -18.79
C GLN A 104 13.90 -5.40 -18.88
N LEU A 105 14.35 -4.43 -19.66
CA LEU A 105 15.76 -4.19 -19.92
C LEU A 105 16.46 -3.40 -18.83
N SER A 106 15.73 -3.00 -17.79
CA SER A 106 16.30 -2.10 -16.80
C SER A 106 17.54 -2.65 -16.11
N SER A 107 17.66 -3.97 -16.04
CA SER A 107 18.89 -4.61 -15.61
C SER A 107 19.15 -5.85 -16.45
N VAL A 108 20.40 -6.14 -16.73
CA VAL A 108 20.77 -7.17 -17.70
C VAL A 108 22.14 -7.69 -17.34
N SER A 109 22.39 -8.97 -17.58
CA SER A 109 23.73 -9.51 -17.36
C SER A 109 24.56 -9.62 -18.65
N SER A 110 24.39 -10.71 -19.41
CA SER A 110 25.19 -10.90 -20.62
C SER A 110 24.49 -10.37 -21.87
N PHE A 111 24.97 -9.25 -22.40
CA PHE A 111 24.24 -8.52 -23.45
C PHE A 111 25.04 -8.35 -24.74
N GLU A 112 24.70 -9.14 -25.76
CA GLU A 112 25.37 -9.01 -27.05
C GLU A 112 24.47 -8.46 -28.14
N LYS A 113 24.96 -7.44 -28.85
CA LYS A 113 24.36 -7.00 -30.10
C LYS A 113 24.95 -7.84 -31.22
N PHE A 114 24.12 -8.42 -32.07
CA PHE A 114 24.65 -9.22 -33.17
C PHE A 114 23.89 -9.00 -34.48
N GLU A 115 24.40 -9.56 -35.57
CA GLU A 115 23.81 -9.36 -36.88
C GLU A 115 22.92 -10.53 -37.24
N ILE A 116 21.63 -10.40 -36.95
CA ILE A 116 20.67 -11.49 -37.15
C ILE A 116 20.38 -11.78 -38.63
N PHE A 117 19.92 -10.77 -39.37
CA PHE A 117 19.72 -10.89 -40.82
C PHE A 117 20.67 -9.93 -41.55
N PRO A 118 21.83 -10.45 -41.97
CA PRO A 118 22.87 -9.66 -42.64
C PRO A 118 22.31 -8.90 -43.84
N LYS A 119 22.69 -7.64 -43.99
CA LYS A 119 22.14 -6.76 -45.01
C LYS A 119 22.42 -7.21 -46.45
N THR A 120 23.71 -7.25 -46.82
CA THR A 120 24.12 -7.71 -48.15
C THR A 120 24.33 -9.22 -48.13
N SER A 121 23.24 -9.95 -48.27
CA SER A 121 23.26 -11.40 -48.16
C SER A 121 21.87 -11.99 -47.95
N SER A 122 21.19 -11.56 -46.89
CA SER A 122 19.91 -12.17 -46.51
C SER A 122 18.78 -11.83 -47.46
N TRP A 123 18.84 -10.63 -48.04
CA TRP A 123 17.75 -10.12 -48.87
C TRP A 123 18.09 -10.04 -50.35
N PRO A 124 18.28 -11.20 -50.99
CA PRO A 124 18.33 -11.14 -52.45
C PRO A 124 16.89 -11.03 -52.91
N ASN A 125 16.66 -10.69 -54.18
CA ASN A 125 15.31 -10.52 -54.70
C ASN A 125 14.63 -9.27 -54.16
N HIS A 126 15.35 -8.48 -53.39
CA HIS A 126 14.81 -7.24 -52.83
C HIS A 126 15.85 -6.11 -52.78
N GLU A 127 15.36 -4.89 -52.64
CA GLU A 127 16.24 -3.72 -52.70
C GLU A 127 16.64 -3.29 -51.31
N THR A 128 17.89 -3.56 -50.95
CA THR A 128 18.37 -3.27 -49.60
C THR A 128 18.90 -1.85 -49.44
N THR A 129 19.45 -1.27 -50.50
CA THR A 129 19.83 0.14 -50.45
C THR A 129 18.60 1.02 -50.64
N LYS A 130 18.82 2.32 -50.77
CA LYS A 130 17.73 3.27 -50.99
C LYS A 130 16.65 3.28 -49.88
N GLY A 131 16.84 2.42 -48.88
CA GLY A 131 15.97 2.40 -47.73
C GLY A 131 16.43 3.40 -46.69
N VAL A 132 16.50 4.66 -47.09
CA VAL A 132 16.91 5.75 -46.20
C VAL A 132 15.92 6.91 -46.25
N THR A 133 16.06 7.84 -45.31
CA THR A 133 15.10 8.93 -45.16
C THR A 133 15.70 10.17 -44.51
N ALA A 134 15.18 11.33 -44.90
CA ALA A 134 15.65 12.60 -44.36
C ALA A 134 15.29 12.74 -42.88
N ALA A 135 14.27 12.01 -42.46
CA ALA A 135 13.86 12.04 -41.06
C ALA A 135 14.98 11.49 -40.18
N CYS A 136 15.53 10.36 -40.57
CA CYS A 136 16.64 9.77 -39.83
C CYS A 136 17.97 10.10 -40.48
N SER A 137 18.30 11.38 -40.48
CA SER A 137 19.43 11.90 -41.24
C SER A 137 20.75 11.90 -40.47
N TYR A 138 21.82 11.52 -41.15
CA TYR A 138 23.14 11.48 -40.54
C TYR A 138 24.14 12.37 -41.25
N ALA A 139 24.85 13.20 -40.48
CA ALA A 139 25.83 14.12 -41.06
C ALA A 139 25.22 14.86 -42.25
N GLY A 140 24.01 15.37 -42.05
CA GLY A 140 23.31 16.09 -43.09
C GLY A 140 22.57 15.20 -44.07
N ALA A 141 23.20 14.11 -44.47
CA ALA A 141 22.61 13.21 -45.46
C ALA A 141 21.48 12.36 -44.90
N SER A 142 20.58 11.91 -45.78
CA SER A 142 19.53 11.00 -45.36
C SER A 142 20.13 9.62 -45.07
N SER A 143 19.75 9.04 -43.94
CA SER A 143 20.22 7.73 -43.54
C SER A 143 19.08 6.98 -42.88
N PHE A 144 19.39 5.92 -42.14
CA PHE A 144 18.36 5.14 -41.48
C PHE A 144 18.85 4.57 -40.16
N TYR A 145 18.01 3.78 -39.52
CA TYR A 145 18.38 3.09 -38.29
C TYR A 145 19.46 2.04 -38.57
N ARG A 146 20.42 1.92 -37.67
CA ARG A 146 21.54 1.02 -37.87
C ARG A 146 21.15 -0.43 -37.68
N ASN A 147 20.11 -0.68 -36.89
CA ASN A 147 19.73 -2.05 -36.53
C ASN A 147 18.55 -2.58 -37.33
N LEU A 148 17.93 -1.70 -38.12
CA LEU A 148 16.78 -2.05 -38.94
C LEU A 148 17.06 -1.78 -40.43
N LEU A 149 16.49 -2.60 -41.31
CA LEU A 149 16.71 -2.46 -42.74
C LEU A 149 15.40 -2.17 -43.47
N TRP A 150 15.35 -1.02 -44.16
CA TRP A 150 14.15 -0.63 -44.89
C TRP A 150 14.06 -1.29 -46.27
N LEU A 151 13.56 -2.52 -46.33
CA LEU A 151 13.41 -3.25 -47.59
C LEU A 151 12.36 -2.64 -48.51
N THR A 152 12.81 -2.23 -49.69
CA THR A 152 11.92 -1.67 -50.72
C THR A 152 11.87 -2.61 -51.92
N LYS A 153 11.02 -2.28 -52.89
CA LYS A 153 10.81 -3.16 -54.04
C LYS A 153 12.00 -3.13 -54.99
N LYS A 154 12.18 -4.23 -55.75
CA LYS A 154 13.30 -4.36 -56.67
C LYS A 154 12.78 -4.44 -58.10
N GLY A 155 12.99 -3.37 -58.87
CA GLY A 155 12.47 -3.29 -60.22
C GLY A 155 11.00 -3.67 -60.31
N SER A 156 10.15 -2.86 -59.69
CA SER A 156 8.70 -3.12 -59.66
C SER A 156 8.34 -4.59 -59.39
N SER A 157 8.86 -5.12 -58.29
CA SER A 157 8.63 -6.52 -57.94
C SER A 157 9.04 -6.85 -56.51
N TYR A 158 8.05 -7.10 -55.65
CA TYR A 158 8.28 -7.47 -54.25
C TYR A 158 7.73 -8.88 -53.97
N PRO A 159 8.55 -9.92 -54.23
CA PRO A 159 8.23 -11.32 -53.98
C PRO A 159 8.16 -11.70 -52.49
N LYS A 160 7.02 -12.25 -52.08
CA LYS A 160 6.81 -12.73 -50.72
C LYS A 160 8.10 -13.27 -50.08
N LEU A 161 8.60 -12.59 -49.05
CA LEU A 161 9.84 -12.99 -48.38
C LEU A 161 9.60 -13.88 -47.15
N SER A 162 10.46 -14.87 -46.94
CA SER A 162 10.28 -15.82 -45.85
C SER A 162 11.61 -16.11 -45.16
N LYS A 163 12.09 -15.17 -44.36
CA LYS A 163 13.36 -15.31 -43.67
C LYS A 163 13.13 -15.72 -42.22
N SER A 164 13.92 -16.68 -41.74
CA SER A 164 13.72 -17.22 -40.40
C SER A 164 15.03 -17.30 -39.62
N TYR A 165 14.95 -17.22 -38.30
CA TYR A 165 16.15 -17.29 -37.48
C TYR A 165 15.95 -18.25 -36.33
N VAL A 166 16.99 -19.03 -36.04
CA VAL A 166 16.95 -19.95 -34.91
C VAL A 166 17.86 -19.46 -33.80
N ASN A 167 17.40 -19.56 -32.55
CA ASN A 167 18.14 -19.03 -31.42
C ASN A 167 19.12 -20.03 -30.79
N ASN A 168 20.35 -20.02 -31.27
CA ASN A 168 21.37 -20.92 -30.75
C ASN A 168 22.28 -20.21 -29.77
N LYS A 169 21.78 -19.15 -29.16
CA LYS A 169 22.59 -18.33 -28.27
C LYS A 169 22.59 -18.86 -26.84
N GLY A 170 21.63 -19.72 -26.51
CA GLY A 170 21.49 -20.22 -25.15
C GLY A 170 21.10 -19.10 -24.19
N LYS A 171 20.43 -18.09 -24.73
CA LYS A 171 19.89 -16.98 -23.95
C LYS A 171 18.77 -16.33 -24.76
N GLU A 172 18.03 -15.42 -24.16
CA GLU A 172 16.94 -14.79 -24.88
C GLU A 172 17.52 -13.90 -25.98
N VAL A 173 16.76 -13.74 -27.07
CA VAL A 173 17.14 -12.84 -28.14
C VAL A 173 16.06 -11.81 -28.38
N LEU A 174 16.38 -10.55 -28.10
CA LEU A 174 15.45 -9.45 -28.32
C LEU A 174 15.46 -9.10 -29.79
N VAL A 175 14.34 -9.27 -30.47
CA VAL A 175 14.26 -8.94 -31.87
C VAL A 175 13.28 -7.79 -32.11
N LEU A 176 13.77 -6.70 -32.71
CA LEU A 176 12.88 -5.60 -33.10
C LEU A 176 12.71 -5.56 -34.61
N TRP A 177 11.59 -4.97 -35.04
CA TRP A 177 11.32 -4.68 -36.43
C TRP A 177 10.23 -3.64 -36.49
N GLY A 178 9.96 -3.15 -37.68
CA GLY A 178 8.94 -2.15 -37.85
C GLY A 178 8.05 -2.47 -39.02
N VAL A 179 6.89 -1.81 -39.08
CA VAL A 179 6.02 -1.92 -40.23
C VAL A 179 5.71 -0.52 -40.70
N HIS A 180 5.93 -0.28 -41.99
CA HIS A 180 5.75 1.06 -42.53
C HIS A 180 4.36 1.24 -43.07
N HIS A 181 3.71 2.33 -42.65
CA HIS A 181 2.38 2.68 -43.15
C HIS A 181 2.48 3.96 -43.97
N PRO A 182 2.56 3.82 -45.30
CA PRO A 182 2.65 4.93 -46.25
C PRO A 182 1.47 5.91 -46.12
N PRO A 183 1.59 7.13 -46.66
CA PRO A 183 0.60 8.18 -46.41
C PRO A 183 -0.56 8.02 -47.37
N THR A 184 -0.27 7.50 -48.56
CA THR A 184 -1.28 7.35 -49.60
C THR A 184 -1.02 6.11 -50.44
N GLY A 185 -2.07 5.59 -51.06
CA GLY A 185 -1.95 4.41 -51.91
C GLY A 185 -0.94 4.58 -53.03
N THR A 186 -0.63 5.82 -53.37
CA THR A 186 0.33 6.13 -54.43
C THR A 186 1.75 5.73 -54.06
N ASP A 187 2.14 6.00 -52.81
CA ASP A 187 3.48 5.65 -52.32
C ASP A 187 3.60 4.16 -52.03
N GLN A 188 2.50 3.54 -51.64
CA GLN A 188 2.46 2.11 -51.37
C GLN A 188 2.97 1.32 -52.59
N GLN A 189 2.78 1.87 -53.79
CA GLN A 189 3.18 1.20 -55.01
C GLN A 189 4.62 1.49 -55.43
N SER A 190 5.00 2.75 -55.40
CA SER A 190 6.37 3.15 -55.72
C SER A 190 7.37 2.59 -54.71
N LEU A 191 6.87 2.14 -53.57
CA LEU A 191 7.70 1.60 -52.50
C LEU A 191 7.70 0.07 -52.45
N TYR A 192 6.52 -0.52 -52.36
CA TYR A 192 6.42 -1.96 -52.15
C TYR A 192 5.64 -2.69 -53.24
N GLN A 193 5.30 -1.99 -54.31
CA GLN A 193 4.58 -2.58 -55.43
C GLN A 193 3.23 -3.20 -55.07
N ASN A 194 3.27 -4.41 -54.50
CA ASN A 194 2.05 -5.13 -54.15
C ASN A 194 1.08 -4.25 -53.37
N ALA A 195 -0.01 -3.87 -54.02
CA ALA A 195 -0.98 -2.96 -53.44
C ALA A 195 -1.56 -3.47 -52.12
N ASP A 196 -1.68 -4.77 -51.99
CA ASP A 196 -2.26 -5.38 -50.80
C ASP A 196 -1.27 -6.26 -50.08
N ALA A 197 -0.38 -5.64 -49.32
CA ALA A 197 0.71 -6.34 -48.65
C ALA A 197 0.36 -6.71 -47.23
N TYR A 198 1.24 -7.47 -46.61
CA TYR A 198 1.08 -7.83 -45.22
C TYR A 198 2.43 -8.25 -44.69
N VAL A 199 2.67 -7.99 -43.41
CA VAL A 199 3.86 -8.51 -42.74
C VAL A 199 3.41 -9.49 -41.67
N SER A 200 4.08 -10.63 -41.58
CA SER A 200 3.67 -11.62 -40.60
C SER A 200 4.85 -12.15 -39.83
N VAL A 201 4.77 -12.09 -38.51
CA VAL A 201 5.83 -12.61 -37.69
C VAL A 201 5.31 -13.76 -36.84
N GLY A 202 6.05 -14.85 -36.81
CA GLY A 202 5.61 -16.02 -36.08
C GLY A 202 6.71 -16.77 -35.36
N SER A 203 6.49 -17.07 -34.08
CA SER A 203 7.37 -17.94 -33.33
C SER A 203 6.49 -18.91 -32.54
N SER A 204 7.04 -19.48 -31.47
CA SER A 204 6.27 -20.40 -30.64
C SER A 204 5.20 -19.67 -29.86
N LYS A 205 5.57 -18.58 -29.21
CA LYS A 205 4.62 -17.85 -28.39
C LYS A 205 4.22 -16.49 -28.99
N TYR A 206 4.53 -16.27 -30.27
CA TYR A 206 4.21 -15.00 -30.91
C TYR A 206 3.64 -15.17 -32.30
N ASN A 207 2.36 -14.85 -32.46
CA ASN A 207 1.76 -14.83 -33.78
C ASN A 207 0.88 -13.61 -33.99
N ARG A 208 1.46 -12.57 -34.58
CA ARG A 208 0.69 -11.39 -34.92
C ARG A 208 0.84 -11.14 -36.42
N ARG A 209 -0.20 -10.56 -37.01
CA ARG A 209 -0.12 -10.13 -38.40
C ARG A 209 -0.36 -8.62 -38.45
N PHE A 210 0.34 -7.94 -39.35
CA PHE A 210 0.23 -6.48 -39.49
C PHE A 210 -0.21 -6.15 -40.90
N THR A 211 -0.91 -5.04 -41.04
CA THR A 211 -1.43 -4.66 -42.34
C THR A 211 -1.37 -3.15 -42.52
N PRO A 212 -0.91 -2.70 -43.69
CA PRO A 212 -0.73 -1.31 -44.12
C PRO A 212 -1.92 -0.41 -43.83
N GLU A 213 -1.76 0.51 -42.88
CA GLU A 213 -2.83 1.43 -42.55
C GLU A 213 -2.64 2.75 -43.29
N ILE A 214 -2.96 2.74 -44.59
CA ILE A 214 -2.81 3.90 -45.46
C ILE A 214 -3.83 5.03 -45.21
N ALA A 215 -3.32 6.23 -44.93
CA ALA A 215 -4.19 7.35 -44.58
C ALA A 215 -3.47 8.69 -44.67
N ALA A 216 -4.26 9.77 -44.63
CA ALA A 216 -3.71 11.13 -44.62
C ALA A 216 -3.51 11.61 -43.19
N ARG A 217 -2.29 12.03 -42.88
CA ARG A 217 -1.94 12.53 -41.56
C ARG A 217 -0.96 13.70 -41.64
N PRO A 218 -0.92 14.54 -40.58
CA PRO A 218 0.01 15.66 -40.47
C PRO A 218 1.43 15.16 -40.61
N LYS A 219 2.35 16.03 -40.99
CA LYS A 219 3.73 15.61 -41.15
C LYS A 219 4.47 15.77 -39.85
N VAL A 220 5.05 14.68 -39.37
CA VAL A 220 5.91 14.73 -38.21
C VAL A 220 7.35 14.54 -38.71
N ARG A 221 8.23 15.49 -38.36
CA ARG A 221 9.58 15.53 -38.93
C ARG A 221 9.52 15.47 -40.45
N ASP A 222 8.56 16.21 -41.01
CA ASP A 222 8.36 16.26 -42.45
C ASP A 222 8.18 14.85 -43.01
N GLN A 223 7.21 14.13 -42.46
CA GLN A 223 6.91 12.77 -42.91
C GLN A 223 5.43 12.54 -42.69
N ALA A 224 4.74 12.10 -43.73
CA ALA A 224 3.31 11.84 -43.60
C ALA A 224 3.08 10.36 -43.33
N GLY A 225 4.09 9.54 -43.64
CA GLY A 225 4.02 8.13 -43.33
C GLY A 225 4.30 7.90 -41.86
N ARG A 226 4.06 6.69 -41.39
CA ARG A 226 4.36 6.32 -40.01
C ARG A 226 4.97 4.95 -39.95
N MET A 227 5.71 4.69 -38.88
CA MET A 227 6.42 3.43 -38.76
C MET A 227 6.25 2.92 -37.33
N ASN A 228 5.52 1.82 -37.19
CA ASN A 228 5.32 1.19 -35.89
C ASN A 228 6.40 0.17 -35.64
N TYR A 229 7.01 0.23 -34.47
CA TYR A 229 8.06 -0.70 -34.11
C TYR A 229 7.54 -1.77 -33.17
N TYR A 230 8.00 -2.98 -33.35
CA TYR A 230 7.53 -4.09 -32.53
C TYR A 230 8.73 -4.89 -32.05
N TRP A 231 8.62 -5.47 -30.86
CA TRP A 231 9.70 -6.30 -30.35
C TRP A 231 9.15 -7.64 -29.89
N THR A 232 10.03 -8.54 -29.52
CA THR A 232 9.64 -9.82 -28.93
C THR A 232 10.86 -10.49 -28.31
N LEU A 233 10.67 -11.29 -27.27
CA LEU A 233 11.80 -12.02 -26.71
C LEU A 233 11.73 -13.46 -27.16
N LEU A 234 12.72 -13.87 -27.96
CA LEU A 234 12.79 -15.23 -28.50
C LEU A 234 13.52 -16.12 -27.51
N GLU A 235 12.92 -17.24 -27.15
CA GLU A 235 13.52 -18.12 -26.15
C GLU A 235 14.56 -19.02 -26.76
N PRO A 236 15.58 -19.40 -26.00
CA PRO A 236 16.63 -20.28 -26.51
C PRO A 236 16.03 -21.53 -27.17
N GLY A 237 16.43 -21.80 -28.41
CA GLY A 237 15.91 -22.94 -29.15
C GLY A 237 14.78 -22.59 -30.11
N ASP A 238 14.13 -21.46 -29.89
CA ASP A 238 12.95 -21.09 -30.67
C ASP A 238 13.32 -20.60 -32.06
N THR A 239 12.32 -20.45 -32.91
CA THR A 239 12.50 -19.93 -34.26
C THR A 239 11.52 -18.79 -34.49
N ILE A 240 11.99 -17.68 -35.03
CA ILE A 240 11.11 -16.60 -35.43
C ILE A 240 11.12 -16.48 -36.95
N THR A 241 9.95 -16.34 -37.56
CA THR A 241 9.84 -16.37 -39.02
C THR A 241 9.14 -15.15 -39.61
N PHE A 242 9.88 -14.32 -40.33
CA PHE A 242 9.33 -13.14 -40.96
C PHE A 242 8.85 -13.44 -42.37
N GLU A 243 7.58 -13.16 -42.62
CA GLU A 243 6.99 -13.40 -43.93
C GLU A 243 6.25 -12.15 -44.33
N ALA A 244 6.70 -11.51 -45.40
CA ALA A 244 6.12 -10.23 -45.80
C ALA A 244 6.11 -10.01 -47.31
N THR A 245 5.18 -9.16 -47.76
CA THR A 245 5.06 -8.79 -49.17
C THR A 245 5.17 -7.29 -49.34
N GLY A 246 5.72 -6.62 -48.33
CA GLY A 246 5.88 -5.18 -48.34
C GLY A 246 5.72 -4.59 -46.96
N ASN A 247 6.16 -3.35 -46.78
CA ASN A 247 5.95 -2.61 -45.53
C ASN A 247 6.81 -3.12 -44.39
N LEU A 248 7.71 -4.07 -44.66
CA LEU A 248 8.52 -4.65 -43.60
C LEU A 248 9.79 -3.83 -43.41
N ILE A 249 9.99 -3.37 -42.18
CA ILE A 249 11.25 -2.77 -41.80
C ILE A 249 11.99 -3.85 -41.05
N ALA A 250 12.62 -4.75 -41.81
CA ALA A 250 13.20 -6.00 -41.28
C ALA A 250 14.29 -5.81 -40.23
N PRO A 251 14.49 -6.83 -39.37
CA PRO A 251 15.64 -6.81 -38.46
C PRO A 251 16.94 -6.90 -39.27
N TRP A 252 17.97 -6.21 -38.79
CA TRP A 252 19.30 -6.34 -39.36
C TRP A 252 20.20 -6.72 -38.19
N TYR A 253 20.01 -6.03 -37.07
CA TYR A 253 20.67 -6.41 -35.82
C TYR A 253 19.66 -6.77 -34.74
N ALA A 254 20.02 -7.74 -33.91
CA ALA A 254 19.22 -8.17 -32.77
C ALA A 254 20.09 -8.19 -31.51
N PHE A 255 19.50 -8.47 -30.36
CA PHE A 255 20.25 -8.53 -29.11
C PHE A 255 20.11 -9.89 -28.39
N ALA A 256 21.17 -10.29 -27.71
CA ALA A 256 21.14 -11.51 -26.88
C ALA A 256 21.18 -11.10 -25.41
N LEU A 257 20.43 -11.82 -24.58
CA LEU A 257 20.04 -11.30 -23.27
C LEU A 257 20.07 -12.32 -22.15
N ASN A 258 20.45 -11.86 -20.96
CA ASN A 258 20.02 -12.49 -19.73
C ASN A 258 19.38 -11.36 -18.92
N ARG A 259 18.05 -11.37 -18.84
CA ARG A 259 17.33 -10.30 -18.17
C ARG A 259 17.64 -10.27 -16.68
N GLY A 260 17.61 -9.09 -16.08
CA GLY A 260 17.92 -8.94 -14.67
C GLY A 260 16.69 -9.17 -13.81
N SER A 261 16.95 -9.34 -12.51
CA SER A 261 15.89 -9.59 -11.55
C SER A 261 14.76 -8.56 -11.65
N GLY A 262 15.09 -7.30 -11.42
CA GLY A 262 14.08 -6.25 -11.37
C GLY A 262 14.61 -4.91 -10.87
N SER A 263 15.08 -4.12 -11.81
CA SER A 263 15.57 -2.79 -11.50
C SER A 263 14.63 -1.75 -12.07
N GLY A 264 15.19 -0.64 -12.51
CA GLY A 264 14.39 0.46 -13.02
C GLY A 264 15.27 1.47 -13.70
N ILE A 265 14.64 2.53 -14.18
CA ILE A 265 15.36 3.59 -14.89
C ILE A 265 15.35 4.84 -14.02
N ILE A 266 16.47 5.55 -13.98
CA ILE A 266 16.47 6.82 -13.26
C ILE A 266 16.91 7.94 -14.18
N THR A 267 16.19 9.04 -14.11
CA THR A 267 16.41 10.14 -15.00
C THR A 267 17.05 11.28 -14.24
N SER A 268 18.33 11.52 -14.51
CA SER A 268 19.09 12.51 -13.75
C SER A 268 20.23 13.07 -14.57
N ASP A 269 20.67 14.27 -14.22
CA ASP A 269 21.80 14.89 -14.90
C ASP A 269 23.10 14.71 -14.10
N ALA A 270 23.00 14.09 -12.94
CA ALA A 270 24.16 13.88 -12.08
C ALA A 270 25.17 13.00 -12.80
N PRO A 271 26.46 13.24 -12.53
CA PRO A 271 27.58 12.53 -13.15
C PRO A 271 27.71 11.09 -12.62
N VAL A 272 27.90 10.13 -13.51
CA VAL A 272 28.18 8.76 -13.08
C VAL A 272 29.62 8.67 -12.57
N HIS A 273 29.83 7.92 -11.49
CA HIS A 273 31.17 7.69 -10.99
C HIS A 273 31.42 6.23 -10.68
N ASP A 274 32.66 5.95 -10.31
CA ASP A 274 33.15 4.60 -10.11
C ASP A 274 32.84 4.10 -8.68
N CYS A 275 32.07 4.90 -7.95
CA CYS A 275 31.78 4.59 -6.55
C CYS A 275 30.65 3.56 -6.38
N ASN A 276 30.52 3.05 -5.16
CA ASN A 276 29.51 2.03 -4.86
C ASN A 276 28.44 2.54 -3.89
N THR A 277 27.28 1.88 -3.91
CA THR A 277 26.15 2.28 -3.08
C THR A 277 25.07 1.21 -3.05
N LYS A 278 24.31 1.15 -1.97
CA LYS A 278 23.21 0.21 -1.92
C LYS A 278 21.89 0.91 -2.21
N CYS A 279 21.89 2.24 -2.08
CA CYS A 279 20.69 3.01 -2.35
C CYS A 279 20.96 4.16 -3.32
N GLN A 280 20.24 4.20 -4.44
CA GLN A 280 20.44 5.22 -5.46
C GLN A 280 19.23 6.12 -5.64
N THR A 281 19.43 7.43 -5.60
CA THR A 281 18.33 8.34 -5.86
C THR A 281 18.64 9.16 -7.10
N PRO A 282 17.66 9.90 -7.62
CA PRO A 282 17.90 10.69 -8.82
C PRO A 282 18.94 11.79 -8.62
N HIS A 283 19.03 12.38 -7.44
CA HIS A 283 19.97 13.47 -7.22
C HIS A 283 21.38 12.97 -6.90
N GLY A 284 21.44 11.79 -6.27
CA GLY A 284 22.71 11.21 -5.88
C GLY A 284 22.53 9.95 -5.06
N ALA A 285 23.61 9.18 -4.91
CA ALA A 285 23.59 7.99 -4.07
C ALA A 285 23.41 8.36 -2.60
N ILE A 286 22.90 7.40 -1.83
CA ILE A 286 22.60 7.62 -0.43
C ILE A 286 23.32 6.53 0.36
N ASN A 287 24.41 6.91 1.00
CA ASN A 287 25.15 6.01 1.86
C ASN A 287 24.26 5.73 3.05
N SER A 288 23.49 4.64 2.98
CA SER A 288 22.46 4.46 3.98
C SER A 288 22.13 3.13 4.66
N SER A 289 22.18 3.25 5.98
CA SER A 289 22.09 2.19 6.97
C SER A 289 21.09 2.67 8.04
N LEU A 290 20.85 3.97 8.07
CA LEU A 290 19.79 4.52 8.88
C LEU A 290 18.39 4.13 8.31
N PRO A 291 17.39 4.00 9.21
CA PRO A 291 16.05 3.56 8.79
C PRO A 291 15.26 4.53 7.91
N PHE A 292 15.56 5.83 7.94
CA PHE A 292 14.77 6.80 7.17
C PHE A 292 15.64 7.75 6.37
N GLN A 293 15.15 8.15 5.20
CA GLN A 293 15.77 9.23 4.43
C GLN A 293 14.72 10.23 3.95
N ASN A 294 15.09 11.50 3.78
CA ASN A 294 14.13 12.46 3.24
C ASN A 294 14.62 13.12 1.96
N ILE A 295 15.38 12.36 1.18
CA ILE A 295 16.03 12.85 -0.04
C ILE A 295 15.22 12.65 -1.33
N HIS A 296 14.57 11.49 -1.47
CA HIS A 296 13.71 11.26 -2.62
C HIS A 296 12.89 9.98 -2.49
N PRO A 297 11.58 10.07 -2.77
CA PRO A 297 10.66 8.92 -2.76
C PRO A 297 11.02 7.88 -3.80
N VAL A 298 11.31 8.31 -5.03
CA VAL A 298 11.76 7.38 -6.08
C VAL A 298 13.22 6.98 -5.87
N THR A 299 13.53 5.72 -6.07
CA THR A 299 14.77 5.20 -5.52
C THR A 299 15.08 3.88 -6.20
N ILE A 300 16.32 3.40 -6.15
CA ILE A 300 16.61 2.03 -6.56
C ILE A 300 17.61 1.36 -5.64
N GLY A 301 17.25 0.22 -5.07
CA GLY A 301 18.16 -0.48 -4.17
C GLY A 301 17.62 -0.69 -2.76
N GLU A 302 18.51 -1.08 -1.85
CA GLU A 302 18.14 -1.31 -0.46
C GLU A 302 18.14 0.03 0.27
N CYS A 303 16.98 0.68 0.29
CA CYS A 303 16.90 2.07 0.68
C CYS A 303 16.09 2.31 1.95
N PRO A 304 16.53 3.27 2.77
CA PRO A 304 15.77 3.67 3.95
C PRO A 304 14.36 4.11 3.51
N LYS A 305 13.39 4.05 4.43
CA LYS A 305 12.02 4.44 4.12
C LYS A 305 11.93 5.95 3.88
N TYR A 306 11.40 6.37 2.75
CA TYR A 306 11.32 7.79 2.49
C TYR A 306 10.28 8.39 3.43
N VAL A 307 10.58 9.60 3.87
CA VAL A 307 9.84 10.26 4.93
C VAL A 307 9.80 11.77 4.65
N ARG A 308 8.81 12.47 5.20
CA ARG A 308 8.75 13.91 4.95
C ARG A 308 9.26 14.69 6.13
N SER A 309 9.93 14.02 7.05
CA SER A 309 10.48 14.69 8.21
C SER A 309 11.69 15.53 7.85
N THR A 310 12.03 16.47 8.74
CA THR A 310 13.19 17.33 8.59
C THR A 310 14.22 16.88 9.61
N LYS A 311 13.73 16.42 10.75
CA LYS A 311 14.57 16.07 11.88
C LYS A 311 14.05 14.81 12.57
N LEU A 312 14.88 13.78 12.62
CA LEU A 312 14.56 12.57 13.38
C LEU A 312 15.71 12.21 14.32
N ARG A 313 15.97 13.11 15.26
CA ARG A 313 17.08 12.99 16.19
C ARG A 313 16.61 12.31 17.46
N MET A 314 17.28 11.22 17.79
CA MET A 314 16.89 10.38 18.91
C MET A 314 17.84 10.54 20.10
N ALA A 315 17.31 11.00 21.23
CA ALA A 315 18.09 11.15 22.46
C ALA A 315 18.70 9.84 22.97
N THR A 316 19.99 9.88 23.30
CA THR A 316 20.68 8.75 23.92
C THR A 316 21.20 9.15 25.30
N GLY A 317 21.67 10.39 25.42
CA GLY A 317 22.08 10.90 26.72
C GLY A 317 20.90 11.42 27.52
N LEU A 318 21.17 12.19 28.57
CA LEU A 318 20.11 12.77 29.39
C LEU A 318 19.93 14.25 29.16
N ARG A 319 18.92 14.82 29.81
CA ARG A 319 18.66 16.24 29.69
C ARG A 319 19.93 16.96 30.13
N ASN A 320 20.46 17.81 29.25
CA ASN A 320 21.71 18.51 29.55
C ASN A 320 21.47 19.84 30.27
N ILE A 321 21.53 19.84 31.60
CA ILE A 321 21.40 21.08 32.39
C ILE A 321 22.75 21.41 33.04
N PRO A 322 23.59 22.21 32.35
CA PRO A 322 24.98 22.38 32.80
C PRO A 322 25.06 23.16 34.11
N SER A 323 24.08 24.03 34.33
CA SER A 323 24.08 24.88 35.52
C SER A 323 25.46 25.50 35.65
N ARG A 324 25.86 26.27 34.63
CA ARG A 324 27.18 26.89 34.60
C ARG A 324 27.29 28.11 35.53
N GLN A 325 28.38 28.51 35.94
N GLY B 1 11.24 15.55 35.91
CA GLY B 1 10.57 14.62 35.02
C GLY B 1 9.62 13.70 35.75
N LEU B 2 9.28 12.58 35.12
CA LEU B 2 8.30 11.64 35.66
C LEU B 2 8.66 11.13 37.05
N PHE B 3 9.95 11.17 37.38
CA PHE B 3 10.43 10.69 38.69
C PHE B 3 10.96 11.84 39.56
N GLY B 4 10.77 13.06 39.06
CA GLY B 4 11.06 14.31 39.76
C GLY B 4 12.44 14.46 40.36
N ALA B 5 13.44 13.82 39.76
CA ALA B 5 14.80 13.89 40.28
C ALA B 5 15.62 14.84 39.41
N ILE B 6 15.75 14.52 38.14
CA ILE B 6 16.52 15.36 37.23
C ILE B 6 15.73 16.61 36.92
N ALA B 7 16.34 17.77 37.09
CA ALA B 7 15.66 19.06 36.99
C ALA B 7 14.54 19.06 37.99
N GLY B 8 14.73 18.33 39.08
CA GLY B 8 13.70 18.16 40.08
C GLY B 8 14.22 18.56 41.44
N PHE B 9 14.36 17.59 42.35
CA PHE B 9 14.89 17.89 43.66
C PHE B 9 16.38 17.95 43.59
N ILE B 10 16.93 17.38 42.53
CA ILE B 10 18.32 17.63 42.15
C ILE B 10 18.31 18.61 40.97
N GLU B 11 18.44 19.90 41.27
CA GLU B 11 18.13 20.95 40.31
C GLU B 11 18.97 20.99 39.03
N GLY B 12 20.26 20.72 39.16
CA GLY B 12 21.11 20.80 37.98
C GLY B 12 22.06 19.64 37.81
N GLY B 13 22.82 19.69 36.72
CA GLY B 13 23.80 18.66 36.44
C GLY B 13 25.22 19.11 36.74
N TRP B 14 26.15 18.17 36.60
CA TRP B 14 27.54 18.43 36.86
C TRP B 14 28.38 18.33 35.60
N THR B 15 28.92 19.44 35.13
CA THR B 15 29.90 19.37 34.04
C THR B 15 31.18 18.74 34.58
N GLY B 16 31.38 18.87 35.88
CA GLY B 16 32.51 18.28 36.55
C GLY B 16 32.60 16.76 36.38
N MET B 17 31.51 16.07 36.67
CA MET B 17 31.52 14.62 36.55
C MET B 17 31.54 14.21 35.09
N ILE B 18 32.61 13.53 34.68
CA ILE B 18 32.79 13.21 33.27
C ILE B 18 33.13 11.76 32.98
N ASP B 19 33.17 10.92 34.00
CA ASP B 19 33.40 9.50 33.78
C ASP B 19 32.11 8.71 33.57
N GLY B 20 30.97 9.33 33.87
CA GLY B 20 29.68 8.68 33.66
C GLY B 20 28.47 9.59 33.67
N TRP B 21 27.30 8.97 33.61
CA TRP B 21 26.03 9.69 33.62
C TRP B 21 25.54 10.06 35.01
N TYR B 22 25.64 9.13 35.94
CA TYR B 22 25.18 9.35 37.31
C TYR B 22 26.34 9.13 38.25
N GLY B 23 26.30 9.75 39.42
CA GLY B 23 27.43 9.63 40.32
C GLY B 23 27.35 10.49 41.56
N TYR B 24 28.49 10.56 42.27
CA TYR B 24 28.52 11.17 43.57
C TYR B 24 29.46 12.34 43.58
N HIS B 25 29.15 13.36 44.37
CA HIS B 25 30.14 14.41 44.60
C HIS B 25 30.98 13.94 45.76
N HIS B 26 30.70 14.46 46.95
CA HIS B 26 31.45 14.12 48.18
C HIS B 26 32.48 15.17 48.53
N GLN B 27 32.38 15.65 49.76
CA GLN B 27 33.34 16.60 50.30
C GLN B 27 33.85 16.09 51.63
N ASN B 28 35.14 15.77 51.65
CA ASN B 28 35.77 15.11 52.76
C ASN B 28 36.76 16.06 53.37
N GLU B 29 37.37 15.63 54.46
CA GLU B 29 38.43 16.43 55.06
C GLU B 29 39.69 16.37 54.20
N GLN B 30 39.75 15.37 53.33
CA GLN B 30 40.89 15.19 52.43
C GLN B 30 40.57 15.66 51.00
N GLY B 31 39.59 16.55 50.85
CA GLY B 31 39.25 17.10 49.54
C GLY B 31 37.86 16.79 48.97
N SER B 32 37.41 17.64 48.07
CA SER B 32 36.19 17.40 47.29
C SER B 32 36.51 16.49 46.10
N GLY B 33 35.49 16.07 45.35
CA GLY B 33 35.72 15.23 44.19
C GLY B 33 34.47 14.63 43.54
N TYR B 34 34.54 14.34 42.25
CA TYR B 34 33.45 13.68 41.53
C TYR B 34 33.84 12.24 41.23
N ALA B 35 32.87 11.34 41.31
CA ALA B 35 33.08 9.95 40.88
C ALA B 35 31.81 9.44 40.25
N ALA B 36 31.94 8.76 39.11
CA ALA B 36 30.76 8.23 38.44
C ALA B 36 30.41 6.92 39.10
N ASP B 37 29.11 6.60 39.16
CA ASP B 37 28.66 5.28 39.56
C ASP B 37 28.78 4.35 38.37
N GLN B 38 29.79 3.49 38.35
CA GLN B 38 30.05 2.66 37.18
C GLN B 38 28.95 1.67 36.89
N LYS B 39 28.41 1.05 37.93
CA LYS B 39 27.39 0.02 37.76
C LYS B 39 26.18 0.52 36.99
N SER B 40 25.55 1.58 37.50
CA SER B 40 24.34 2.10 36.87
C SER B 40 24.63 2.73 35.51
N THR B 41 25.72 3.49 35.41
CA THR B 41 26.06 4.13 34.14
C THR B 41 26.21 3.11 33.05
N GLN B 42 26.83 1.98 33.35
CA GLN B 42 26.98 0.94 32.33
C GLN B 42 25.63 0.33 31.97
N ASN B 43 24.90 -0.09 33.00
CA ASN B 43 23.56 -0.61 32.81
C ASN B 43 22.76 0.29 31.88
N ALA B 44 22.79 1.58 32.15
CA ALA B 44 22.09 2.56 31.33
C ALA B 44 22.57 2.53 29.89
N ILE B 45 23.88 2.59 29.69
CA ILE B 45 24.43 2.57 28.34
C ILE B 45 24.05 1.30 27.57
N ASP B 46 24.10 0.16 28.22
CA ASP B 46 23.70 -1.07 27.55
C ASP B 46 22.24 -0.96 27.11
N GLY B 47 21.43 -0.30 27.93
CA GLY B 47 20.01 -0.19 27.65
C GLY B 47 19.76 0.72 26.47
N ILE B 48 20.28 1.94 26.57
CA ILE B 48 20.13 2.95 25.52
C ILE B 48 20.71 2.44 24.24
N THR B 49 21.82 1.73 24.31
CA THR B 49 22.40 1.12 23.11
C THR B 49 21.42 0.13 22.51
N ASN B 50 20.91 -0.78 23.33
CA ASN B 50 19.95 -1.74 22.83
C ASN B 50 18.72 -1.04 22.21
N LYS B 51 18.26 0.02 22.87
CA LYS B 51 17.14 0.82 22.39
C LYS B 51 17.41 1.35 20.99
N VAL B 52 18.57 1.93 20.79
CA VAL B 52 18.94 2.45 19.48
C VAL B 52 19.06 1.34 18.43
N ASN B 53 19.63 0.21 18.81
CA ASN B 53 19.79 -0.87 17.85
C ASN B 53 18.48 -1.47 17.43
N SER B 54 17.52 -1.52 18.35
CA SER B 54 16.18 -1.99 18.01
C SER B 54 15.60 -1.08 16.93
N VAL B 55 15.59 0.22 17.19
CA VAL B 55 14.99 1.20 16.29
C VAL B 55 15.66 1.24 14.93
N ILE B 56 16.95 0.91 14.87
CA ILE B 56 17.66 0.89 13.60
C ILE B 56 17.73 -0.50 12.92
N GLU B 57 18.05 -1.52 13.72
CA GLU B 57 18.21 -2.87 13.22
C GLU B 57 16.93 -3.57 12.75
N LYS B 58 15.80 -3.26 13.38
CA LYS B 58 14.54 -3.95 13.09
C LYS B 58 13.95 -3.59 11.73
N MET B 59 14.41 -2.48 11.15
CA MET B 59 13.92 -2.03 9.84
C MET B 59 14.26 -3.03 8.78
N ASN B 60 13.23 -3.65 8.22
CA ASN B 60 13.39 -4.61 7.14
C ASN B 60 13.84 -3.89 5.87
N THR B 61 15.15 -3.69 5.71
CA THR B 61 15.66 -2.89 4.59
C THR B 61 15.02 -3.29 3.29
N GLN B 62 14.49 -2.30 2.57
CA GLN B 62 14.00 -2.53 1.22
C GLN B 62 15.01 -3.39 0.47
N PHE B 63 14.69 -3.80 -0.74
CA PHE B 63 15.53 -4.74 -1.44
C PHE B 63 15.48 -4.45 -2.93
N THR B 64 16.16 -3.37 -3.32
CA THR B 64 16.03 -2.83 -4.67
C THR B 64 14.53 -2.41 -4.89
N ALA B 65 14.23 -1.67 -5.96
CA ALA B 65 12.87 -1.32 -6.37
C ALA B 65 12.75 0.19 -6.59
N VAL B 66 12.06 0.61 -7.66
CA VAL B 66 11.88 2.06 -7.92
C VAL B 66 10.47 2.61 -7.69
N GLY B 67 10.06 3.40 -8.68
CA GLY B 67 8.70 3.66 -9.07
C GLY B 67 8.67 3.22 -10.53
N LYS B 68 7.52 3.33 -11.20
CA LYS B 68 7.36 2.74 -12.53
C LYS B 68 7.09 3.81 -13.60
N GLU B 69 6.93 3.37 -14.86
CA GLU B 69 6.67 4.28 -15.98
C GLU B 69 5.41 3.86 -16.74
N PHE B 70 4.50 4.82 -16.92
CA PHE B 70 3.23 4.57 -17.61
C PHE B 70 2.99 5.56 -18.75
N ASN B 71 2.38 5.08 -19.84
CA ASN B 71 2.04 5.94 -20.97
C ASN B 71 0.76 6.77 -20.75
N ASN B 72 0.32 7.48 -21.79
CA ASN B 72 -0.79 8.43 -21.66
C ASN B 72 -2.18 7.79 -21.51
N LEU B 73 -2.25 6.49 -21.76
CA LEU B 73 -3.50 5.76 -21.61
C LEU B 73 -3.48 4.85 -20.38
N GLU B 74 -2.53 5.11 -19.51
CA GLU B 74 -2.39 4.35 -18.28
C GLU B 74 -2.42 5.29 -17.09
N ARG B 75 -3.29 6.29 -17.14
CA ARG B 75 -3.39 7.27 -16.07
C ARG B 75 -3.90 6.64 -14.78
N ARG B 76 -4.86 5.73 -14.89
CA ARG B 76 -5.44 5.10 -13.71
C ARG B 76 -4.43 4.26 -12.93
N ILE B 77 -3.67 3.43 -13.63
CA ILE B 77 -2.62 2.68 -12.97
C ILE B 77 -1.54 3.61 -12.43
N GLU B 78 -1.22 4.67 -13.19
CA GLU B 78 -0.21 5.63 -12.77
C GLU B 78 -0.57 6.20 -11.41
N ASN B 79 -1.84 6.54 -11.26
CA ASN B 79 -2.36 7.13 -10.03
C ASN B 79 -2.49 6.16 -8.88
N LEU B 80 -2.74 4.89 -9.21
CA LEU B 80 -2.75 3.80 -8.24
C LEU B 80 -1.36 3.69 -7.64
N ASN B 81 -0.34 3.68 -8.51
CA ASN B 81 1.06 3.68 -8.11
C ASN B 81 1.31 4.82 -7.15
N LYS B 82 0.93 6.02 -7.58
CA LYS B 82 1.10 7.21 -6.76
C LYS B 82 0.41 7.06 -5.40
N LYS B 83 -0.81 6.53 -5.40
CA LYS B 83 -1.54 6.31 -4.16
C LYS B 83 -0.80 5.36 -3.23
N VAL B 84 -0.18 4.33 -3.81
CA VAL B 84 0.63 3.41 -3.05
C VAL B 84 1.82 4.14 -2.44
N ASP B 85 2.55 4.90 -3.25
CA ASP B 85 3.79 5.54 -2.78
C ASP B 85 3.49 6.58 -1.74
N ASP B 86 2.46 7.38 -2.02
CA ASP B 86 2.07 8.43 -1.09
C ASP B 86 1.53 7.82 0.18
N GLY B 87 0.82 6.71 0.03
CA GLY B 87 0.31 5.97 1.18
C GLY B 87 1.41 5.54 2.13
N PHE B 88 2.45 4.91 1.60
CA PHE B 88 3.57 4.47 2.41
C PHE B 88 4.25 5.68 3.03
N LEU B 89 4.36 6.76 2.26
CA LEU B 89 4.97 7.99 2.75
C LEU B 89 4.30 8.53 4.03
N ASP B 90 2.96 8.60 4.04
CA ASP B 90 2.18 9.19 5.12
C ASP B 90 2.32 8.33 6.36
N ILE B 91 2.33 7.01 6.13
CA ILE B 91 2.43 6.05 7.21
C ILE B 91 3.81 6.11 7.82
N TRP B 92 4.84 6.08 6.98
CA TRP B 92 6.20 6.12 7.49
C TRP B 92 6.56 7.41 8.23
N THR B 93 6.13 8.54 7.68
CA THR B 93 6.35 9.83 8.31
C THR B 93 5.69 9.86 9.68
N TYR B 94 4.39 9.56 9.74
CA TYR B 94 3.66 9.62 11.00
C TYR B 94 4.32 8.68 12.02
N ASN B 95 4.61 7.45 11.63
CA ASN B 95 5.10 6.49 12.60
C ASN B 95 6.51 6.82 13.01
N ALA B 96 7.33 7.26 12.07
CA ALA B 96 8.70 7.73 12.41
C ALA B 96 8.64 8.88 13.41
N GLU B 97 7.85 9.88 13.08
CA GLU B 97 7.77 11.07 13.86
C GLU B 97 7.33 10.77 15.29
N LEU B 98 6.27 10.00 15.44
CA LEU B 98 5.74 9.67 16.76
C LEU B 98 6.61 8.70 17.56
N LEU B 99 7.24 7.76 16.86
CA LEU B 99 8.13 6.80 17.50
C LEU B 99 9.26 7.50 18.25
N VAL B 100 9.98 8.36 17.53
CA VAL B 100 11.05 9.16 18.10
C VAL B 100 10.55 9.96 19.30
N LEU B 101 9.40 10.62 19.17
CA LEU B 101 8.82 11.39 20.26
C LEU B 101 8.56 10.53 21.51
N LEU B 102 7.97 9.36 21.34
CA LEU B 102 7.70 8.47 22.46
C LEU B 102 8.99 7.98 23.07
N GLU B 103 9.85 7.44 22.21
CA GLU B 103 11.14 6.93 22.63
C GLU B 103 11.92 7.94 23.43
N ASN B 104 11.92 9.18 22.97
CA ASN B 104 12.62 10.26 23.67
C ASN B 104 12.07 10.54 25.06
N GLU B 105 10.75 10.68 25.16
CA GLU B 105 10.11 10.88 26.44
C GLU B 105 10.54 9.75 27.37
N ARG B 106 10.44 8.52 26.86
CA ARG B 106 10.80 7.32 27.62
C ARG B 106 12.24 7.37 28.11
N THR B 107 13.16 7.67 27.19
CA THR B 107 14.61 7.77 27.48
C THR B 107 14.96 8.75 28.58
N LEU B 108 14.47 9.99 28.49
CA LEU B 108 14.71 10.98 29.54
C LEU B 108 14.13 10.52 30.89
N ASP B 109 13.01 9.79 30.83
CA ASP B 109 12.35 9.32 32.04
C ASP B 109 13.17 8.21 32.63
N PHE B 110 13.78 7.44 31.73
CA PHE B 110 14.69 6.37 32.12
C PHE B 110 15.84 6.93 32.94
N HIS B 111 16.54 7.94 32.40
CA HIS B 111 17.58 8.64 33.14
C HIS B 111 17.05 9.22 34.44
N ASP B 112 15.89 9.86 34.42
CA ASP B 112 15.33 10.40 35.65
C ASP B 112 15.16 9.28 36.67
N SER B 113 14.65 8.14 36.22
CA SER B 113 14.52 6.97 37.08
C SER B 113 15.85 6.50 37.69
N ASN B 114 16.89 6.40 36.86
CA ASN B 114 18.20 5.94 37.32
C ASN B 114 18.83 6.85 38.38
N VAL B 115 18.68 8.17 38.21
CA VAL B 115 19.13 9.12 39.21
C VAL B 115 18.39 8.93 40.53
N ARG B 116 17.06 8.90 40.48
CA ARG B 116 16.25 8.70 41.68
C ARG B 116 16.58 7.39 42.41
N ASN B 117 16.64 6.31 41.65
CA ASN B 117 16.98 5.03 42.24
C ASN B 117 18.35 5.03 42.92
N LEU B 118 19.27 5.82 42.38
CA LEU B 118 20.60 5.92 42.97
C LEU B 118 20.53 6.70 44.28
N TYR B 119 19.82 7.81 44.25
CA TYR B 119 19.60 8.57 45.48
C TYR B 119 19.01 7.70 46.58
N GLU B 120 18.00 6.90 46.24
CA GLU B 120 17.27 6.15 47.26
C GLU B 120 18.08 4.98 47.73
N LYS B 121 19.00 4.53 46.89
CA LYS B 121 19.88 3.41 47.22
C LYS B 121 20.91 3.87 48.26
N VAL B 122 21.35 5.13 48.14
CA VAL B 122 22.23 5.75 49.11
C VAL B 122 21.47 6.10 50.39
N LYS B 123 20.29 6.69 50.25
CA LYS B 123 19.47 7.05 51.40
C LYS B 123 19.22 5.90 52.34
N SER B 124 18.86 4.74 51.80
CA SER B 124 18.49 3.60 52.62
C SER B 124 19.72 2.82 53.04
N GLN B 125 20.88 3.42 52.87
CA GLN B 125 22.14 2.79 53.25
C GLN B 125 22.68 3.56 54.45
N LEU B 126 22.55 4.88 54.36
CA LEU B 126 23.00 5.78 55.41
C LEU B 126 22.02 5.82 56.57
N LYS B 127 20.73 5.74 56.27
CA LYS B 127 19.68 5.79 57.29
C LYS B 127 19.92 6.97 58.22
N ASN B 128 19.94 6.73 59.54
CA ASN B 128 20.09 7.82 60.52
C ASN B 128 21.52 8.24 60.85
N ASN B 129 22.47 7.93 59.97
CA ASN B 129 23.84 8.40 60.12
C ASN B 129 24.11 9.67 59.33
N ALA B 130 23.15 10.09 58.53
CA ALA B 130 23.32 11.24 57.66
C ALA B 130 22.04 12.06 57.72
N LYS B 131 22.12 13.31 57.30
CA LYS B 131 20.94 14.16 57.27
C LYS B 131 20.60 14.48 55.82
N GLU B 132 19.36 14.21 55.42
CA GLU B 132 18.87 14.59 54.10
C GLU B 132 18.73 16.11 54.00
N ILE B 133 19.64 16.74 53.28
CA ILE B 133 19.58 18.18 53.08
C ILE B 133 18.68 18.55 51.90
N GLY B 134 19.01 18.08 50.71
CA GLY B 134 18.30 18.47 49.50
C GLY B 134 19.27 18.68 48.36
N ASN B 135 18.76 18.61 47.14
CA ASN B 135 19.63 18.61 45.97
C ASN B 135 20.45 17.33 45.88
N GLY B 136 19.97 16.29 46.55
CA GLY B 136 20.60 14.98 46.47
C GLY B 136 21.77 14.84 47.40
N CYS B 137 21.80 15.67 48.44
CA CYS B 137 22.93 15.67 49.37
C CYS B 137 22.60 15.10 50.72
N PHE B 138 23.52 14.27 51.22
CA PHE B 138 23.45 13.75 52.57
C PHE B 138 24.61 14.37 53.32
N GLU B 139 24.35 14.81 54.56
CA GLU B 139 25.39 15.32 55.43
C GLU B 139 25.58 14.36 56.59
N PHE B 140 26.79 13.84 56.73
CA PHE B 140 27.06 12.80 57.72
C PHE B 140 27.08 13.33 59.14
N TYR B 141 26.65 12.49 60.07
CA TYR B 141 26.76 12.79 61.49
C TYR B 141 28.10 12.29 62.03
N HIS B 142 28.73 11.36 61.32
CA HIS B 142 29.92 10.70 61.85
C HIS B 142 31.21 11.08 61.13
N LYS B 143 31.15 12.06 60.26
CA LYS B 143 32.35 12.58 59.61
C LYS B 143 33.26 11.46 59.10
N CYS B 144 33.13 11.14 57.82
CA CYS B 144 33.77 9.95 57.27
C CYS B 144 34.76 10.23 56.15
N ASP B 145 35.87 9.48 56.18
CA ASP B 145 37.01 9.71 55.28
C ASP B 145 36.89 9.05 53.91
N ASP B 146 37.86 9.31 53.04
CA ASP B 146 37.83 8.81 51.67
C ASP B 146 37.65 7.30 51.58
N ALA B 147 37.93 6.59 52.67
CA ALA B 147 37.79 5.14 52.69
C ALA B 147 36.33 4.76 52.85
N CYS B 148 35.66 5.45 53.75
CA CYS B 148 34.23 5.27 53.97
C CYS B 148 33.42 5.77 52.78
N MET B 149 33.76 6.95 52.25
CA MET B 149 33.12 7.47 51.04
C MET B 149 33.07 6.39 49.95
N GLU B 150 34.16 5.67 49.77
CA GLU B 150 34.23 4.66 48.73
C GLU B 150 33.38 3.46 49.09
N SER B 151 33.13 3.26 50.39
CA SER B 151 32.28 2.15 50.80
C SER B 151 30.84 2.48 50.46
N VAL B 152 30.48 3.76 50.57
CA VAL B 152 29.12 4.22 50.27
C VAL B 152 28.79 4.13 48.79
N ARG B 153 29.64 4.70 47.96
CA ARG B 153 29.44 4.66 46.52
C ARG B 153 29.72 3.25 45.98
N ASN B 154 30.27 2.41 46.84
CA ASN B 154 30.56 1.03 46.47
C ASN B 154 29.48 0.09 46.95
N GLY B 155 28.60 0.58 47.82
CA GLY B 155 27.44 -0.18 48.25
C GLY B 155 27.65 -0.96 49.53
N THR B 156 28.83 -0.86 50.14
CA THR B 156 29.13 -1.64 51.33
C THR B 156 28.84 -0.89 52.65
N TYR B 157 29.20 0.40 52.71
CA TYR B 157 29.01 1.24 53.90
C TYR B 157 28.78 0.51 55.24
N ASP B 158 27.52 0.32 55.63
CA ASP B 158 27.22 -0.55 56.77
C ASP B 158 27.32 0.15 58.15
N TYR B 159 26.18 0.28 58.82
CA TYR B 159 26.09 0.92 60.13
C TYR B 159 24.71 1.56 60.25
N PRO B 160 23.63 0.76 60.18
CA PRO B 160 22.29 1.36 60.20
C PRO B 160 22.15 2.55 61.16
N LYS B 161 22.25 2.42 62.38
N ASP C 1 -3.12 23.08 62.70
CA ASP C 1 -3.59 23.33 61.34
C ASP C 1 -3.06 22.30 60.33
N THR C 2 -3.41 22.44 59.06
CA THR C 2 -3.18 21.32 58.16
C THR C 2 -3.17 21.63 56.66
N ILE C 3 -2.12 21.19 55.96
CA ILE C 3 -2.11 21.32 54.51
C ILE C 3 -2.15 19.96 53.77
N CYS C 4 -2.95 19.92 52.71
CA CYS C 4 -3.08 18.68 51.95
C CYS C 4 -2.74 18.83 50.49
N ILE C 5 -2.16 17.79 49.90
CA ILE C 5 -1.93 17.77 48.48
C ILE C 5 -3.07 16.98 47.85
N GLY C 6 -3.46 17.38 46.64
CA GLY C 6 -4.59 16.76 45.99
C GLY C 6 -4.85 17.18 44.54
N TYR C 7 -5.81 16.51 43.91
CA TYR C 7 -6.03 16.74 42.49
C TYR C 7 -7.48 17.09 42.13
N HIS C 8 -7.63 17.69 40.97
CA HIS C 8 -8.90 18.15 40.46
C HIS C 8 -9.84 17.01 40.16
N ALA C 9 -11.12 17.27 40.37
CA ALA C 9 -12.18 16.34 39.98
C ALA C 9 -13.33 17.18 39.48
N ASN C 10 -14.27 16.57 38.77
CA ASN C 10 -15.41 17.33 38.30
C ASN C 10 -16.60 16.50 37.84
N ASN C 11 -17.56 17.16 37.21
CA ASN C 11 -18.81 16.54 36.83
C ASN C 11 -18.70 15.89 35.47
N SER C 12 -17.49 15.79 34.95
CA SER C 12 -17.27 15.15 33.65
C SER C 12 -17.55 13.63 33.62
N THR C 13 -18.05 13.16 32.49
CA THR C 13 -18.38 11.76 32.32
C THR C 13 -17.75 11.19 31.05
N ASP C 14 -16.85 11.96 30.44
CA ASP C 14 -15.99 11.48 29.38
C ASP C 14 -15.27 10.20 29.77
N THR C 15 -15.20 9.26 28.83
CA THR C 15 -14.43 8.04 29.07
C THR C 15 -13.49 7.74 27.92
N VAL C 16 -12.29 7.27 28.27
CA VAL C 16 -11.26 6.95 27.30
C VAL C 16 -10.85 5.54 27.63
N ASP C 17 -10.29 4.82 26.64
CA ASP C 17 -9.74 3.49 26.93
C ASP C 17 -8.24 3.61 27.11
N THR C 18 -7.70 2.94 28.14
CA THR C 18 -6.25 2.85 28.31
C THR C 18 -5.82 1.43 28.00
N VAL C 19 -4.52 1.16 27.94
CA VAL C 19 -4.05 -0.19 27.58
C VAL C 19 -4.32 -1.23 28.67
N LEU C 20 -4.25 -0.85 29.94
CA LEU C 20 -4.58 -1.75 31.06
C LEU C 20 -6.06 -1.75 31.45
N GLU C 21 -6.77 -0.70 31.08
CA GLU C 21 -8.15 -0.57 31.54
C GLU C 21 -9.06 0.04 30.50
N LYS C 22 -10.21 -0.61 30.29
CA LYS C 22 -11.25 -0.06 29.43
C LYS C 22 -12.13 0.90 30.21
N ASN C 23 -12.69 1.86 29.48
CA ASN C 23 -13.72 2.75 30.00
C ASN C 23 -13.38 3.44 31.33
N VAL C 24 -12.48 4.43 31.25
CA VAL C 24 -12.01 5.19 32.40
C VAL C 24 -12.55 6.61 32.30
N THR C 25 -13.27 7.05 33.34
CA THR C 25 -13.77 8.42 33.35
C THR C 25 -12.64 9.40 33.65
N VAL C 26 -12.52 10.41 32.82
CA VAL C 26 -11.44 11.39 32.94
C VAL C 26 -12.02 12.80 33.02
N THR C 27 -11.28 13.74 33.64
CA THR C 27 -11.81 15.09 33.83
C THR C 27 -11.92 15.86 32.50
N HIS C 28 -11.06 15.55 31.54
CA HIS C 28 -11.04 16.24 30.24
C HIS C 28 -10.54 15.32 29.16
N SER C 29 -10.91 15.59 27.92
CA SER C 29 -10.46 14.75 26.79
C SER C 29 -10.64 15.45 25.46
N VAL C 30 -9.99 14.94 24.41
CA VAL C 30 -10.28 15.44 23.07
C VAL C 30 -10.59 14.27 22.12
N ASN C 31 -11.36 14.55 21.09
CA ASN C 31 -11.70 13.53 20.13
C ASN C 31 -10.73 13.59 18.97
N LEU C 32 -10.26 12.43 18.52
CA LEU C 32 -9.29 12.37 17.43
C LEU C 32 -9.93 11.84 16.17
N LEU C 33 -11.16 11.34 16.32
CA LEU C 33 -11.89 10.68 15.23
C LEU C 33 -13.06 11.51 14.74
N GLU C 34 -13.04 11.87 13.46
CA GLU C 34 -14.18 12.54 12.84
C GLU C 34 -15.26 11.52 12.45
N ASP C 35 -16.44 11.60 13.05
CA ASP C 35 -17.48 10.63 12.71
C ASP C 35 -18.80 11.29 12.34
N SER C 36 -18.73 12.53 11.85
CA SER C 36 -19.92 13.26 11.47
C SER C 36 -19.74 13.83 10.09
N HIS C 37 -20.72 13.66 9.23
CA HIS C 37 -20.66 14.35 7.95
C HIS C 37 -21.73 15.44 7.75
N ASN C 38 -21.61 16.07 6.60
CA ASN C 38 -22.20 17.37 6.31
C ASN C 38 -23.59 17.21 5.69
N GLY C 39 -23.79 16.12 4.96
CA GLY C 39 -25.07 15.82 4.35
C GLY C 39 -25.13 16.35 2.93
N LYS C 40 -24.10 17.10 2.55
CA LYS C 40 -24.13 17.83 1.29
C LYS C 40 -22.86 17.65 0.47
N LEU C 41 -23.01 17.63 -0.85
CA LEU C 41 -21.86 17.63 -1.74
C LEU C 41 -21.34 19.06 -1.90
N CYS C 42 -20.16 19.34 -1.38
CA CYS C 42 -19.69 20.72 -1.27
C CYS C 42 -18.70 21.13 -2.33
N LYS C 43 -18.25 22.37 -2.26
CA LYS C 43 -17.23 22.86 -3.18
C LYS C 43 -15.89 22.30 -2.76
N LEU C 44 -15.05 21.97 -3.74
CA LEU C 44 -13.74 21.44 -3.44
C LEU C 44 -12.67 22.42 -3.93
N LYS C 45 -12.03 23.13 -3.00
CA LYS C 45 -10.94 24.02 -3.35
C LYS C 45 -11.51 25.24 -4.04
N GLY C 46 -12.59 25.78 -3.48
CA GLY C 46 -13.24 26.96 -4.03
C GLY C 46 -14.23 26.71 -5.16
N ILE C 47 -13.99 25.67 -5.95
CA ILE C 47 -14.80 25.36 -7.12
C ILE C 47 -15.84 24.28 -6.87
N ALA C 48 -16.92 24.31 -7.66
CA ALA C 48 -18.04 23.38 -7.49
C ALA C 48 -17.92 22.16 -8.39
N PRO C 49 -18.61 21.09 -8.02
CA PRO C 49 -18.64 19.87 -8.82
C PRO C 49 -19.47 20.06 -10.07
N LEU C 50 -19.16 19.35 -11.13
CA LEU C 50 -20.02 19.27 -12.30
C LEU C 50 -21.19 18.35 -11.98
N GLN C 51 -22.43 18.78 -12.16
CA GLN C 51 -23.57 17.88 -12.00
C GLN C 51 -24.07 17.50 -13.38
N LEU C 52 -24.52 16.26 -13.54
CA LEU C 52 -24.94 15.80 -14.86
C LEU C 52 -26.43 15.43 -14.90
N GLY C 53 -27.09 15.49 -13.75
CA GLY C 53 -28.52 15.19 -13.68
C GLY C 53 -28.81 13.74 -14.03
N LYS C 54 -29.59 13.54 -15.08
CA LYS C 54 -30.00 12.19 -15.48
C LYS C 54 -29.02 11.57 -16.48
N CYS C 55 -28.01 12.33 -16.87
CA CYS C 55 -27.00 11.83 -17.79
C CYS C 55 -25.70 11.41 -17.09
N ASN C 56 -24.98 10.48 -17.72
CA ASN C 56 -23.65 10.13 -17.26
C ASN C 56 -22.59 10.72 -18.18
N ILE C 57 -21.32 10.63 -17.80
CA ILE C 57 -20.26 11.26 -18.56
C ILE C 57 -20.39 11.05 -20.08
N ALA C 58 -20.79 9.84 -20.49
CA ALA C 58 -20.85 9.51 -21.91
C ALA C 58 -21.96 10.31 -22.58
N GLY C 59 -23.15 10.30 -21.98
CA GLY C 59 -24.28 10.96 -22.56
C GLY C 59 -24.05 12.46 -22.69
N TRP C 60 -23.40 13.01 -21.69
CA TRP C 60 -23.12 14.44 -21.65
C TRP C 60 -22.07 14.81 -22.69
N LEU C 61 -21.06 13.95 -22.86
CA LEU C 61 -20.04 14.19 -23.86
C LEU C 61 -20.61 14.02 -25.27
N LEU C 62 -21.30 12.91 -25.49
CA LEU C 62 -21.81 12.59 -26.82
C LEU C 62 -22.97 13.50 -27.23
N GLY C 63 -23.67 14.05 -26.25
CA GLY C 63 -24.82 14.90 -26.53
C GLY C 63 -26.09 14.08 -26.69
N ASN C 64 -26.26 13.11 -25.80
CA ASN C 64 -27.51 12.36 -25.71
C ASN C 64 -28.64 13.39 -25.70
N PRO C 65 -29.73 13.13 -26.46
CA PRO C 65 -30.84 14.09 -26.56
C PRO C 65 -31.52 14.43 -25.22
N GLU C 66 -31.17 13.73 -24.14
CA GLU C 66 -31.76 14.02 -22.84
C GLU C 66 -30.93 14.97 -21.99
N CYS C 67 -29.73 15.33 -22.47
CA CYS C 67 -28.84 16.20 -21.72
C CYS C 67 -28.80 17.59 -22.33
N ASP C 68 -29.98 18.15 -22.58
CA ASP C 68 -30.05 19.44 -23.25
C ASP C 68 -30.01 20.58 -22.23
N LEU C 69 -30.23 20.25 -20.97
CA LEU C 69 -30.17 21.26 -19.92
C LEU C 69 -28.76 21.43 -19.34
N LEU C 70 -28.10 20.35 -18.97
CA LEU C 70 -26.78 20.47 -18.37
C LEU C 70 -25.72 20.92 -19.36
N LEU C 71 -26.13 21.44 -20.52
CA LEU C 71 -25.18 22.08 -21.43
C LEU C 71 -24.60 23.33 -20.75
N THR C 72 -24.23 23.12 -19.48
CA THR C 72 -23.86 24.19 -18.58
C THR C 72 -22.67 23.74 -17.71
N ALA C 73 -21.50 24.27 -18.02
CA ALA C 73 -20.29 23.98 -17.26
C ALA C 73 -19.30 25.07 -17.59
N SER C 74 -18.23 25.21 -16.81
CA SER C 74 -17.19 26.18 -17.16
C SER C 74 -15.85 25.80 -16.56
N SER C 75 -15.95 25.10 -15.43
CA SER C 75 -14.80 24.66 -14.66
C SER C 75 -15.29 23.94 -13.41
N TRP C 76 -14.80 22.72 -13.17
CA TRP C 76 -15.26 21.96 -12.02
C TRP C 76 -14.12 21.25 -11.31
N SER C 77 -14.30 20.98 -10.02
CA SER C 77 -13.26 20.37 -9.20
C SER C 77 -13.40 18.85 -9.14
N TYR C 78 -14.60 18.37 -9.42
CA TYR C 78 -14.83 16.94 -9.53
C TYR C 78 -16.20 16.71 -10.12
N ILE C 79 -16.51 15.49 -10.52
CA ILE C 79 -17.80 15.21 -11.14
C ILE C 79 -18.70 14.44 -10.21
N VAL C 80 -20.00 14.74 -10.24
CA VAL C 80 -20.98 13.98 -9.49
C VAL C 80 -21.94 13.25 -10.42
N GLU C 81 -22.16 11.96 -10.17
CA GLU C 81 -23.20 11.17 -10.82
C GLU C 81 -24.19 10.71 -9.76
N THR C 82 -25.42 10.41 -10.18
CA THR C 82 -26.46 10.02 -9.24
C THR C 82 -27.06 8.67 -9.61
N SER C 83 -27.94 8.16 -8.76
CA SER C 83 -28.65 6.91 -9.02
C SER C 83 -29.45 7.04 -10.30
N ASN C 84 -29.86 8.26 -10.60
CA ASN C 84 -30.71 8.51 -11.74
C ASN C 84 -29.90 9.18 -12.84
N SER C 85 -28.87 8.46 -13.27
CA SER C 85 -27.92 8.95 -14.25
C SER C 85 -27.63 7.85 -15.28
N GLU C 86 -28.63 7.46 -16.06
CA GLU C 86 -28.49 6.35 -17.00
C GLU C 86 -28.49 6.73 -18.47
N ASN C 87 -28.80 7.98 -18.76
CA ASN C 87 -28.81 8.46 -20.13
C ASN C 87 -27.37 8.63 -20.61
N GLY C 88 -26.93 7.75 -21.49
CA GLY C 88 -25.56 7.82 -21.96
C GLY C 88 -25.45 7.40 -23.40
N THR C 89 -24.86 6.24 -23.62
CA THR C 89 -24.78 5.68 -24.95
C THR C 89 -26.13 5.06 -25.32
N CYS C 90 -26.92 5.79 -26.08
CA CYS C 90 -28.28 5.36 -26.40
C CYS C 90 -28.31 4.41 -27.60
N TYR C 91 -27.51 4.70 -28.62
CA TYR C 91 -27.29 3.73 -29.67
C TYR C 91 -26.26 2.76 -29.09
N PRO C 92 -26.60 1.46 -29.04
CA PRO C 92 -25.75 0.45 -28.42
C PRO C 92 -24.39 0.35 -29.14
N GLY C 93 -23.34 0.12 -28.36
CA GLY C 93 -21.98 0.10 -28.85
C GLY C 93 -20.99 0.28 -27.71
N ASP C 94 -19.70 0.23 -28.03
CA ASP C 94 -18.67 0.33 -27.01
C ASP C 94 -18.00 1.69 -27.06
N PHE C 95 -17.89 2.32 -25.90
CA PHE C 95 -17.15 3.56 -25.73
C PHE C 95 -15.71 3.20 -25.35
N ILE C 96 -14.76 3.44 -26.25
CA ILE C 96 -13.38 3.00 -26.05
C ILE C 96 -12.63 3.80 -24.97
N ASP C 97 -11.96 3.09 -24.06
CA ASP C 97 -11.17 3.73 -23.02
C ASP C 97 -12.01 4.73 -22.23
N TYR C 98 -13.22 4.32 -21.93
CA TYR C 98 -14.19 5.20 -21.28
C TYR C 98 -13.77 5.54 -19.86
N GLU C 99 -13.31 4.57 -19.08
CA GLU C 99 -12.95 4.84 -17.69
C GLU C 99 -11.78 5.79 -17.61
N GLU C 100 -10.90 5.71 -18.60
CA GLU C 100 -9.75 6.60 -18.68
C GLU C 100 -10.17 8.05 -18.93
N LEU C 101 -11.03 8.26 -19.93
CA LEU C 101 -11.56 9.57 -20.22
C LEU C 101 -12.26 10.13 -19.00
N ARG C 102 -13.07 9.31 -18.36
CA ARG C 102 -13.79 9.72 -17.17
C ARG C 102 -12.78 10.18 -16.13
N GLU C 103 -11.67 9.48 -16.06
CA GLU C 103 -10.62 9.81 -15.11
C GLU C 103 -9.96 11.15 -15.45
N GLN C 104 -9.69 11.35 -16.73
CA GLN C 104 -8.98 12.55 -17.20
C GLN C 104 -9.79 13.82 -16.99
N LEU C 105 -11.09 13.75 -17.27
CA LEU C 105 -11.98 14.89 -17.18
C LEU C 105 -12.48 15.19 -15.76
N SER C 106 -12.00 14.44 -14.76
CA SER C 106 -12.58 14.52 -13.42
C SER C 106 -12.39 15.91 -12.81
N SER C 107 -11.38 16.62 -13.25
CA SER C 107 -11.26 18.04 -12.90
C SER C 107 -10.73 18.78 -14.12
N VAL C 108 -11.18 20.02 -14.29
CA VAL C 108 -10.95 20.77 -15.51
C VAL C 108 -10.99 22.25 -15.17
N SER C 109 -10.21 23.07 -15.86
CA SER C 109 -10.31 24.51 -15.66
C SER C 109 -11.13 25.23 -16.74
N SER C 110 -10.52 25.54 -17.87
CA SER C 110 -11.24 26.29 -18.92
C SER C 110 -11.85 25.36 -19.94
N PHE C 111 -13.17 25.22 -19.91
CA PHE C 111 -13.87 24.20 -20.69
C PHE C 111 -14.90 24.77 -21.68
N GLU C 112 -14.57 24.78 -22.97
CA GLU C 112 -15.51 25.26 -23.97
C GLU C 112 -15.99 24.15 -24.90
N LYS C 113 -17.31 24.09 -25.07
CA LYS C 113 -17.90 23.27 -26.11
C LYS C 113 -17.95 24.13 -27.36
N PHE C 114 -17.47 23.63 -28.48
CA PHE C 114 -17.54 24.42 -29.71
C PHE C 114 -17.95 23.59 -30.95
N GLU C 115 -18.23 24.27 -32.06
CA GLU C 115 -18.65 23.60 -33.29
C GLU C 115 -17.46 23.35 -34.22
N ILE C 116 -16.86 22.17 -34.09
CA ILE C 116 -15.67 21.81 -34.86
C ILE C 116 -15.92 21.61 -36.36
N PHE C 117 -16.83 20.71 -36.70
CA PHE C 117 -17.25 20.52 -38.09
C PHE C 117 -18.74 20.87 -38.24
N PRO C 118 -19.03 22.12 -38.62
CA PRO C 118 -20.40 22.62 -38.77
C PRO C 118 -21.24 21.72 -39.67
N LYS C 119 -22.48 21.46 -39.25
CA LYS C 119 -23.36 20.49 -39.92
C LYS C 119 -23.73 20.88 -41.34
N THR C 120 -24.43 22.02 -41.49
CA THR C 120 -24.80 22.54 -42.80
C THR C 120 -23.68 23.42 -43.32
N SER C 121 -22.67 22.81 -43.90
CA SER C 121 -21.50 23.54 -44.37
C SER C 121 -20.32 22.60 -44.65
N SER C 122 -19.92 21.84 -43.63
CA SER C 122 -18.72 21.01 -43.72
C SER C 122 -18.87 19.81 -44.65
N TRP C 123 -20.08 19.27 -44.70
CA TRP C 123 -20.35 18.03 -45.43
C TRP C 123 -21.20 18.22 -46.69
N PRO C 124 -20.64 18.90 -47.70
CA PRO C 124 -21.32 18.85 -48.97
C PRO C 124 -20.94 17.52 -49.59
N ASN C 125 -21.65 17.09 -50.63
CA ASN C 125 -21.37 15.80 -51.26
C ASN C 125 -21.85 14.62 -50.40
N HIS C 126 -22.49 14.91 -49.27
CA HIS C 126 -22.98 13.86 -48.37
C HIS C 126 -24.30 14.26 -47.72
N GLU C 127 -24.99 13.28 -47.17
CA GLU C 127 -26.33 13.52 -46.64
C GLU C 127 -26.27 13.71 -45.13
N THR C 128 -26.47 14.95 -44.71
CA THR C 128 -26.33 15.29 -43.29
C THR C 128 -27.63 15.09 -42.51
N THR C 129 -28.77 15.28 -43.16
CA THR C 129 -30.04 14.94 -42.52
C THR C 129 -30.27 13.43 -42.54
N LYS C 130 -31.46 13.02 -42.13
CA LYS C 130 -31.81 11.59 -42.13
C LYS C 130 -30.87 10.70 -41.30
N GLY C 131 -29.87 11.33 -40.69
CA GLY C 131 -28.97 10.64 -39.79
C GLY C 131 -29.54 10.61 -38.38
N VAL C 132 -30.74 10.03 -38.24
CA VAL C 132 -31.39 9.91 -36.94
C VAL C 132 -31.91 8.50 -36.69
N THR C 133 -32.32 8.24 -35.45
CA THR C 133 -32.67 6.89 -35.05
C THR C 133 -33.64 6.86 -33.85
N ALA C 134 -34.51 5.86 -33.84
CA ALA C 134 -35.49 5.71 -32.78
C ALA C 134 -34.81 5.40 -31.45
N ALA C 135 -33.58 4.91 -31.51
CA ALA C 135 -32.84 4.54 -30.31
C ALA C 135 -32.51 5.80 -29.52
N CYS C 136 -32.04 6.81 -30.24
CA CYS C 136 -31.76 8.11 -29.64
C CYS C 136 -32.88 9.09 -29.88
N SER C 137 -34.04 8.79 -29.32
CA SER C 137 -35.29 9.49 -29.63
C SER C 137 -35.54 10.68 -28.73
N TYR C 138 -36.01 11.76 -29.33
CA TYR C 138 -36.31 12.97 -28.59
C TYR C 138 -37.78 13.38 -28.71
N ALA C 139 -38.42 13.66 -27.58
CA ALA C 139 -39.83 14.06 -27.58
C ALA C 139 -40.66 13.11 -28.43
N GLY C 140 -40.39 11.81 -28.28
CA GLY C 140 -41.07 10.77 -29.04
C GLY C 140 -40.43 10.49 -30.38
N ALA C 141 -40.00 11.55 -31.07
CA ALA C 141 -39.49 11.43 -32.44
C ALA C 141 -38.09 10.88 -32.45
N SER C 142 -37.71 10.27 -33.55
CA SER C 142 -36.35 9.79 -33.68
C SER C 142 -35.44 10.98 -33.85
N SER C 143 -34.33 10.98 -33.12
CA SER C 143 -33.32 12.02 -33.22
C SER C 143 -31.93 11.41 -33.10
N PHE C 144 -30.93 12.23 -32.80
CA PHE C 144 -29.58 11.71 -32.68
C PHE C 144 -28.79 12.48 -31.63
N TYR C 145 -27.52 12.14 -31.49
CA TYR C 145 -26.64 12.85 -30.57
C TYR C 145 -26.45 14.28 -31.08
N ARG C 146 -26.37 15.23 -30.14
CA ARG C 146 -26.25 16.63 -30.49
C ARG C 146 -24.84 17.00 -30.92
N ASN C 147 -23.84 16.24 -30.47
CA ASN C 147 -22.43 16.53 -30.75
C ASN C 147 -21.81 15.72 -31.88
N LEU C 148 -22.55 14.73 -32.37
CA LEU C 148 -22.09 13.85 -33.44
C LEU C 148 -23.06 13.90 -34.64
N LEU C 149 -22.53 13.73 -35.86
CA LEU C 149 -23.36 13.79 -37.05
C LEU C 149 -23.32 12.47 -37.80
N TRP C 150 -24.48 11.84 -37.96
CA TRP C 150 -24.57 10.58 -38.69
C TRP C 150 -24.60 10.77 -40.21
N LEU C 151 -23.42 10.90 -40.83
CA LEU C 151 -23.29 11.02 -42.29
C LEU C 151 -23.70 9.76 -43.04
N THR C 152 -24.72 9.90 -43.89
CA THR C 152 -25.18 8.83 -44.74
C THR C 152 -24.91 9.16 -46.21
N LYS C 153 -25.22 8.22 -47.10
CA LYS C 153 -24.92 8.40 -48.52
C LYS C 153 -25.90 9.37 -49.17
N LYS C 154 -25.43 10.02 -50.23
CA LYS C 154 -26.21 11.03 -50.94
C LYS C 154 -26.50 10.54 -52.34
N GLY C 155 -27.74 10.15 -52.59
CA GLY C 155 -28.14 9.61 -53.88
C GLY C 155 -27.22 8.50 -54.37
N SER C 156 -27.20 7.39 -53.62
CA SER C 156 -26.35 6.24 -53.94
C SER C 156 -24.92 6.63 -54.31
N SER C 157 -24.26 7.40 -53.44
CA SER C 157 -22.91 7.88 -53.71
C SER C 157 -22.24 8.48 -52.46
N TYR C 158 -21.24 7.76 -51.93
CA TYR C 158 -20.46 8.21 -50.77
C TYR C 158 -18.98 8.40 -51.15
N PRO C 159 -18.64 9.61 -51.65
CA PRO C 159 -17.27 9.99 -52.03
C PRO C 159 -16.32 10.17 -50.85
N LYS C 160 -15.20 9.46 -50.89
CA LYS C 160 -14.18 9.56 -49.86
C LYS C 160 -14.08 10.97 -49.30
N LEU C 161 -14.39 11.15 -48.02
CA LEU C 161 -14.33 12.46 -47.37
C LEU C 161 -12.99 12.70 -46.65
N SER C 162 -12.52 13.95 -46.70
CA SER C 162 -11.23 14.31 -46.12
C SER C 162 -11.32 15.67 -45.41
N LYS C 163 -11.94 15.67 -44.23
CA LYS C 163 -12.10 16.88 -43.44
C LYS C 163 -11.06 16.95 -42.33
N SER C 164 -10.45 18.12 -42.16
CA SER C 164 -9.37 18.28 -41.18
C SER C 164 -9.56 19.51 -40.28
N TYR C 165 -9.06 19.45 -39.07
CA TYR C 165 -9.19 20.57 -38.14
C TYR C 165 -7.85 20.91 -37.50
N VAL C 166 -7.57 22.20 -37.39
CA VAL C 166 -6.35 22.65 -36.74
C VAL C 166 -6.70 23.27 -35.38
N ASN C 167 -5.89 22.98 -34.37
CA ASN C 167 -6.16 23.42 -33.00
C ASN C 167 -5.55 24.79 -32.67
N ASN C 168 -6.32 25.84 -32.91
CA ASN C 168 -5.85 27.19 -32.63
C ASN C 168 -6.43 27.70 -31.32
N LYS C 169 -6.75 26.78 -30.42
CA LYS C 169 -7.38 27.14 -29.16
C LYS C 169 -6.35 27.48 -28.07
N GLY C 170 -5.12 27.03 -28.26
CA GLY C 170 -4.11 27.23 -27.25
C GLY C 170 -4.40 26.41 -26.00
N LYS C 171 -5.14 25.32 -26.19
CA LYS C 171 -5.43 24.35 -25.14
C LYS C 171 -5.78 23.02 -25.80
N GLU C 172 -5.92 21.96 -25.02
CA GLU C 172 -6.27 20.67 -25.61
C GLU C 172 -7.68 20.70 -26.17
N VAL C 173 -7.90 19.94 -27.24
CA VAL C 173 -9.24 19.77 -27.80
C VAL C 173 -9.65 18.30 -27.77
N LEU C 174 -10.69 18.01 -26.98
CA LEU C 174 -11.24 16.66 -26.91
C LEU C 174 -12.15 16.41 -28.10
N VAL C 175 -11.78 15.49 -28.96
CA VAL C 175 -12.59 15.19 -30.12
C VAL C 175 -13.15 13.79 -30.03
N LEU C 176 -14.48 13.67 -30.07
CA LEU C 176 -15.12 12.35 -30.14
C LEU C 176 -15.72 12.11 -31.51
N TRP C 177 -15.81 10.84 -31.87
CA TRP C 177 -16.54 10.40 -33.05
C TRP C 177 -16.89 8.93 -32.88
N GLY C 178 -17.68 8.42 -33.81
CA GLY C 178 -18.07 7.03 -33.73
C GLY C 178 -17.92 6.32 -35.05
N VAL C 179 -17.93 5.00 -35.01
CA VAL C 179 -17.96 4.23 -36.23
C VAL C 179 -19.16 3.31 -36.13
N HIS C 180 -19.95 3.29 -37.20
CA HIS C 180 -21.18 2.49 -37.24
C HIS C 180 -20.90 1.14 -37.89
N HIS C 181 -21.29 0.09 -37.19
CA HIS C 181 -21.20 -1.27 -37.72
C HIS C 181 -22.60 -1.81 -37.94
N PRO C 182 -23.09 -1.72 -39.17
CA PRO C 182 -24.41 -2.22 -39.59
C PRO C 182 -24.59 -3.72 -39.29
N PRO C 183 -25.84 -4.20 -39.28
CA PRO C 183 -26.11 -5.56 -38.80
C PRO C 183 -25.85 -6.57 -39.92
N THR C 184 -26.08 -6.12 -41.15
CA THR C 184 -25.96 -6.99 -42.33
C THR C 184 -25.44 -6.20 -43.53
N GLY C 185 -24.78 -6.89 -44.47
CA GLY C 185 -24.27 -6.26 -45.67
C GLY C 185 -25.34 -5.53 -46.48
N THR C 186 -26.60 -5.86 -46.23
CA THR C 186 -27.72 -5.24 -46.93
C THR C 186 -27.91 -3.78 -46.54
N ASP C 187 -27.79 -3.49 -45.23
CA ASP C 187 -27.89 -2.12 -44.70
C ASP C 187 -26.65 -1.30 -45.01
N GLN C 188 -25.49 -1.95 -45.03
CA GLN C 188 -24.24 -1.29 -45.37
C GLN C 188 -24.35 -0.55 -46.70
N GLN C 189 -25.22 -1.04 -47.59
CA GLN C 189 -25.36 -0.44 -48.91
C GLN C 189 -26.39 0.68 -48.95
N SER C 190 -27.56 0.41 -48.37
CA SER C 190 -28.61 1.42 -48.30
C SER C 190 -28.20 2.62 -47.44
N LEU C 191 -27.15 2.45 -46.66
CA LEU C 191 -26.64 3.49 -45.77
C LEU C 191 -25.41 4.21 -46.33
N TYR C 192 -24.37 3.46 -46.67
CA TYR C 192 -23.10 4.06 -47.04
C TYR C 192 -22.63 3.66 -48.43
N GLN C 193 -23.49 3.00 -49.19
CA GLN C 193 -23.16 2.59 -50.56
C GLN C 193 -21.92 1.72 -50.67
N ASN C 194 -20.75 2.35 -50.63
CA ASN C 194 -19.48 1.62 -50.77
C ASN C 194 -19.42 0.39 -49.86
N ALA C 195 -19.50 -0.78 -50.48
CA ALA C 195 -19.55 -2.05 -49.76
C ALA C 195 -18.34 -2.27 -48.87
N ASP C 196 -17.20 -1.72 -49.28
CA ASP C 196 -15.95 -1.90 -48.55
C ASP C 196 -15.40 -0.56 -48.10
N ALA C 197 -15.97 -0.05 -47.01
CA ALA C 197 -15.63 1.27 -46.49
C ALA C 197 -14.58 1.21 -45.38
N TYR C 198 -14.09 2.37 -45.00
CA TYR C 198 -13.16 2.47 -43.89
C TYR C 198 -13.21 3.88 -43.35
N VAL C 199 -12.97 4.02 -42.06
CA VAL C 199 -12.81 5.34 -41.47
C VAL C 199 -11.39 5.44 -40.97
N SER C 200 -10.73 6.57 -41.23
CA SER C 200 -9.37 6.75 -40.79
C SER C 200 -9.15 8.09 -40.10
N VAL C 201 -8.62 8.03 -38.88
CA VAL C 201 -8.36 9.25 -38.13
C VAL C 201 -6.87 9.38 -37.90
N GLY C 202 -6.31 10.54 -38.20
CA GLY C 202 -4.89 10.75 -38.05
C GLY C 202 -4.51 12.12 -37.53
N SER C 203 -3.61 12.12 -36.54
CA SER C 203 -2.99 13.34 -36.05
C SER C 203 -1.52 13.06 -35.85
N SER C 204 -0.86 13.88 -35.05
CA SER C 204 0.56 13.67 -34.77
C SER C 204 0.79 12.42 -33.94
N LYS C 205 0.03 12.26 -32.86
CA LYS C 205 0.22 11.12 -31.98
C LYS C 205 -0.93 10.10 -32.06
N TYR C 206 -1.77 10.21 -33.08
CA TYR C 206 -2.92 9.32 -33.21
C TYR C 206 -3.09 8.81 -34.65
N ASN C 207 -2.84 7.52 -34.85
CA ASN C 207 -3.13 6.90 -36.13
C ASN C 207 -3.80 5.55 -35.98
N ARG C 208 -5.13 5.53 -36.03
CA ARG C 208 -5.88 4.28 -36.01
C ARG C 208 -6.76 4.22 -37.23
N ARG C 209 -7.00 3.01 -37.73
CA ARG C 209 -7.96 2.81 -38.80
C ARG C 209 -9.06 1.89 -38.31
N PHE C 210 -10.28 2.13 -38.75
CA PHE C 210 -11.43 1.35 -38.32
C PHE C 210 -12.09 0.74 -39.54
N THR C 211 -12.71 -0.42 -39.34
CA THR C 211 -13.35 -1.11 -40.44
C THR C 211 -14.64 -1.77 -40.00
N PRO C 212 -15.68 -1.66 -40.83
CA PRO C 212 -17.04 -2.16 -40.65
C PRO C 212 -17.10 -3.62 -40.23
N GLU C 213 -17.49 -3.88 -38.98
CA GLU C 213 -17.63 -5.23 -38.49
C GLU C 213 -19.06 -5.72 -38.61
N ILE C 214 -19.47 -6.04 -39.84
CA ILE C 214 -20.83 -6.49 -40.15
C ILE C 214 -21.15 -7.90 -39.64
N ALA C 215 -22.22 -8.04 -38.86
CA ALA C 215 -22.56 -9.32 -38.24
C ALA C 215 -23.97 -9.33 -37.70
N ALA C 216 -24.46 -10.53 -37.37
CA ALA C 216 -25.76 -10.66 -36.75
C ALA C 216 -25.63 -10.64 -35.22
N ARG C 217 -26.38 -9.75 -34.59
CA ARG C 217 -26.39 -9.63 -33.14
C ARG C 217 -27.76 -9.31 -32.59
N PRO C 218 -27.97 -9.59 -31.29
CA PRO C 218 -29.24 -9.32 -30.63
C PRO C 218 -29.54 -7.85 -30.74
N LYS C 219 -30.81 -7.48 -30.60
CA LYS C 219 -31.17 -6.09 -30.65
C LYS C 219 -31.09 -5.49 -29.26
N VAL C 220 -30.29 -4.43 -29.16
CA VAL C 220 -30.23 -3.61 -27.95
C VAL C 220 -30.92 -2.28 -28.25
N ARG C 221 -31.92 -1.94 -27.45
CA ARG C 221 -32.80 -0.80 -27.74
C ARG C 221 -33.35 -0.92 -29.16
N ASP C 222 -33.76 -2.12 -29.52
CA ASP C 222 -34.31 -2.39 -30.84
C ASP C 222 -33.35 -1.90 -31.92
N GLN C 223 -32.11 -2.37 -31.85
CA GLN C 223 -31.08 -2.03 -32.82
C GLN C 223 -30.14 -3.22 -32.95
N ALA C 224 -29.92 -3.67 -34.17
CA ALA C 224 -29.03 -4.78 -34.39
C ALA C 224 -27.64 -4.27 -34.76
N GLY C 225 -27.57 -3.02 -35.19
CA GLY C 225 -26.29 -2.43 -35.49
C GLY C 225 -25.64 -1.98 -34.20
N ARG C 226 -24.39 -1.55 -34.29
CA ARG C 226 -23.66 -1.08 -33.13
C ARG C 226 -22.84 0.12 -33.52
N MET C 227 -22.50 0.94 -32.54
CA MET C 227 -21.76 2.14 -32.81
C MET C 227 -20.69 2.28 -31.75
N ASN C 228 -19.42 2.19 -32.19
CA ASN C 228 -18.30 2.37 -31.27
C ASN C 228 -17.84 3.81 -31.27
N TYR C 229 -17.69 4.38 -30.08
CA TYR C 229 -17.27 5.77 -29.90
C TYR C 229 -15.79 5.87 -29.54
N TYR C 230 -15.10 6.83 -30.14
CA TYR C 230 -13.68 6.97 -29.90
C TYR C 230 -13.36 8.42 -29.62
N TRP C 231 -12.39 8.66 -28.76
CA TRP C 231 -12.00 10.03 -28.44
C TRP C 231 -10.51 10.18 -28.60
N THR C 232 -10.03 11.41 -28.46
CA THR C 232 -8.61 11.70 -28.50
C THR C 232 -8.38 13.14 -28.01
N LEU C 233 -7.23 13.39 -27.41
CA LEU C 233 -6.91 14.75 -27.05
C LEU C 233 -5.93 15.34 -28.06
N LEU C 234 -6.40 16.36 -28.78
CA LEU C 234 -5.57 17.05 -29.76
C LEU C 234 -4.77 18.15 -29.08
N GLU C 235 -3.45 18.18 -29.30
CA GLU C 235 -2.61 19.17 -28.63
C GLU C 235 -2.62 20.49 -29.37
N PRO C 236 -2.46 21.60 -28.63
CA PRO C 236 -2.44 22.92 -29.28
C PRO C 236 -1.47 22.96 -30.45
N GLY C 237 -1.96 23.36 -31.62
CA GLY C 237 -1.15 23.42 -32.82
C GLY C 237 -1.29 22.21 -33.72
N ASP C 238 -1.80 21.12 -33.18
CA ASP C 238 -1.93 19.88 -33.95
C ASP C 238 -3.07 19.89 -34.97
N THR C 239 -3.08 18.90 -35.85
CA THR C 239 -4.13 18.74 -36.83
C THR C 239 -4.68 17.33 -36.75
N ILE C 240 -5.99 17.20 -36.71
CA ILE C 240 -6.62 15.90 -36.80
C ILE C 240 -7.34 15.78 -38.15
N THR C 241 -7.19 14.63 -38.82
CA THR C 241 -7.76 14.48 -40.17
C THR C 241 -8.64 13.26 -40.35
N PHE C 242 -9.93 13.50 -40.55
CA PHE C 242 -10.88 12.42 -40.76
C PHE C 242 -11.00 12.08 -42.25
N GLU C 243 -10.77 10.81 -42.57
CA GLU C 243 -10.87 10.35 -43.94
C GLU C 243 -11.70 9.08 -43.96
N ALA C 244 -12.84 9.13 -44.61
CA ALA C 244 -13.76 8.00 -44.56
C ALA C 244 -14.58 7.81 -45.84
N THR C 245 -15.02 6.57 -46.05
CA THR C 245 -15.84 6.22 -47.21
C THR C 245 -17.17 5.60 -46.77
N GLY C 246 -17.52 5.80 -45.51
CA GLY C 246 -18.73 5.24 -44.94
C GLY C 246 -18.54 4.90 -43.47
N ASN C 247 -19.65 4.69 -42.77
CA ASN C 247 -19.62 4.26 -41.37
C ASN C 247 -19.11 5.31 -40.38
N LEU C 248 -18.91 6.53 -40.86
CA LEU C 248 -18.37 7.59 -40.01
C LEU C 248 -19.49 8.33 -39.31
N ILE C 249 -19.41 8.35 -37.99
CA ILE C 249 -20.28 9.17 -37.18
C ILE C 249 -19.41 10.36 -36.80
N ALA C 250 -19.32 11.33 -37.72
CA ALA C 250 -18.36 12.41 -37.63
C ALA C 250 -18.58 13.34 -36.44
N PRO C 251 -17.52 14.05 -36.02
CA PRO C 251 -17.67 15.11 -35.02
C PRO C 251 -18.52 16.24 -35.58
N TRP C 252 -19.32 16.84 -34.72
CA TRP C 252 -20.04 18.04 -35.06
C TRP C 252 -19.67 19.10 -34.02
N TYR C 253 -19.63 18.68 -32.76
CA TYR C 253 -19.11 19.50 -31.68
C TYR C 253 -17.91 18.82 -31.01
N ALA C 254 -16.95 19.64 -30.59
CA ALA C 254 -15.79 19.20 -29.84
C ALA C 254 -15.65 20.04 -28.56
N PHE C 255 -14.67 19.70 -27.72
CA PHE C 255 -14.46 20.43 -26.47
C PHE C 255 -13.04 20.96 -26.36
N ALA C 256 -12.89 22.13 -25.72
CA ALA C 256 -11.59 22.70 -25.45
C ALA C 256 -11.28 22.66 -23.96
N LEU C 257 -10.04 22.35 -23.63
CA LEU C 257 -9.74 21.84 -22.30
C LEU C 257 -8.46 22.38 -21.69
N ASN C 258 -8.49 22.54 -20.37
CA ASN C 258 -7.28 22.52 -19.57
C ASN C 258 -7.54 21.49 -18.48
N ARG C 259 -6.91 20.32 -18.64
CA ARG C 259 -7.15 19.23 -17.71
C ARG C 259 -6.71 19.59 -16.31
N GLY C 260 -7.35 18.98 -15.33
CA GLY C 260 -7.01 19.24 -13.94
C GLY C 260 -5.92 18.32 -13.43
N SER C 261 -5.37 18.66 -12.29
CA SER C 261 -4.28 17.92 -11.65
C SER C 261 -4.63 16.45 -11.48
N GLY C 262 -5.64 16.15 -10.68
CA GLY C 262 -6.02 14.77 -10.44
C GLY C 262 -7.13 14.60 -9.43
N SER C 263 -8.37 14.61 -9.90
CA SER C 263 -9.50 14.43 -9.02
C SER C 263 -10.13 13.06 -9.26
N GLY C 264 -11.46 13.01 -9.17
CA GLY C 264 -12.17 11.77 -9.35
C GLY C 264 -13.65 12.04 -9.40
N ILE C 265 -14.42 10.97 -9.55
CA ILE C 265 -15.87 11.07 -9.65
C ILE C 265 -16.49 10.54 -8.38
N ILE C 266 -17.53 11.20 -7.89
CA ILE C 266 -18.24 10.62 -6.76
C ILE C 266 -19.72 10.41 -7.07
N THR C 267 -20.21 9.23 -6.73
CA THR C 267 -21.58 8.87 -7.04
C THR C 267 -22.47 8.94 -5.80
N SER C 268 -23.31 9.96 -5.73
CA SER C 268 -24.12 10.19 -4.55
C SER C 268 -25.42 10.89 -4.88
N ASP C 269 -26.43 10.73 -4.02
CA ASP C 269 -27.70 11.40 -4.23
C ASP C 269 -27.83 12.63 -3.36
N ALA C 270 -26.79 12.93 -2.60
CA ALA C 270 -26.79 14.07 -1.70
C ALA C 270 -26.80 15.35 -2.50
N PRO C 271 -27.47 16.36 -1.97
CA PRO C 271 -27.66 17.64 -2.65
C PRO C 271 -26.37 18.47 -2.68
N VAL C 272 -26.03 19.01 -3.86
CA VAL C 272 -24.93 19.98 -3.93
C VAL C 272 -25.30 21.32 -3.27
N HIS C 273 -24.35 21.89 -2.53
CA HIS C 273 -24.56 23.22 -1.96
C HIS C 273 -23.39 24.15 -2.21
N ASP C 274 -23.57 25.40 -1.79
CA ASP C 274 -22.63 26.48 -2.08
C ASP C 274 -21.52 26.51 -1.03
N CYS C 275 -21.48 25.49 -0.17
CA CYS C 275 -20.53 25.42 0.93
C CYS C 275 -19.14 24.92 0.50
N ASN C 276 -18.16 25.11 1.39
CA ASN C 276 -16.78 24.74 1.11
C ASN C 276 -16.29 23.61 2.00
N THR C 277 -15.27 22.90 1.54
CA THR C 277 -14.75 21.73 2.25
C THR C 277 -13.40 21.28 1.68
N LYS C 278 -12.57 20.70 2.54
CA LYS C 278 -11.29 20.17 2.08
C LYS C 278 -11.37 18.66 1.87
N CYS C 279 -12.38 18.04 2.46
CA CYS C 279 -12.58 16.60 2.33
C CYS C 279 -14.01 16.27 1.97
N GLN C 280 -14.19 15.56 0.86
CA GLN C 280 -15.52 15.20 0.33
C GLN C 280 -15.74 13.69 0.32
N THR C 281 -16.82 13.22 0.95
CA THR C 281 -17.16 11.80 0.88
C THR C 281 -18.48 11.66 0.14
N PRO C 282 -18.85 10.43 -0.25
CA PRO C 282 -20.09 10.20 -0.98
C PRO C 282 -21.35 10.64 -0.19
N HIS C 283 -21.35 10.49 1.13
CA HIS C 283 -22.53 10.83 1.90
C HIS C 283 -22.60 12.30 2.25
N GLY C 284 -21.44 12.94 2.33
CA GLY C 284 -21.39 14.35 2.66
C GLY C 284 -19.97 14.82 2.88
N ALA C 285 -19.80 16.14 2.96
CA ALA C 285 -18.50 16.74 3.22
C ALA C 285 -18.10 16.48 4.66
N ILE C 286 -16.79 16.47 4.90
CA ILE C 286 -16.25 16.19 6.21
C ILE C 286 -15.39 17.37 6.62
N ASN C 287 -15.91 18.18 7.53
CA ASN C 287 -15.17 19.32 8.07
C ASN C 287 -14.06 18.72 8.88
N SER C 288 -12.90 18.55 8.26
CA SER C 288 -11.85 17.78 8.94
C SER C 288 -10.36 18.16 8.95
N SER C 289 -9.91 18.18 10.21
CA SER C 289 -8.65 18.67 10.70
C SER C 289 -8.12 17.61 11.67
N LEU C 290 -9.03 16.77 12.16
CA LEU C 290 -8.65 15.63 12.98
C LEU C 290 -7.94 14.61 12.09
N PRO C 291 -7.03 13.81 12.66
CA PRO C 291 -6.25 12.81 11.91
C PRO C 291 -7.04 11.60 11.36
N PHE C 292 -8.17 11.24 11.94
CA PHE C 292 -8.90 10.05 11.47
C PHE C 292 -10.37 10.31 11.29
N GLN C 293 -10.97 9.63 10.32
CA GLN C 293 -12.43 9.65 10.13
C GLN C 293 -12.94 8.24 9.90
N ASN C 294 -14.17 7.95 10.31
CA ASN C 294 -14.74 6.62 10.05
C ASN C 294 -16.00 6.69 9.21
N ILE C 295 -16.08 7.67 8.31
CA ILE C 295 -17.28 7.96 7.52
C ILE C 295 -17.30 7.27 6.16
N HIS C 296 -16.16 7.22 5.49
CA HIS C 296 -16.06 6.57 4.20
C HIS C 296 -14.63 6.45 3.70
N PRO C 297 -14.23 5.24 3.26
CA PRO C 297 -12.91 4.95 2.67
C PRO C 297 -12.66 5.68 1.36
N VAL C 298 -13.64 5.73 0.46
CA VAL C 298 -13.53 6.51 -0.76
C VAL C 298 -13.77 7.97 -0.46
N THR C 299 -13.02 8.85 -1.08
CA THR C 299 -12.94 10.22 -0.60
C THR C 299 -12.33 11.08 -1.70
N ILE C 300 -12.49 12.40 -1.64
CA ILE C 300 -11.70 13.29 -2.51
C ILE C 300 -11.25 14.52 -1.75
N GLY C 301 -9.95 14.77 -1.72
CA GLY C 301 -9.42 15.93 -1.06
C GLY C 301 -8.45 15.61 0.06
N GLU C 302 -8.15 16.61 0.86
CA GLU C 302 -7.21 16.46 1.95
C GLU C 302 -7.99 15.88 3.12
N CYS C 303 -7.97 14.56 3.21
CA CYS C 303 -8.86 13.85 4.10
C CYS C 303 -8.15 13.11 5.22
N PRO C 304 -8.75 13.12 6.42
CA PRO C 304 -8.25 12.28 7.52
C PRO C 304 -8.12 10.82 7.08
N LYS C 305 -7.27 10.04 7.73
CA LYS C 305 -7.11 8.63 7.38
C LYS C 305 -8.36 7.82 7.72
N TYR C 306 -8.91 7.12 6.75
CA TYR C 306 -10.08 6.33 7.06
C TYR C 306 -9.72 5.19 8.01
N VAL C 307 -10.61 4.93 8.97
CA VAL C 307 -10.35 3.99 10.05
C VAL C 307 -11.62 3.21 10.39
N ARG C 308 -11.50 2.01 10.95
CA ARG C 308 -12.71 1.28 11.30
C ARG C 308 -13.12 1.42 12.76
N SER C 309 -12.52 2.37 13.45
CA SER C 309 -12.81 2.56 14.86
C SER C 309 -14.15 3.23 15.07
N THR C 310 -14.66 3.13 16.29
CA THR C 310 -15.90 3.77 16.65
C THR C 310 -15.58 4.96 17.54
N LYS C 311 -14.52 4.81 18.31
CA LYS C 311 -14.17 5.74 19.37
C LYS C 311 -12.65 5.90 19.42
N LEU C 312 -12.17 7.12 19.19
CA LEU C 312 -10.75 7.44 19.37
C LEU C 312 -10.59 8.66 20.27
N ARG C 313 -11.03 8.52 21.52
CA ARG C 313 -11.05 9.60 22.47
C ARG C 313 -9.78 9.55 23.28
N MET C 314 -9.06 10.67 23.27
CA MET C 314 -7.75 10.80 23.88
C MET C 314 -7.83 11.64 25.16
N ALA C 315 -7.45 11.04 26.29
CA ALA C 315 -7.47 11.71 27.58
C ALA C 315 -6.48 12.89 27.62
N THR C 316 -6.94 14.01 28.17
CA THR C 316 -6.09 15.16 28.39
C THR C 316 -6.05 15.45 29.88
N GLY C 317 -7.21 15.29 30.53
CA GLY C 317 -7.31 15.45 31.97
C GLY C 317 -6.85 14.21 32.71
N LEU C 318 -7.11 14.17 34.03
CA LEU C 318 -6.75 13.02 34.83
C LEU C 318 -7.95 12.12 35.14
N ARG C 319 -7.68 10.97 35.76
CA ARG C 319 -8.74 10.08 36.19
C ARG C 319 -9.69 10.87 37.06
N ASN C 320 -10.96 10.94 36.67
CA ASN C 320 -11.95 11.72 37.41
C ASN C 320 -12.62 10.98 38.57
N ILE C 321 -12.25 11.33 39.80
CA ILE C 321 -12.76 10.64 40.98
C ILE C 321 -13.47 11.59 41.96
N PRO C 322 -14.69 12.06 41.61
CA PRO C 322 -15.42 13.01 42.46
C PRO C 322 -15.79 12.45 43.83
N SER C 323 -15.83 11.12 43.99
CA SER C 323 -16.17 10.50 45.27
C SER C 323 -17.10 11.41 46.06
N ARG C 324 -18.28 11.67 45.48
CA ARG C 324 -19.22 12.66 46.01
C ARG C 324 -20.01 12.17 47.24
N GLN C 325 -20.82 12.92 47.83
N GLY D 1 -2.38 4.57 40.36
CA GLY D 1 -1.74 4.38 39.07
C GLY D 1 -0.29 3.96 39.24
N LEU D 2 0.48 4.09 38.16
CA LEU D 2 1.87 3.72 38.15
C LEU D 2 2.69 4.36 39.27
N PHE D 3 2.25 5.53 39.75
CA PHE D 3 2.94 6.24 40.82
C PHE D 3 2.14 6.21 42.13
N GLY D 4 1.00 5.51 42.11
CA GLY D 4 0.22 5.21 43.30
C GLY D 4 -0.29 6.37 44.13
N ALA D 5 -0.49 7.52 43.49
CA ALA D 5 -0.96 8.73 44.16
C ALA D 5 -2.44 8.95 43.90
N ILE D 6 -2.78 9.18 42.62
CA ILE D 6 -4.15 9.37 42.20
C ILE D 6 -4.90 8.05 42.32
N ALA D 7 -6.05 8.08 43.00
CA ALA D 7 -6.79 6.87 43.31
C ALA D 7 -5.89 5.92 44.07
N GLY D 8 -4.90 6.48 44.76
CA GLY D 8 -3.92 5.70 45.48
C GLY D 8 -3.90 6.07 46.94
N PHE D 9 -2.82 6.70 47.39
CA PHE D 9 -2.76 7.12 48.78
C PHE D 9 -3.56 8.39 48.96
N ILE D 10 -3.79 9.10 47.87
CA ILE D 10 -4.76 10.18 47.84
C ILE D 10 -6.00 9.63 47.12
N GLU D 11 -6.97 9.16 47.90
CA GLU D 11 -8.05 8.32 47.39
C GLU D 11 -8.96 8.96 46.37
N GLY D 12 -9.24 10.24 46.56
CA GLY D 12 -10.21 10.90 45.71
C GLY D 12 -9.80 12.25 45.22
N GLY D 13 -10.64 12.82 44.36
CA GLY D 13 -10.39 14.14 43.82
C GLY D 13 -11.26 15.20 44.46
N TRP D 14 -11.02 16.44 44.06
CA TRP D 14 -11.74 17.58 44.61
C TRP D 14 -12.57 18.29 43.54
N THR D 15 -13.88 18.19 43.62
CA THR D 15 -14.68 19.01 42.74
C THR D 15 -14.54 20.47 43.18
N GLY D 16 -14.20 20.68 44.46
CA GLY D 16 -13.97 21.99 45.00
C GLY D 16 -12.87 22.79 44.33
N MET D 17 -11.74 22.13 44.08
CA MET D 17 -10.63 22.82 43.43
C MET D 17 -10.89 22.97 41.95
N ILE D 18 -11.05 24.21 41.49
CA ILE D 18 -11.45 24.43 40.11
C ILE D 18 -10.55 25.38 39.31
N ASP D 19 -9.48 25.87 39.92
CA ASP D 19 -8.57 26.75 39.19
C ASP D 19 -7.46 25.97 38.47
N GLY D 20 -7.33 24.69 38.78
CA GLY D 20 -6.33 23.85 38.14
C GLY D 20 -6.44 22.35 38.40
N TRP D 21 -5.44 21.60 37.95
CA TRP D 21 -5.43 20.14 38.06
C TRP D 21 -4.91 19.59 39.39
N TYR D 22 -3.88 20.23 39.92
CA TYR D 22 -3.28 19.80 41.18
C TYR D 22 -3.29 21.00 42.11
N GLY D 23 -3.26 20.76 43.41
CA GLY D 23 -3.29 21.88 44.34
C GLY D 23 -3.38 21.49 45.79
N TYR D 24 -3.71 22.46 46.64
CA TYR D 24 -3.66 22.29 48.07
C TYR D 24 -5.00 22.57 48.68
N HIS D 25 -5.36 21.86 49.73
CA HIS D 25 -6.54 22.25 50.47
C HIS D 25 -6.09 23.28 51.48
N HIS D 26 -5.88 22.86 52.72
CA HIS D 26 -5.47 23.77 53.81
C HIS D 26 -6.63 24.20 54.69
N GLN D 27 -6.42 24.04 55.99
CA GLN D 27 -7.40 24.43 56.99
C GLN D 27 -6.68 25.16 58.07
N ASN D 28 -7.01 26.43 58.17
CA ASN D 28 -6.31 27.37 59.01
C ASN D 28 -7.28 27.83 60.06
N GLU D 29 -6.78 28.59 61.02
CA GLU D 29 -7.63 29.21 62.00
C GLU D 29 -8.51 30.32 61.39
N GLN D 30 -8.12 30.78 60.20
CA GLN D 30 -8.86 31.82 59.48
C GLN D 30 -9.66 31.24 58.31
N GLY D 31 -9.93 29.93 58.36
CA GLY D 31 -10.75 29.29 57.35
C GLY D 31 -10.11 28.17 56.51
N SER D 32 -10.95 27.31 55.93
CA SER D 32 -10.53 26.31 54.97
C SER D 32 -10.47 26.93 53.58
N GLY D 33 -9.95 26.20 52.60
CA GLY D 33 -9.86 26.71 51.23
C GLY D 33 -9.10 25.86 50.21
N TYR D 34 -9.46 25.96 48.93
CA TYR D 34 -8.73 25.28 47.87
C TYR D 34 -7.94 26.26 47.05
N ALA D 35 -6.74 25.86 46.63
CA ALA D 35 -5.93 26.67 45.74
C ALA D 35 -5.20 25.75 44.79
N ALA D 36 -5.17 26.12 43.52
CA ALA D 36 -4.47 25.31 42.55
C ALA D 36 -2.99 25.69 42.58
N ASP D 37 -2.13 24.70 42.36
CA ASP D 37 -0.71 24.96 42.15
C ASP D 37 -0.51 25.41 40.69
N GLN D 38 -0.31 26.71 40.50
CA GLN D 38 -0.27 27.24 39.16
C GLN D 38 0.89 26.72 38.34
N LYS D 39 2.04 26.55 38.99
CA LYS D 39 3.26 26.15 38.29
C LYS D 39 3.12 24.79 37.60
N SER D 40 2.79 23.78 38.40
CA SER D 40 2.67 22.44 37.85
C SER D 40 1.46 22.31 36.90
N THR D 41 0.33 22.89 37.28
CA THR D 41 -0.85 22.84 36.40
C THR D 41 -0.57 23.39 35.00
N GLN D 42 0.17 24.50 34.92
CA GLN D 42 0.52 25.05 33.62
C GLN D 42 1.48 24.13 32.88
N ASN D 43 2.53 23.69 33.57
CA ASN D 43 3.48 22.78 32.97
C ASN D 43 2.74 21.59 32.36
N ALA D 44 1.84 20.99 33.13
CA ALA D 44 1.03 19.88 32.66
C ALA D 44 0.25 20.25 31.40
N ILE D 45 -0.49 21.35 31.44
CA ILE D 45 -1.27 21.77 30.29
C ILE D 45 -0.40 21.94 29.06
N ASP D 46 0.75 22.60 29.20
CA ASP D 46 1.64 22.79 28.06
C ASP D 46 2.04 21.44 27.49
N GLY D 47 2.23 20.47 28.38
CA GLY D 47 2.67 19.15 27.96
C GLY D 47 1.58 18.41 27.23
N ILE D 48 0.41 18.29 27.85
CA ILE D 48 -0.72 17.62 27.26
C ILE D 48 -1.10 18.28 25.95
N THR D 49 -1.02 19.63 25.91
CA THR D 49 -1.30 20.36 24.67
C THR D 49 -0.33 19.96 23.60
N ASN D 50 0.95 19.94 23.94
CA ASN D 50 1.94 19.54 22.97
C ASN D 50 1.68 18.14 22.49
N LYS D 51 1.30 17.27 23.42
CA LYS D 51 1.01 15.85 23.14
C LYS D 51 -0.11 15.71 22.11
N VAL D 52 -1.20 16.46 22.32
CA VAL D 52 -2.29 16.46 21.37
C VAL D 52 -1.87 17.04 20.04
N ASN D 53 -1.09 18.11 20.02
CA ASN D 53 -0.71 18.69 18.73
C ASN D 53 0.18 17.77 17.92
N SER D 54 0.99 16.97 18.59
CA SER D 54 1.84 16.02 17.91
C SER D 54 0.98 15.01 17.18
N VAL D 55 0.09 14.37 17.92
CA VAL D 55 -0.78 13.35 17.37
C VAL D 55 -1.67 13.87 16.21
N ILE D 56 -2.03 15.15 16.25
CA ILE D 56 -2.90 15.70 15.21
C ILE D 56 -2.08 16.34 14.07
N GLU D 57 -1.09 17.15 14.45
CA GLU D 57 -0.32 17.94 13.49
C GLU D 57 0.62 17.10 12.62
N LYS D 58 1.16 16.04 13.19
CA LYS D 58 2.12 15.19 12.47
C LYS D 58 1.56 14.38 11.29
N MET D 59 0.22 14.22 11.24
CA MET D 59 -0.44 13.54 10.13
C MET D 59 -0.24 14.27 8.83
N ASN D 60 0.47 13.62 7.90
CA ASN D 60 0.71 14.16 6.58
C ASN D 60 -0.57 14.14 5.77
N THR D 61 -1.39 15.19 5.88
CA THR D 61 -2.72 15.21 5.25
C THR D 61 -2.66 14.79 3.81
N GLN D 62 -3.46 13.77 3.48
CA GLN D 62 -3.62 13.37 2.09
C GLN D 62 -3.71 14.62 1.23
N PHE D 63 -3.76 14.46 -0.09
CA PHE D 63 -3.67 15.61 -0.95
C PHE D 63 -4.50 15.33 -2.18
N THR D 64 -5.81 15.41 -2.02
CA THR D 64 -6.73 14.96 -3.06
C THR D 64 -6.47 13.41 -3.34
N ALA D 65 -7.37 12.75 -4.08
CA ALA D 65 -7.21 11.35 -4.50
C ALA D 65 -8.42 10.52 -4.13
N VAL D 66 -8.87 9.63 -5.02
CA VAL D 66 -10.05 8.80 -4.72
C VAL D 66 -9.76 7.34 -4.47
N GLY D 67 -10.59 6.55 -5.17
CA GLY D 67 -10.32 5.20 -5.62
C GLY D 67 -10.56 5.29 -7.13
N LYS D 68 -10.48 4.17 -7.85
CA LYS D 68 -10.45 4.22 -9.30
C LYS D 68 -11.62 3.44 -9.90
N GLU D 69 -11.69 3.40 -11.24
CA GLU D 69 -12.75 2.67 -11.93
C GLU D 69 -12.18 1.71 -12.97
N PHE D 70 -12.59 0.44 -12.89
CA PHE D 70 -12.13 -0.57 -13.83
C PHE D 70 -13.28 -1.29 -14.54
N ASN D 71 -13.08 -1.67 -15.81
CA ASN D 71 -14.07 -2.47 -16.53
C ASN D 71 -14.08 -3.96 -16.17
N ASN D 72 -14.85 -4.76 -16.89
CA ASN D 72 -15.02 -6.18 -16.56
C ASN D 72 -13.81 -7.08 -16.90
N LEU D 73 -12.87 -6.54 -17.65
CA LEU D 73 -11.67 -7.28 -18.01
C LEU D 73 -10.46 -6.74 -17.24
N GLU D 74 -10.74 -6.01 -16.18
CA GLU D 74 -9.71 -5.45 -15.33
C GLU D 74 -9.98 -5.86 -13.88
N ARG D 75 -10.38 -7.10 -13.68
CA ARG D 75 -10.64 -7.56 -12.34
C ARG D 75 -9.35 -7.64 -11.52
N ARG D 76 -8.24 -8.04 -12.12
CA ARG D 76 -7.01 -8.22 -11.36
C ARG D 76 -6.49 -6.90 -10.82
N ILE D 77 -6.43 -5.88 -11.68
CA ILE D 77 -6.07 -4.56 -11.21
C ILE D 77 -7.08 -4.02 -10.19
N GLU D 78 -8.36 -4.23 -10.45
CA GLU D 78 -9.41 -3.82 -9.52
C GLU D 78 -9.14 -4.33 -8.13
N ASN D 79 -8.81 -5.60 -8.02
CA ASN D 79 -8.53 -6.22 -6.74
C ASN D 79 -7.21 -5.81 -6.10
N LEU D 80 -6.24 -5.41 -6.93
CA LEU D 80 -4.96 -4.87 -6.46
C LEU D 80 -5.24 -3.56 -5.76
N ASN D 81 -6.05 -2.74 -6.41
CA ASN D 81 -6.51 -1.49 -5.84
C ASN D 81 -7.18 -1.71 -4.49
N LYS D 82 -8.12 -2.66 -4.46
CA LYS D 82 -8.79 -3.02 -3.23
C LYS D 82 -7.80 -3.48 -2.16
N LYS D 83 -6.81 -4.28 -2.55
CA LYS D 83 -5.80 -4.78 -1.61
C LYS D 83 -5.04 -3.62 -1.03
N VAL D 84 -4.71 -2.66 -1.88
CA VAL D 84 -4.05 -1.46 -1.42
C VAL D 84 -4.90 -0.72 -0.40
N ASP D 85 -6.16 -0.46 -0.75
CA ASP D 85 -7.03 0.34 0.11
C ASP D 85 -7.30 -0.37 1.40
N ASP D 86 -7.61 -1.65 1.34
CA ASP D 86 -7.87 -2.41 2.55
C ASP D 86 -6.61 -2.54 3.37
N GLY D 87 -5.47 -2.56 2.69
CA GLY D 87 -4.18 -2.66 3.34
C GLY D 87 -3.96 -1.47 4.21
N PHE D 88 -4.11 -0.29 3.64
CA PHE D 88 -3.95 0.96 4.39
C PHE D 88 -4.96 1.05 5.54
N LEU D 89 -6.18 0.57 5.29
CA LEU D 89 -7.23 0.54 6.29
C LEU D 89 -6.85 -0.23 7.55
N ASP D 90 -6.25 -1.41 7.37
CA ASP D 90 -5.92 -2.32 8.47
C ASP D 90 -4.80 -1.75 9.31
N ILE D 91 -3.84 -1.15 8.60
CA ILE D 91 -2.70 -0.51 9.23
C ILE D 91 -3.10 0.73 10.03
N TRP D 92 -3.86 1.63 9.41
CA TRP D 92 -4.31 2.84 10.08
C TRP D 92 -5.20 2.53 11.27
N THR D 93 -6.13 1.59 11.12
CA THR D 93 -6.99 1.22 12.22
C THR D 93 -6.17 0.71 13.39
N TYR D 94 -5.30 -0.27 13.15
CA TYR D 94 -4.53 -0.86 14.22
C TYR D 94 -3.65 0.19 14.89
N ASN D 95 -2.96 1.00 14.11
CA ASN D 95 -2.04 1.95 14.69
C ASN D 95 -2.80 3.04 15.41
N ALA D 96 -3.90 3.52 14.82
CA ALA D 96 -4.72 4.52 15.50
C ALA D 96 -5.19 3.99 16.85
N GLU D 97 -5.79 2.82 16.84
CA GLU D 97 -6.38 2.26 18.03
C GLU D 97 -5.37 2.04 19.13
N LEU D 98 -4.20 1.51 18.78
CA LEU D 98 -3.15 1.29 19.78
C LEU D 98 -2.45 2.56 20.27
N LEU D 99 -2.27 3.53 19.38
CA LEU D 99 -1.63 4.79 19.73
C LEU D 99 -2.42 5.49 20.84
N VAL D 100 -3.71 5.75 20.57
CA VAL D 100 -4.60 6.28 21.56
C VAL D 100 -4.54 5.49 22.88
N LEU D 101 -4.53 4.17 22.82
CA LEU D 101 -4.47 3.40 24.06
C LEU D 101 -3.19 3.63 24.87
N LEU D 102 -2.05 3.70 24.19
CA LEU D 102 -0.77 3.93 24.85
C LEU D 102 -0.70 5.35 25.35
N GLU D 103 -1.00 6.29 24.47
CA GLU D 103 -1.02 7.69 24.85
C GLU D 103 -1.85 7.93 26.09
N ASN D 104 -2.98 7.25 26.16
CA ASN D 104 -3.89 7.41 27.26
C ASN D 104 -3.28 6.91 28.58
N GLU D 105 -2.81 5.68 28.56
CA GLU D 105 -2.13 5.13 29.71
C GLU D 105 -1.03 6.10 30.17
N ARG D 106 -0.20 6.56 29.23
CA ARG D 106 0.88 7.50 29.52
C ARG D 106 0.37 8.78 30.17
N THR D 107 -0.69 9.36 29.58
CA THR D 107 -1.29 10.60 30.08
C THR D 107 -1.74 10.50 31.51
N LEU D 108 -2.54 9.48 31.82
CA LEU D 108 -2.99 9.28 33.20
C LEU D 108 -1.84 9.07 34.20
N ASP D 109 -0.79 8.40 33.73
CA ASP D 109 0.40 8.16 34.55
C ASP D 109 1.16 9.46 34.71
N PHE D 110 1.12 10.30 33.70
CA PHE D 110 1.71 11.63 33.77
C PHE D 110 1.10 12.41 34.93
N HIS D 111 -0.23 12.51 34.95
CA HIS D 111 -0.96 13.18 36.02
C HIS D 111 -0.66 12.54 37.37
N ASP D 112 -0.63 11.21 37.40
CA ASP D 112 -0.32 10.54 38.65
C ASP D 112 1.05 11.00 39.13
N SER D 113 2.03 11.05 38.23
CA SER D 113 3.37 11.52 38.55
C SER D 113 3.38 12.98 39.10
N ASN D 114 2.74 13.90 38.39
CA ASN D 114 2.64 15.27 38.85
C ASN D 114 2.06 15.42 40.28
N VAL D 115 1.03 14.63 40.61
CA VAL D 115 0.45 14.69 41.96
C VAL D 115 1.48 14.25 42.97
N ARG D 116 2.11 13.12 42.69
CA ARG D 116 3.09 12.55 43.62
C ARG D 116 4.26 13.48 43.83
N ASN D 117 4.82 13.99 42.74
CA ASN D 117 5.89 14.96 42.83
C ASN D 117 5.53 16.21 43.60
N LEU D 118 4.27 16.64 43.53
CA LEU D 118 3.81 17.78 44.30
C LEU D 118 3.79 17.41 45.78
N TYR D 119 3.22 16.25 46.10
CA TYR D 119 3.21 15.78 47.47
C TYR D 119 4.63 15.74 48.05
N GLU D 120 5.58 15.19 47.30
CA GLU D 120 6.92 14.99 47.84
C GLU D 120 7.68 16.29 47.94
N LYS D 121 7.27 17.26 47.13
CA LYS D 121 7.89 18.57 47.12
C LYS D 121 7.48 19.36 48.37
N VAL D 122 6.24 19.12 48.83
CA VAL D 122 5.74 19.66 50.09
C VAL D 122 6.36 18.92 51.26
N LYS D 123 6.34 17.59 51.21
CA LYS D 123 6.90 16.78 52.30
C LYS D 123 8.32 17.20 52.66
N SER D 124 9.15 17.41 51.65
CA SER D 124 10.57 17.65 51.86
C SER D 124 10.79 19.12 52.10
N GLN D 125 9.72 19.82 52.43
CA GLN D 125 9.81 21.26 52.68
C GLN D 125 9.43 21.48 54.12
N LEU D 126 8.44 20.73 54.57
CA LEU D 126 7.97 20.76 55.94
C LEU D 126 8.87 19.96 56.87
N LYS D 127 9.38 18.83 56.38
CA LYS D 127 10.23 17.98 57.21
C LYS D 127 9.57 17.70 58.55
N ASN D 128 10.29 17.91 59.64
CA ASN D 128 9.77 17.55 60.97
C ASN D 128 8.90 18.61 61.64
N ASN D 129 8.36 19.52 60.83
CA ASN D 129 7.44 20.52 61.34
C ASN D 129 5.98 20.13 61.14
N ALA D 130 5.77 19.07 60.37
CA ALA D 130 4.43 18.56 60.09
C ALA D 130 4.42 17.06 60.31
N LYS D 131 3.23 16.49 60.48
CA LYS D 131 3.06 15.04 60.59
C LYS D 131 2.36 14.52 59.33
N GLU D 132 2.98 13.55 58.67
CA GLU D 132 2.35 12.84 57.55
C GLU D 132 1.18 11.99 58.01
N ILE D 133 -0.04 12.45 57.73
CA ILE D 133 -1.24 11.72 58.12
C ILE D 133 -1.63 10.66 57.09
N GLY D 134 -1.90 11.10 55.87
CA GLY D 134 -2.38 10.23 54.81
C GLY D 134 -3.48 10.90 54.00
N ASN D 135 -3.65 10.45 52.78
CA ASN D 135 -4.54 11.12 51.85
C ASN D 135 -3.93 12.43 51.37
N GLY D 136 -2.61 12.52 51.51
CA GLY D 136 -1.87 13.68 51.05
C GLY D 136 -1.94 14.85 52.01
N CYS D 137 -2.15 14.57 53.29
CA CYS D 137 -2.29 15.62 54.27
C CYS D 137 -1.13 15.69 55.22
N PHE D 138 -0.67 16.91 55.48
CA PHE D 138 0.32 17.18 56.52
C PHE D 138 -0.36 17.97 57.62
N GLU D 139 -0.12 17.58 58.87
CA GLU D 139 -0.67 18.33 59.99
C GLU D 139 0.48 19.02 60.68
N PHE D 140 0.42 20.35 60.78
CA PHE D 140 1.52 21.13 61.35
C PHE D 140 1.66 21.02 62.85
N TYR D 141 2.91 21.10 63.31
CA TYR D 141 3.20 21.10 64.73
C TYR D 141 3.20 22.53 65.24
N HIS D 142 3.35 23.48 64.33
CA HIS D 142 3.55 24.86 64.71
C HIS D 142 2.40 25.77 64.39
N LYS D 143 1.29 25.21 63.94
CA LYS D 143 0.09 26.01 63.79
C LYS D 143 0.29 27.31 63.01
N CYS D 144 0.07 27.25 61.70
CA CYS D 144 0.50 28.31 60.81
C CYS D 144 -0.64 28.97 60.03
N ASP D 145 -0.57 30.29 59.92
CA ASP D 145 -1.63 31.14 59.38
C ASP D 145 -1.59 31.26 57.86
N ASP D 146 -2.56 31.97 57.30
CA ASP D 146 -2.70 32.09 55.86
C ASP D 146 -1.46 32.66 55.17
N ALA D 147 -0.58 33.29 55.93
CA ALA D 147 0.63 33.87 55.35
C ALA D 147 1.64 32.77 55.13
N CYS D 148 1.77 31.90 56.14
CA CYS D 148 2.64 30.72 56.07
C CYS D 148 2.12 29.72 55.04
N MET D 149 0.81 29.46 55.04
CA MET D 149 0.20 28.56 54.07
C MET D 149 0.61 28.94 52.66
N GLU D 150 0.65 30.24 52.38
CA GLU D 150 1.02 30.72 51.06
C GLU D 150 2.52 30.55 50.80
N SER D 151 3.31 30.53 51.86
CA SER D 151 4.72 30.30 51.68
C SER D 151 4.95 28.85 51.26
N VAL D 152 4.12 27.94 51.78
CA VAL D 152 4.27 26.53 51.52
C VAL D 152 3.91 26.23 50.10
N ARG D 153 2.73 26.67 49.71
CA ARG D 153 2.28 26.38 48.36
C ARG D 153 3.03 27.25 47.37
N ASN D 154 3.81 28.16 47.90
CA ASN D 154 4.60 29.03 47.06
C ASN D 154 6.05 28.55 46.97
N GLY D 155 6.40 27.59 47.82
CA GLY D 155 7.70 26.98 47.78
C GLY D 155 8.76 27.63 48.66
N THR D 156 8.38 28.66 49.42
CA THR D 156 9.34 29.37 50.25
C THR D 156 9.41 28.85 51.70
N TYR D 157 8.27 28.61 52.32
CA TYR D 157 8.21 28.06 53.69
C TYR D 157 9.47 28.26 54.57
N ASP D 158 10.32 27.25 54.68
CA ASP D 158 11.60 27.45 55.36
C ASP D 158 11.55 27.33 56.90
N TYR D 159 12.26 26.31 57.40
CA TYR D 159 12.35 26.00 58.82
C TYR D 159 12.51 24.49 58.98
N PRO D 160 13.59 23.92 58.43
CA PRO D 160 13.73 22.45 58.46
C PRO D 160 13.25 21.83 59.78
N LYS D 161 13.79 22.06 60.86
N ASP E 1 9.27 -10.34 65.34
CA ASP E 1 8.19 -10.65 64.42
C ASP E 1 8.30 -9.79 63.16
N THR E 2 8.25 -10.41 61.99
CA THR E 2 8.50 -9.69 60.76
C THR E 2 7.49 -10.01 59.67
N ILE E 3 7.50 -9.19 58.61
CA ILE E 3 6.74 -9.46 57.41
C ILE E 3 7.49 -8.89 56.21
N CYS E 4 7.45 -9.61 55.08
CA CYS E 4 8.19 -9.17 53.90
C CYS E 4 7.30 -9.01 52.69
N ILE E 5 7.64 -8.05 51.83
CA ILE E 5 6.96 -7.90 50.54
C ILE E 5 7.81 -8.55 49.46
N GLY E 6 7.14 -9.12 48.46
CA GLY E 6 7.85 -9.85 47.43
C GLY E 6 7.02 -10.34 46.25
N TYR E 7 7.70 -10.98 45.30
CA TYR E 7 7.05 -11.33 44.06
C TYR E 7 7.28 -12.75 43.63
N HIS E 8 6.37 -13.24 42.81
CA HIS E 8 6.36 -14.62 42.31
C HIS E 8 7.59 -14.93 41.45
N ALA E 9 8.02 -16.19 41.54
CA ALA E 9 9.06 -16.72 40.65
C ALA E 9 8.67 -18.14 40.35
N ASN E 10 9.26 -18.73 39.31
CA ASN E 10 8.97 -20.12 39.00
C ASN E 10 10.00 -20.78 38.10
N ASN E 11 9.64 -21.98 37.62
CA ASN E 11 10.53 -22.79 36.81
C ASN E 11 10.50 -22.42 35.34
N SER E 12 9.82 -21.32 35.03
CA SER E 12 9.64 -20.89 33.64
C SER E 12 10.94 -20.46 32.98
N THR E 13 11.06 -20.72 31.69
CA THR E 13 12.26 -20.37 30.94
C THR E 13 11.91 -19.56 29.69
N ASP E 14 10.65 -19.15 29.61
CA ASP E 14 10.20 -18.25 28.56
C ASP E 14 11.07 -17.01 28.52
N THR E 15 11.41 -16.58 27.31
CA THR E 15 12.14 -15.32 27.19
C THR E 15 11.47 -14.36 26.20
N VAL E 16 11.49 -13.08 26.56
CA VAL E 16 10.92 -12.02 25.74
C VAL E 16 12.00 -10.96 25.56
N ASP E 17 11.93 -10.20 24.46
CA ASP E 17 12.86 -9.11 24.27
C ASP E 17 12.17 -7.84 24.68
N THR E 18 12.87 -7.00 25.45
CA THR E 18 12.35 -5.67 25.79
C THR E 18 13.16 -4.64 25.02
N VAL E 19 12.82 -3.36 25.15
CA VAL E 19 13.51 -2.35 24.35
C VAL E 19 14.91 -2.08 24.89
N LEU E 20 15.07 -2.13 26.21
CA LEU E 20 16.41 -1.94 26.79
C LEU E 20 17.25 -3.22 26.91
N GLU E 21 16.59 -4.38 26.88
CA GLU E 21 17.29 -5.62 27.13
C GLU E 21 16.81 -6.78 26.29
N LYS E 22 17.75 -7.49 25.66
CA LYS E 22 17.42 -8.69 24.90
C LYS E 22 17.32 -9.87 25.82
N ASN E 23 16.47 -10.84 25.45
CA ASN E 23 16.44 -12.13 26.11
C ASN E 23 16.29 -12.09 27.64
N VAL E 24 15.07 -11.76 28.08
CA VAL E 24 14.75 -11.68 29.50
C VAL E 24 13.82 -12.81 29.89
N THR E 25 14.20 -13.56 30.92
CA THR E 25 13.36 -14.65 31.37
C THR E 25 12.20 -14.09 32.19
N VAL E 26 10.99 -14.54 31.89
CA VAL E 26 9.79 -14.02 32.53
C VAL E 26 8.96 -15.19 33.04
N THR E 27 8.13 -14.96 34.04
CA THR E 27 7.34 -16.05 34.63
C THR E 27 6.21 -16.54 33.73
N HIS E 28 5.66 -15.68 32.87
CA HIS E 28 4.56 -16.04 31.97
C HIS E 28 4.64 -15.24 30.69
N SER E 29 4.10 -15.78 29.60
CA SER E 29 4.11 -15.06 28.33
C SER E 29 3.07 -15.60 27.35
N VAL E 30 2.74 -14.83 26.33
CA VAL E 30 1.94 -15.39 25.25
C VAL E 30 2.63 -15.13 23.91
N ASN E 31 2.32 -15.99 22.93
CA ASN E 31 2.87 -15.83 21.61
C ASN E 31 1.91 -15.02 20.75
N LEU E 32 2.45 -14.14 19.93
CA LEU E 32 1.62 -13.28 19.09
C LEU E 32 1.82 -13.63 17.63
N LEU E 33 2.77 -14.53 17.40
CA LEU E 33 3.15 -14.88 16.05
C LEU E 33 2.80 -16.32 15.73
N GLU E 34 1.96 -16.53 14.72
CA GLU E 34 1.70 -17.87 14.21
C GLU E 34 2.85 -18.32 13.30
N ASP E 35 3.51 -19.42 13.66
CA ASP E 35 4.60 -19.92 12.82
C ASP E 35 4.49 -21.40 12.49
N SER E 36 3.29 -21.93 12.56
CA SER E 36 3.05 -23.33 12.27
C SER E 36 1.92 -23.48 11.30
N HIS E 37 2.14 -24.31 10.29
CA HIS E 37 1.05 -24.65 9.40
C HIS E 37 0.60 -26.10 9.42
N ASN E 38 -0.46 -26.33 8.68
CA ASN E 38 -1.35 -27.45 8.83
C ASN E 38 -0.85 -28.65 8.02
N GLY E 39 -0.19 -28.36 6.90
CA GLY E 39 0.30 -29.37 6.00
C GLY E 39 -0.69 -29.72 4.90
N LYS E 40 -1.90 -29.21 5.03
CA LYS E 40 -2.99 -29.61 4.16
C LYS E 40 -3.72 -28.43 3.53
N LEU E 41 -4.21 -28.62 2.31
CA LEU E 41 -5.08 -27.64 1.67
C LEU E 41 -6.50 -27.85 2.16
N CYS E 42 -7.00 -26.90 2.94
CA CYS E 42 -8.28 -27.07 3.65
C CYS E 42 -9.47 -26.36 3.05
N LYS E 43 -10.65 -26.65 3.58
CA LYS E 43 -11.88 -25.99 3.14
C LYS E 43 -11.87 -24.52 3.56
N LEU E 44 -12.33 -23.67 2.66
CA LEU E 44 -12.37 -22.26 2.95
C LEU E 44 -13.82 -21.78 3.06
N LYS E 45 -14.30 -21.55 4.27
CA LYS E 45 -15.64 -21.01 4.42
C LYS E 45 -16.65 -22.11 4.16
N GLY E 46 -16.35 -23.29 4.67
CA GLY E 46 -17.25 -24.42 4.57
C GLY E 46 -17.10 -25.22 3.30
N ILE E 47 -16.68 -24.56 2.23
CA ILE E 47 -16.55 -25.19 0.91
C ILE E 47 -15.13 -25.61 0.55
N ALA E 48 -15.04 -26.61 -0.34
CA ALA E 48 -13.74 -27.18 -0.72
C ALA E 48 -13.18 -26.53 -1.98
N PRO E 49 -11.85 -26.65 -2.17
CA PRO E 49 -11.20 -26.12 -3.37
C PRO E 49 -11.49 -26.99 -4.56
N LEU E 50 -11.54 -26.43 -5.76
CA LEU E 50 -11.57 -27.22 -6.98
C LEU E 50 -10.17 -27.79 -7.25
N GLN E 51 -10.05 -29.10 -7.47
CA GLN E 51 -8.76 -29.69 -7.82
C GLN E 51 -8.79 -30.04 -9.29
N LEU E 52 -7.67 -29.82 -9.96
CA LEU E 52 -7.68 -30.02 -11.41
C LEU E 52 -6.76 -31.16 -11.86
N GLY E 53 -6.02 -31.72 -10.91
CA GLY E 53 -5.17 -32.85 -11.19
C GLY E 53 -4.04 -32.45 -12.11
N LYS E 54 -3.96 -33.13 -13.25
CA LYS E 54 -2.89 -32.86 -14.22
C LYS E 54 -3.23 -31.78 -15.22
N CYS E 55 -4.45 -31.26 -15.14
CA CYS E 55 -4.90 -30.16 -16.00
C CYS E 55 -4.83 -28.78 -15.33
N ASN E 56 -4.66 -27.74 -16.14
CA ASN E 56 -4.76 -26.39 -15.65
C ASN E 56 -6.07 -25.76 -16.08
N ILE E 57 -6.41 -24.59 -15.53
CA ILE E 57 -7.69 -23.94 -15.82
C ILE E 57 -8.08 -24.02 -17.31
N ALA E 58 -7.12 -23.79 -18.19
CA ALA E 58 -7.39 -23.81 -19.64
C ALA E 58 -7.85 -25.17 -20.15
N GLY E 59 -7.08 -26.20 -19.80
CA GLY E 59 -7.39 -27.54 -20.25
C GLY E 59 -8.72 -28.03 -19.72
N TRP E 60 -9.02 -27.68 -18.48
CA TRP E 60 -10.28 -28.11 -17.88
C TRP E 60 -11.46 -27.41 -18.51
N LEU E 61 -11.31 -26.12 -18.80
CA LEU E 61 -12.36 -25.36 -19.47
C LEU E 61 -12.55 -25.85 -20.90
N LEU E 62 -11.45 -25.91 -21.66
CA LEU E 62 -11.51 -26.27 -23.07
C LEU E 62 -11.91 -27.73 -23.29
N GLY E 63 -11.65 -28.57 -22.29
CA GLY E 63 -11.92 -29.99 -22.43
C GLY E 63 -10.79 -30.75 -23.09
N ASN E 64 -9.56 -30.41 -22.70
CA ASN E 64 -8.39 -31.18 -23.11
C ASN E 64 -8.71 -32.64 -22.84
N PRO E 65 -8.35 -33.53 -23.78
CA PRO E 65 -8.70 -34.96 -23.68
C PRO E 65 -8.11 -35.69 -22.46
N GLU E 66 -7.24 -35.02 -21.70
CA GLU E 66 -6.65 -35.62 -20.50
C GLU E 66 -7.45 -35.31 -19.23
N CYS E 67 -8.42 -34.40 -19.34
CA CYS E 67 -9.20 -33.97 -18.17
C CYS E 67 -10.58 -34.61 -18.19
N ASP E 68 -10.61 -35.92 -18.38
CA ASP E 68 -11.88 -36.63 -18.47
C ASP E 68 -12.37 -37.07 -17.11
N LEU E 69 -11.49 -37.02 -16.11
CA LEU E 69 -11.89 -37.39 -14.75
C LEU E 69 -12.41 -36.22 -13.93
N LEU E 70 -11.67 -35.11 -13.90
CA LEU E 70 -12.11 -33.97 -13.10
C LEU E 70 -13.33 -33.29 -13.66
N LEU E 71 -14.04 -33.93 -14.59
CA LEU E 71 -15.35 -33.42 -15.02
C LEU E 71 -16.31 -33.44 -13.82
N THR E 72 -15.80 -32.98 -12.68
CA THR E 72 -16.42 -33.11 -11.38
C THR E 72 -16.22 -31.84 -10.55
N ALA E 73 -17.29 -31.07 -10.41
CA ALA E 73 -17.24 -29.84 -9.65
C ALA E 73 -18.69 -29.48 -9.36
N SER E 74 -18.95 -28.61 -8.39
CA SER E 74 -20.32 -28.13 -8.22
C SER E 74 -20.38 -26.73 -7.64
N SER E 75 -19.31 -26.40 -6.94
CA SER E 75 -19.13 -25.14 -6.24
C SER E 75 -17.81 -25.21 -5.46
N TRP E 76 -16.97 -24.21 -5.62
CA TRP E 76 -15.68 -24.23 -4.93
C TRP E 76 -15.29 -22.87 -4.40
N SER E 77 -14.50 -22.88 -3.33
CA SER E 77 -14.12 -21.64 -2.68
C SER E 77 -12.84 -21.04 -3.26
N TYR E 78 -12.01 -21.88 -3.86
CA TYR E 78 -10.80 -21.43 -4.54
C TYR E 78 -10.26 -22.56 -5.37
N ILE E 79 -9.33 -22.25 -6.24
CA ILE E 79 -8.81 -23.30 -7.13
C ILE E 79 -7.39 -23.69 -6.77
N VAL E 80 -7.09 -24.99 -6.89
CA VAL E 80 -5.73 -25.46 -6.63
C VAL E 80 -5.13 -26.00 -7.92
N GLU E 81 -3.90 -25.60 -8.19
CA GLU E 81 -3.11 -26.19 -9.26
C GLU E 81 -1.85 -26.77 -8.65
N THR E 82 -1.30 -27.78 -9.31
CA THR E 82 -0.13 -28.48 -8.78
C THR E 82 1.04 -28.43 -9.76
N SER E 83 2.20 -28.93 -9.32
CA SER E 83 3.40 -28.97 -10.15
C SER E 83 3.13 -29.79 -11.39
N ASN E 84 2.19 -30.72 -11.25
CA ASN E 84 1.89 -31.63 -12.33
C ASN E 84 0.57 -31.26 -12.97
N SER E 85 0.52 -30.04 -13.47
CA SER E 85 -0.69 -29.47 -14.01
C SER E 85 -0.37 -28.74 -15.33
N GLU E 86 0.03 -29.50 -16.35
CA GLU E 86 0.45 -28.89 -17.60
C GLU E 86 -0.47 -29.14 -18.80
N ASN E 87 -1.45 -30.02 -18.63
CA ASN E 87 -2.39 -30.30 -19.72
C ASN E 87 -3.38 -29.15 -19.85
N GLY E 88 -3.23 -28.38 -20.92
CA GLY E 88 -4.07 -27.22 -21.11
C GLY E 88 -4.38 -27.00 -22.57
N THR E 89 -3.82 -25.93 -23.11
CA THR E 89 -3.95 -25.62 -24.53
C THR E 89 -3.01 -26.53 -25.30
N CYS E 90 -3.56 -27.62 -25.81
CA CYS E 90 -2.75 -28.62 -26.49
C CYS E 90 -2.49 -28.23 -27.94
N TYR E 91 -3.51 -27.72 -28.63
CA TYR E 91 -3.26 -27.13 -29.93
C TYR E 91 -2.73 -25.75 -29.64
N PRO E 92 -1.52 -25.43 -30.14
CA PRO E 92 -0.82 -24.17 -29.84
C PRO E 92 -1.64 -22.94 -30.28
N GLY E 93 -1.52 -21.86 -29.53
CA GLY E 93 -2.28 -20.66 -29.78
C GLY E 93 -2.41 -19.85 -28.51
N ASP E 94 -3.09 -18.70 -28.59
CA ASP E 94 -3.22 -17.83 -27.44
C ASP E 94 -4.62 -17.90 -26.84
N PHE E 95 -4.68 -18.03 -25.53
CA PHE E 95 -5.94 -17.93 -24.80
C PHE E 95 -6.13 -16.47 -24.36
N ILE E 96 -7.09 -15.77 -24.96
CA ILE E 96 -7.27 -14.34 -24.70
C ILE E 96 -7.80 -13.99 -23.31
N ASP E 97 -7.16 -13.02 -22.65
CA ASP E 97 -7.56 -12.58 -21.33
C ASP E 97 -7.66 -13.77 -20.38
N TYR E 98 -6.66 -14.63 -20.42
CA TYR E 98 -6.65 -15.87 -19.65
C TYR E 98 -6.53 -15.57 -18.15
N GLU E 99 -5.59 -14.72 -17.76
CA GLU E 99 -5.42 -14.47 -16.34
C GLU E 99 -6.68 -13.92 -15.74
N GLU E 100 -7.39 -13.10 -16.51
CA GLU E 100 -8.64 -12.51 -16.06
C GLU E 100 -9.72 -13.57 -15.79
N LEU E 101 -9.87 -14.49 -16.72
CA LEU E 101 -10.84 -15.58 -16.58
C LEU E 101 -10.47 -16.40 -15.37
N ARG E 102 -9.19 -16.69 -15.22
CA ARG E 102 -8.74 -17.48 -14.10
C ARG E 102 -9.11 -16.76 -12.82
N GLU E 103 -9.05 -15.44 -12.83
CA GLU E 103 -9.35 -14.63 -11.65
C GLU E 103 -10.82 -14.71 -11.36
N GLN E 104 -11.64 -14.58 -12.40
CA GLN E 104 -13.08 -14.51 -12.25
C GLN E 104 -13.67 -15.81 -11.69
N LEU E 105 -13.18 -16.94 -12.21
CA LEU E 105 -13.63 -18.29 -11.83
C LEU E 105 -13.06 -18.81 -10.51
N SER E 106 -12.24 -18.03 -9.83
CA SER E 106 -11.52 -18.50 -8.67
C SER E 106 -12.44 -18.96 -7.54
N SER E 107 -13.65 -18.44 -7.50
CA SER E 107 -14.69 -18.97 -6.62
C SER E 107 -16.01 -18.88 -7.35
N VAL E 108 -16.88 -19.84 -7.09
CA VAL E 108 -18.09 -20.01 -7.87
C VAL E 108 -19.11 -20.72 -6.99
N SER E 109 -20.39 -20.42 -7.17
CA SER E 109 -21.41 -21.17 -6.45
C SER E 109 -22.07 -22.27 -7.29
N SER E 110 -23.05 -21.93 -8.12
CA SER E 110 -23.77 -22.97 -8.87
C SER E 110 -23.18 -23.13 -10.26
N PHE E 111 -22.50 -24.25 -10.50
CA PHE E 111 -21.69 -24.43 -11.71
C PHE E 111 -22.09 -25.63 -12.56
N GLU E 112 -22.79 -25.39 -13.67
CA GLU E 112 -23.20 -26.47 -14.56
C GLU E 112 -22.49 -26.42 -15.89
N LYS E 113 -21.92 -27.54 -16.29
CA LYS E 113 -21.48 -27.75 -17.66
C LYS E 113 -22.66 -28.28 -18.45
N PHE E 114 -22.94 -27.69 -19.61
CA PHE E 114 -24.06 -28.17 -20.42
C PHE E 114 -23.75 -28.16 -21.92
N GLU E 115 -24.62 -28.76 -22.72
CA GLU E 115 -24.38 -28.86 -24.16
C GLU E 115 -25.07 -27.76 -24.94
N ILE E 116 -24.33 -26.68 -25.21
CA ILE E 116 -24.91 -25.49 -25.82
C ILE E 116 -25.29 -25.69 -27.29
N PHE E 117 -24.32 -26.09 -28.10
CA PHE E 117 -24.55 -26.40 -29.50
C PHE E 117 -24.23 -27.87 -29.73
N PRO E 118 -25.26 -28.73 -29.64
CA PRO E 118 -25.13 -30.19 -29.81
C PRO E 118 -24.41 -30.54 -31.10
N LYS E 119 -23.48 -31.49 -31.03
CA LYS E 119 -22.60 -31.84 -32.14
C LYS E 119 -23.36 -32.43 -33.35
N THR E 120 -24.01 -33.58 -33.14
CA THR E 120 -24.80 -34.21 -34.19
C THR E 120 -26.21 -33.66 -34.17
N SER E 121 -26.40 -32.49 -34.78
CA SER E 121 -27.69 -31.81 -34.74
C SER E 121 -27.58 -30.34 -35.14
N SER E 122 -26.73 -29.59 -34.45
CA SER E 122 -26.64 -28.15 -34.64
C SER E 122 -26.00 -27.77 -35.96
N TRP E 123 -25.05 -28.58 -36.39
CA TRP E 123 -24.26 -28.27 -37.59
C TRP E 123 -24.57 -29.17 -38.78
N PRO E 124 -25.77 -29.02 -39.36
CA PRO E 124 -25.97 -29.67 -40.65
C PRO E 124 -25.31 -28.73 -41.66
N ASN E 125 -25.12 -29.20 -42.90
CA ASN E 125 -24.46 -28.40 -43.92
C ASN E 125 -22.97 -28.22 -43.65
N HIS E 126 -22.45 -28.87 -42.62
CA HIS E 126 -21.03 -28.80 -42.28
C HIS E 126 -20.48 -30.12 -41.77
N GLU E 127 -19.16 -30.26 -41.78
CA GLU E 127 -18.53 -31.51 -41.43
C GLU E 127 -18.10 -31.49 -39.96
N THR E 128 -18.83 -32.22 -39.13
CA THR E 128 -18.58 -32.22 -37.70
C THR E 128 -17.51 -33.25 -37.27
N THR E 129 -17.42 -34.37 -37.98
CA THR E 129 -16.33 -35.31 -37.73
C THR E 129 -15.04 -34.83 -38.39
N LYS E 130 -14.01 -35.65 -38.34
CA LYS E 130 -12.72 -35.29 -38.94
C LYS E 130 -12.07 -34.01 -38.38
N GLY E 131 -12.76 -33.39 -37.43
CA GLY E 131 -12.23 -32.22 -36.75
C GLY E 131 -11.39 -32.67 -35.57
N VAL E 132 -10.35 -33.46 -35.87
CA VAL E 132 -9.41 -33.94 -34.84
C VAL E 132 -7.96 -33.69 -35.24
N THR E 133 -7.05 -33.88 -34.29
CA THR E 133 -5.63 -33.58 -34.49
C THR E 133 -4.72 -34.40 -33.60
N ALA E 134 -3.53 -34.68 -34.09
CA ALA E 134 -2.54 -35.42 -33.34
C ALA E 134 -2.03 -34.62 -32.15
N ALA E 135 -2.18 -33.29 -32.20
CA ALA E 135 -1.71 -32.43 -31.13
C ALA E 135 -2.54 -32.72 -29.89
N CYS E 136 -3.85 -32.83 -30.08
CA CYS E 136 -4.76 -33.12 -29.00
C CYS E 136 -5.15 -34.59 -29.02
N SER E 137 -4.15 -35.45 -28.82
CA SER E 137 -4.30 -36.89 -29.00
C SER E 137 -4.77 -37.65 -27.76
N TYR E 138 -5.70 -38.57 -27.96
CA TYR E 138 -6.22 -39.37 -26.85
C TYR E 138 -5.99 -40.86 -27.04
N ALA E 139 -5.46 -41.52 -26.01
CA ALA E 139 -5.15 -42.94 -26.12
C ALA E 139 -4.41 -43.27 -27.41
N GLY E 140 -3.37 -42.50 -27.71
CA GLY E 140 -2.58 -42.68 -28.91
C GLY E 140 -3.20 -42.05 -30.15
N ALA E 141 -4.52 -42.20 -30.30
CA ALA E 141 -5.21 -41.68 -31.47
C ALA E 141 -5.38 -40.15 -31.47
N SER E 142 -5.55 -39.58 -32.65
CA SER E 142 -5.80 -38.15 -32.73
C SER E 142 -7.23 -37.86 -32.31
N SER E 143 -7.42 -36.84 -31.48
CA SER E 143 -8.74 -36.47 -30.97
C SER E 143 -8.79 -34.94 -30.87
N PHE E 144 -9.76 -34.43 -30.13
CA PHE E 144 -9.89 -32.98 -29.97
C PHE E 144 -10.40 -32.61 -28.59
N TYR E 145 -10.59 -31.32 -28.36
CA TYR E 145 -11.18 -30.83 -27.11
C TYR E 145 -12.61 -31.33 -26.97
N ARG E 146 -12.99 -31.71 -25.76
CA ARG E 146 -14.32 -32.26 -25.56
C ARG E 146 -15.41 -31.19 -25.60
N ASN E 147 -15.07 -29.93 -25.32
CA ASN E 147 -16.07 -28.85 -25.21
C ASN E 147 -16.17 -27.97 -26.46
N LEU E 148 -15.25 -28.17 -27.39
CA LEU E 148 -15.20 -27.41 -28.63
C LEU E 148 -15.33 -28.35 -29.83
N LEU E 149 -15.91 -27.85 -30.91
CA LEU E 149 -16.10 -28.64 -32.13
C LEU E 149 -15.38 -28.02 -33.31
N TRP E 150 -14.47 -28.79 -33.92
CA TRP E 150 -13.68 -28.29 -35.05
C TRP E 150 -14.43 -28.44 -36.36
N LEU E 151 -15.30 -27.49 -36.69
CA LEU E 151 -16.07 -27.50 -37.93
C LEU E 151 -15.24 -27.29 -39.16
N THR E 152 -15.25 -28.28 -40.04
CA THR E 152 -14.53 -28.24 -41.33
C THR E 152 -15.52 -28.24 -42.48
N LYS E 153 -15.01 -28.07 -43.70
CA LYS E 153 -15.87 -27.97 -44.87
C LYS E 153 -16.51 -29.31 -45.23
N LYS E 154 -17.66 -29.24 -45.89
CA LYS E 154 -18.42 -30.42 -46.26
C LYS E 154 -18.52 -30.53 -47.79
N GLY E 155 -17.78 -31.47 -48.37
CA GLY E 155 -17.68 -31.61 -49.81
C GLY E 155 -17.38 -30.30 -50.50
N SER E 156 -16.20 -29.75 -50.24
CA SER E 156 -15.76 -28.46 -50.82
C SER E 156 -16.86 -27.39 -50.80
N SER E 157 -17.39 -27.12 -49.61
CA SER E 157 -18.48 -26.16 -49.47
C SER E 157 -18.74 -25.79 -48.01
N TYR E 158 -18.40 -24.56 -47.65
CA TYR E 158 -18.60 -24.02 -46.29
C TYR E 158 -19.56 -22.83 -46.34
N PRO E 159 -20.88 -23.12 -46.29
CA PRO E 159 -21.96 -22.11 -46.25
C PRO E 159 -22.01 -21.29 -44.93
N LYS E 160 -21.91 -19.98 -45.03
CA LYS E 160 -22.04 -19.07 -43.89
C LYS E 160 -22.99 -19.61 -42.83
N LEU E 161 -22.46 -19.90 -41.64
CA LEU E 161 -23.27 -20.45 -40.54
C LEU E 161 -23.75 -19.36 -39.58
N SER E 162 -24.97 -19.51 -39.08
CA SER E 162 -25.56 -18.52 -38.19
C SER E 162 -26.30 -19.17 -37.02
N LYS E 163 -25.54 -19.65 -36.05
CA LYS E 163 -26.12 -20.36 -34.92
C LYS E 163 -26.15 -19.43 -33.71
N SER E 164 -27.28 -19.45 -32.98
CA SER E 164 -27.48 -18.52 -31.86
C SER E 164 -28.02 -19.22 -30.61
N TYR E 165 -27.64 -18.71 -29.44
CA TYR E 165 -28.11 -19.31 -28.21
C TYR E 165 -28.69 -18.26 -27.26
N VAL E 166 -29.79 -18.60 -26.61
CA VAL E 166 -30.43 -17.70 -25.66
C VAL E 166 -30.24 -18.23 -24.25
N ASN E 167 -29.94 -17.34 -23.32
CA ASN E 167 -29.60 -17.74 -21.95
C ASN E 167 -30.80 -17.86 -21.03
N ASN E 168 -31.41 -19.03 -20.98
CA ASN E 168 -32.56 -19.21 -20.11
C ASN E 168 -32.19 -19.91 -18.82
N LYS E 169 -30.94 -19.74 -18.43
CA LYS E 169 -30.42 -20.41 -17.24
C LYS E 169 -30.71 -19.61 -15.96
N GLY E 170 -30.95 -18.30 -16.10
CA GLY E 170 -31.12 -17.44 -14.95
C GLY E 170 -29.82 -17.29 -14.18
N LYS E 171 -28.71 -17.46 -14.88
CA LYS E 171 -27.38 -17.23 -14.36
C LYS E 171 -26.42 -16.96 -15.50
N GLU E 172 -25.19 -16.55 -15.22
CA GLU E 172 -24.28 -16.24 -16.31
C GLU E 172 -23.92 -17.53 -17.04
N VAL E 173 -23.65 -17.43 -18.34
CA VAL E 173 -23.17 -18.56 -19.12
C VAL E 173 -21.81 -18.26 -19.73
N LEU E 174 -20.79 -18.99 -19.31
CA LEU E 174 -19.44 -18.83 -19.84
C LEU E 174 -19.36 -19.57 -21.14
N VAL E 175 -19.13 -18.85 -22.23
CA VAL E 175 -19.02 -19.46 -23.54
C VAL E 175 -17.60 -19.30 -24.09
N LEU E 176 -16.95 -20.42 -24.42
CA LEU E 176 -15.64 -20.39 -25.08
C LEU E 176 -15.76 -20.87 -26.51
N TRP E 177 -14.83 -20.41 -27.33
CA TRP E 177 -14.70 -20.88 -28.71
C TRP E 177 -13.32 -20.50 -29.17
N GLY E 178 -12.93 -20.95 -30.34
CA GLY E 178 -11.60 -20.64 -30.82
C GLY E 178 -11.66 -20.30 -32.28
N VAL E 179 -10.58 -19.70 -32.78
CA VAL E 179 -10.47 -19.40 -34.19
C VAL E 179 -9.17 -19.98 -34.68
N HIS E 180 -9.24 -20.78 -35.74
CA HIS E 180 -8.07 -21.47 -36.26
C HIS E 180 -7.42 -20.63 -37.32
N HIS E 181 -6.11 -20.43 -37.17
CA HIS E 181 -5.30 -19.76 -38.17
C HIS E 181 -4.34 -20.75 -38.82
N PRO E 182 -4.71 -21.29 -40.00
CA PRO E 182 -3.90 -22.22 -40.79
C PRO E 182 -2.50 -21.67 -41.11
N PRO E 183 -1.56 -22.53 -41.53
CA PRO E 183 -0.16 -22.14 -41.64
C PRO E 183 0.07 -21.49 -43.00
N THR E 184 -0.71 -21.92 -43.99
CA THR E 184 -0.55 -21.45 -45.36
C THR E 184 -1.91 -21.41 -46.06
N GLY E 185 -2.03 -20.57 -47.08
CA GLY E 185 -3.26 -20.46 -47.87
C GLY E 185 -3.72 -21.79 -48.47
N THR E 186 -2.79 -22.73 -48.60
CA THR E 186 -3.10 -24.05 -49.14
C THR E 186 -4.04 -24.85 -48.22
N ASP E 187 -3.77 -24.83 -46.92
CA ASP E 187 -4.59 -25.54 -45.95
C ASP E 187 -5.92 -24.85 -45.73
N GLN E 188 -5.92 -23.53 -45.86
CA GLN E 188 -7.12 -22.73 -45.67
C GLN E 188 -8.22 -23.22 -46.59
N GLN E 189 -7.84 -23.81 -47.72
CA GLN E 189 -8.81 -24.27 -48.70
C GLN E 189 -9.25 -25.71 -48.46
N SER E 190 -8.28 -26.58 -48.21
CA SER E 190 -8.59 -27.98 -47.95
C SER E 190 -9.39 -28.13 -46.65
N LEU E 191 -9.39 -27.06 -45.85
CA LEU E 191 -10.06 -27.09 -44.55
C LEU E 191 -11.39 -26.37 -44.55
N TYR E 192 -11.40 -25.11 -44.99
CA TYR E 192 -12.60 -24.29 -44.89
C TYR E 192 -13.07 -23.74 -46.23
N GLN E 193 -12.49 -24.23 -47.32
CA GLN E 193 -12.86 -23.80 -48.67
C GLN E 193 -12.75 -22.29 -48.92
N ASN E 194 -13.74 -21.54 -48.46
CA ASN E 194 -13.79 -20.11 -48.67
C ASN E 194 -12.46 -19.43 -48.31
N ALA E 195 -11.74 -19.00 -49.33
CA ALA E 195 -10.42 -18.43 -49.18
C ALA E 195 -10.41 -17.22 -48.25
N ASP E 196 -11.51 -16.47 -48.23
CA ASP E 196 -11.60 -15.26 -47.42
C ASP E 196 -12.73 -15.37 -46.41
N ALA E 197 -12.45 -16.06 -45.32
CA ALA E 197 -13.44 -16.34 -44.30
C ALA E 197 -13.37 -15.34 -43.16
N TYR E 198 -14.33 -15.45 -42.26
CA TYR E 198 -14.36 -14.63 -41.07
C TYR E 198 -15.26 -15.32 -40.04
N VAL E 199 -14.95 -15.11 -38.77
CA VAL E 199 -15.81 -15.58 -37.70
C VAL E 199 -16.29 -14.34 -36.96
N SER E 200 -17.58 -14.30 -36.65
CA SER E 200 -18.12 -13.15 -35.96
C SER E 200 -18.99 -13.57 -34.80
N VAL E 201 -18.69 -13.03 -33.63
CA VAL E 201 -19.46 -13.31 -32.42
C VAL E 201 -20.09 -12.04 -31.91
N GLY E 202 -21.41 -12.09 -31.64
CA GLY E 202 -22.13 -10.93 -31.18
C GLY E 202 -23.17 -11.20 -30.12
N SER E 203 -23.16 -10.38 -29.09
CA SER E 203 -24.21 -10.38 -28.10
C SER E 203 -24.57 -8.93 -27.77
N SER E 204 -25.17 -8.72 -26.61
CA SER E 204 -25.50 -7.35 -26.22
C SER E 204 -24.27 -6.52 -25.93
N LYS E 205 -23.36 -7.06 -25.12
CA LYS E 205 -22.15 -6.34 -24.74
C LYS E 205 -20.87 -6.89 -25.39
N TYR E 206 -21.01 -7.73 -26.41
CA TYR E 206 -19.83 -8.31 -27.06
C TYR E 206 -19.95 -8.28 -28.58
N ASN E 207 -19.13 -7.46 -29.23
CA ASN E 207 -19.05 -7.51 -30.69
C ASN E 207 -17.63 -7.47 -31.18
N ARG E 208 -17.06 -8.64 -31.45
CA ARG E 208 -15.73 -8.72 -32.03
C ARG E 208 -15.80 -9.51 -33.32
N ARG E 209 -14.92 -9.20 -34.25
CA ARG E 209 -14.81 -10.00 -35.46
C ARG E 209 -13.39 -10.51 -35.52
N PHE E 210 -13.22 -11.72 -36.06
CA PHE E 210 -11.91 -12.35 -36.16
C PHE E 210 -11.64 -12.70 -37.61
N THR E 211 -10.37 -12.70 -37.97
CA THR E 211 -10.01 -13.00 -39.34
C THR E 211 -8.70 -13.80 -39.41
N PRO E 212 -8.70 -14.84 -40.26
CA PRO E 212 -7.62 -15.80 -40.51
C PRO E 212 -6.27 -15.13 -40.70
N GLU E 213 -5.37 -15.32 -39.75
CA GLU E 213 -4.02 -14.78 -39.85
C GLU E 213 -3.06 -15.84 -40.38
N ILE E 214 -3.14 -16.09 -41.69
CA ILE E 214 -2.31 -17.08 -42.36
C ILE E 214 -0.83 -16.68 -42.49
N ALA E 215 0.06 -17.53 -41.98
CA ALA E 215 1.49 -17.23 -41.98
C ALA E 215 2.35 -18.45 -41.70
N ALA E 216 3.65 -18.31 -41.95
CA ALA E 216 4.60 -19.37 -41.65
C ALA E 216 5.17 -19.21 -40.25
N ARG E 217 5.04 -20.25 -39.46
CA ARG E 217 5.56 -20.24 -38.09
C ARG E 217 6.13 -21.60 -37.70
N PRO E 218 7.02 -21.61 -36.70
CA PRO E 218 7.62 -22.83 -36.18
C PRO E 218 6.54 -23.78 -35.73
N LYS E 219 6.83 -25.07 -35.66
CA LYS E 219 5.85 -26.03 -35.23
C LYS E 219 5.90 -26.22 -33.74
N VAL E 220 4.76 -26.00 -33.10
CA VAL E 220 4.60 -26.25 -31.68
C VAL E 220 3.72 -27.50 -31.58
N ARG E 221 4.21 -28.50 -30.85
CA ARG E 221 3.56 -29.82 -30.81
C ARG E 221 3.30 -30.35 -32.22
N ASP E 222 4.28 -30.12 -33.10
CA ASP E 222 4.20 -30.52 -34.49
C ASP E 222 2.94 -29.94 -35.12
N GLN E 223 2.79 -28.63 -35.06
CA GLN E 223 1.65 -27.93 -35.66
C GLN E 223 2.10 -26.56 -36.08
N ALA E 224 1.87 -26.21 -37.34
CA ALA E 224 2.30 -24.91 -37.83
C ALA E 224 1.14 -23.94 -37.74
N GLY E 225 -0.07 -24.49 -37.65
CA GLY E 225 -1.24 -23.66 -37.40
C GLY E 225 -1.33 -23.21 -35.96
N ARG E 226 -2.23 -22.29 -35.69
CA ARG E 226 -2.44 -21.82 -34.33
C ARG E 226 -3.92 -21.68 -34.08
N MET E 227 -4.30 -21.70 -32.82
CA MET E 227 -5.70 -21.62 -32.50
C MET E 227 -5.87 -20.71 -31.30
N ASN E 228 -6.50 -19.56 -31.52
CA ASN E 228 -6.77 -18.62 -30.45
C ASN E 228 -8.13 -18.92 -29.82
N TYR E 229 -8.15 -18.95 -28.50
CA TYR E 229 -9.36 -19.22 -27.74
C TYR E 229 -9.93 -17.93 -27.15
N TYR E 230 -11.24 -17.82 -27.16
CA TYR E 230 -11.90 -16.62 -26.67
C TYR E 230 -13.06 -17.04 -25.79
N TRP E 231 -13.33 -16.24 -24.77
CA TRP E 231 -14.46 -16.49 -23.91
C TRP E 231 -15.31 -15.23 -23.74
N THR E 232 -16.42 -15.35 -23.04
CA THR E 232 -17.28 -14.22 -22.74
C THR E 232 -18.32 -14.69 -21.75
N LEU E 233 -18.82 -13.76 -20.94
CA LEU E 233 -19.87 -14.09 -20.00
C LEU E 233 -21.22 -13.58 -20.53
N LEU E 234 -22.11 -14.50 -20.87
CA LEU E 234 -23.43 -14.13 -21.36
C LEU E 234 -24.39 -13.93 -20.18
N GLU E 235 -25.06 -12.77 -20.13
CA GLU E 235 -25.94 -12.45 -19.02
C GLU E 235 -27.30 -13.11 -19.20
N PRO E 236 -27.97 -13.45 -18.09
CA PRO E 236 -29.29 -14.09 -18.16
C PRO E 236 -30.24 -13.29 -19.04
N GLY E 237 -30.85 -13.96 -20.02
CA GLY E 237 -31.73 -13.31 -20.97
C GLY E 237 -31.07 -12.93 -22.29
N ASP E 238 -29.74 -12.83 -22.30
CA ASP E 238 -29.04 -12.36 -23.49
C ASP E 238 -28.97 -13.41 -24.61
N THR E 239 -28.54 -12.99 -25.79
CA THR E 239 -28.35 -13.88 -26.92
C THR E 239 -26.95 -13.73 -27.48
N ILE E 240 -26.25 -14.83 -27.70
CA ILE E 240 -24.97 -14.79 -28.40
C ILE E 240 -25.13 -15.43 -29.78
N THR E 241 -24.56 -14.80 -30.81
CA THR E 241 -24.76 -15.28 -32.18
C THR E 241 -23.46 -15.49 -32.94
N PHE E 242 -23.18 -16.75 -33.27
CA PHE E 242 -21.99 -17.11 -34.02
C PHE E 242 -22.30 -17.13 -35.51
N GLU E 243 -21.53 -16.35 -36.25
CA GLU E 243 -21.68 -16.29 -37.69
C GLU E 243 -20.31 -16.42 -38.31
N ALA E 244 -20.09 -17.49 -39.08
CA ALA E 244 -18.77 -17.77 -39.63
C ALA E 244 -18.81 -18.43 -40.99
N THR E 245 -17.74 -18.25 -41.74
CA THR E 245 -17.58 -18.88 -43.05
C THR E 245 -16.31 -19.74 -43.11
N GLY E 246 -15.79 -20.10 -41.93
CA GLY E 246 -14.59 -20.91 -41.83
C GLY E 246 -13.78 -20.52 -40.62
N ASN E 247 -12.84 -21.37 -40.23
CA ASN E 247 -11.93 -21.06 -39.12
C ASN E 247 -12.59 -21.07 -37.73
N LEU E 248 -13.85 -21.48 -37.65
CA LEU E 248 -14.57 -21.43 -36.37
C LEU E 248 -14.43 -22.73 -35.64
N ILE E 249 -13.87 -22.64 -34.43
CA ILE E 249 -13.81 -23.78 -33.53
C ILE E 249 -14.96 -23.58 -32.57
N ALA E 250 -16.15 -23.96 -33.04
CA ALA E 250 -17.41 -23.64 -32.36
C ALA E 250 -17.56 -24.19 -30.95
N PRO E 251 -18.41 -23.55 -30.13
CA PRO E 251 -18.77 -24.13 -28.84
C PRO E 251 -19.54 -25.42 -29.07
N TRP E 252 -19.33 -26.38 -28.18
CA TRP E 252 -20.12 -27.60 -28.13
C TRP E 252 -20.68 -27.70 -26.72
N TYR E 253 -19.81 -27.46 -25.73
CA TYR E 253 -20.21 -27.32 -24.33
C TYR E 253 -19.93 -25.91 -23.80
N ALA E 254 -20.84 -25.43 -22.94
CA ALA E 254 -20.69 -24.15 -22.25
C ALA E 254 -20.90 -24.35 -20.75
N PHE E 255 -20.66 -23.31 -19.96
CA PHE E 255 -20.84 -23.39 -18.51
C PHE E 255 -21.88 -22.39 -17.97
N ALA E 256 -22.63 -22.78 -16.94
CA ALA E 256 -23.55 -21.90 -16.24
C ALA E 256 -22.94 -21.55 -14.89
N LEU E 257 -23.13 -20.30 -14.46
CA LEU E 257 -22.29 -19.73 -13.42
C LEU E 257 -23.04 -18.84 -12.44
N ASN E 258 -22.63 -18.89 -11.17
CA ASN E 258 -22.78 -17.75 -10.27
C ASN E 258 -21.38 -17.47 -9.76
N ARG E 259 -20.78 -16.39 -10.26
CA ARG E 259 -19.41 -16.05 -9.87
C ARG E 259 -19.31 -15.71 -8.39
N GLY E 260 -18.14 -15.94 -7.81
CA GLY E 260 -17.96 -15.76 -6.39
C GLY E 260 -17.46 -14.36 -6.12
N SER E 261 -17.49 -14.00 -4.84
CA SER E 261 -17.13 -12.65 -4.41
C SER E 261 -15.74 -12.27 -4.92
N GLY E 262 -14.72 -13.02 -4.53
CA GLY E 262 -13.35 -12.66 -4.85
C GLY E 262 -12.28 -13.49 -4.14
N SER E 263 -11.96 -14.63 -4.75
CA SER E 263 -10.96 -15.52 -4.18
C SER E 263 -9.67 -15.46 -5.01
N GLY E 264 -9.01 -16.59 -5.11
CA GLY E 264 -7.81 -16.67 -5.90
C GLY E 264 -7.39 -18.11 -6.12
N ILE E 265 -6.30 -18.28 -6.83
CA ILE E 265 -5.76 -19.60 -7.13
C ILE E 265 -4.53 -19.86 -6.26
N ILE E 266 -4.39 -21.06 -5.72
CA ILE E 266 -3.16 -21.38 -5.01
C ILE E 266 -2.47 -22.60 -5.61
N THR E 267 -1.16 -22.48 -5.80
CA THR E 267 -0.39 -23.51 -6.46
C THR E 267 0.43 -24.27 -5.45
N SER E 268 0.05 -25.51 -5.17
CA SER E 268 0.69 -26.27 -4.12
C SER E 268 0.53 -27.76 -4.34
N ASP E 269 1.45 -28.55 -3.81
CA ASP E 269 1.40 -30.01 -3.92
C ASP E 269 0.86 -30.65 -2.67
N ALA E 270 0.52 -29.83 -1.68
CA ALA E 270 -0.06 -30.33 -0.44
C ALA E 270 -1.40 -31.02 -0.71
N PRO E 271 -1.71 -32.01 0.11
CA PRO E 271 -2.92 -32.81 -0.03
C PRO E 271 -4.17 -32.06 0.44
N VAL E 272 -5.25 -32.12 -0.33
CA VAL E 272 -6.51 -31.54 0.13
C VAL E 272 -7.15 -32.43 1.17
N HIS E 273 -7.72 -31.83 2.21
CA HIS E 273 -8.43 -32.60 3.22
C HIS E 273 -9.80 -32.02 3.55
N ASP E 274 -10.53 -32.75 4.36
CA ASP E 274 -11.91 -32.41 4.66
C ASP E 274 -11.99 -31.41 5.80
N CYS E 275 -10.84 -30.87 6.19
CA CYS E 275 -10.75 -29.95 7.33
C CYS E 275 -11.13 -28.51 6.99
N ASN E 276 -11.34 -27.69 8.02
CA ASN E 276 -11.77 -26.31 7.82
C ASN E 276 -10.72 -25.31 8.30
N THR E 277 -10.78 -24.08 7.78
CA THR E 277 -9.79 -23.05 8.08
C THR E 277 -10.22 -21.68 7.58
N LYS E 278 -9.78 -20.63 8.26
CA LYS E 278 -10.12 -19.28 7.82
C LYS E 278 -8.97 -18.66 7.05
N CYS E 279 -7.79 -19.24 7.20
CA CYS E 279 -6.62 -18.75 6.48
C CYS E 279 -5.86 -19.88 5.80
N GLN E 280 -5.68 -19.76 4.49
CA GLN E 280 -5.04 -20.79 3.67
C GLN E 280 -3.74 -20.28 3.03
N THR E 281 -2.65 -21.00 3.23
CA THR E 281 -1.41 -20.66 2.57
C THR E 281 -1.02 -21.78 1.61
N PRO E 282 -0.01 -21.54 0.75
CA PRO E 282 0.40 -22.56 -0.20
C PRO E 282 0.93 -23.84 0.44
N HIS E 283 1.59 -23.75 1.60
CA HIS E 283 2.16 -24.92 2.23
C HIS E 283 1.16 -25.63 3.11
N GLY E 284 0.20 -24.89 3.64
CA GLY E 284 -0.83 -25.50 4.47
C GLY E 284 -1.72 -24.49 5.15
N ALA E 285 -2.81 -24.95 5.74
CA ALA E 285 -3.76 -24.07 6.40
C ALA E 285 -3.14 -23.52 7.68
N ILE E 286 -3.62 -22.36 8.10
CA ILE E 286 -3.07 -21.68 9.25
C ILE E 286 -4.23 -21.44 10.20
N ASN E 287 -4.28 -22.25 11.26
CA ASN E 287 -5.25 -22.10 12.32
C ASN E 287 -4.92 -20.79 13.00
N SER E 288 -5.54 -19.69 12.57
CA SER E 288 -5.12 -18.39 13.06
C SER E 288 -6.07 -17.25 13.47
N SER E 289 -5.78 -16.84 14.70
CA SER E 289 -6.51 -15.90 15.52
C SER E 289 -5.49 -14.91 16.11
N LEU E 290 -4.22 -15.28 16.08
CA LEU E 290 -3.13 -14.36 16.39
C LEU E 290 -2.94 -13.32 15.29
N PRO E 291 -2.47 -12.12 15.66
CA PRO E 291 -2.36 -11.00 14.72
C PRO E 291 -1.29 -11.15 13.63
N PHE E 292 -0.25 -11.95 13.86
CA PHE E 292 0.81 -12.07 12.87
C PHE E 292 1.17 -13.53 12.58
N GLN E 293 1.55 -13.80 11.33
CA GLN E 293 2.10 -15.09 10.94
C GLN E 293 3.39 -14.86 10.13
N ASN E 294 4.32 -15.81 10.17
CA ASN E 294 5.50 -15.72 9.30
C ASN E 294 5.66 -16.93 8.35
N ILE E 295 4.53 -17.50 7.93
CA ILE E 295 4.50 -18.71 7.12
C ILE E 295 4.49 -18.44 5.63
N HIS E 296 3.75 -17.42 5.18
CA HIS E 296 3.72 -17.08 3.74
C HIS E 296 2.96 -15.79 3.47
N PRO E 297 3.57 -14.88 2.69
CA PRO E 297 2.96 -13.63 2.24
C PRO E 297 1.70 -13.85 1.40
N VAL E 298 1.74 -14.74 0.40
CA VAL E 298 0.54 -15.07 -0.38
C VAL E 298 -0.40 -15.96 0.42
N THR E 299 -1.69 -15.68 0.34
CA THR E 299 -2.61 -16.24 1.30
C THR E 299 -4.02 -16.14 0.73
N ILE E 300 -4.98 -16.88 1.28
CA ILE E 300 -6.39 -16.65 0.94
C ILE E 300 -7.23 -16.79 2.19
N GLY E 301 -8.00 -15.75 2.52
CA GLY E 301 -8.88 -15.80 3.67
C GLY E 301 -8.61 -14.71 4.69
N GLU E 302 -9.19 -14.88 5.88
CA GLU E 302 -9.03 -13.93 6.93
C GLU E 302 -7.75 -14.30 7.64
N CYS E 303 -6.66 -13.68 7.23
CA CYS E 303 -5.33 -14.13 7.60
C CYS E 303 -4.56 -13.13 8.44
N PRO E 304 -3.76 -13.62 9.40
CA PRO E 304 -2.89 -12.73 10.18
C PRO E 304 -1.97 -11.96 9.25
N LYS E 305 -1.47 -10.81 9.68
CA LYS E 305 -0.59 -10.01 8.84
C LYS E 305 0.74 -10.73 8.66
N TYR E 306 1.18 -10.90 7.42
CA TYR E 306 2.46 -11.55 7.22
C TYR E 306 3.62 -10.67 7.65
N VAL E 307 4.59 -11.31 8.27
CA VAL E 307 5.66 -10.62 8.97
C VAL E 307 6.99 -11.40 8.82
N ARG E 308 8.13 -10.71 8.89
CA ARG E 308 9.39 -11.41 8.71
C ARG E 308 10.06 -11.76 10.01
N SER E 309 9.35 -11.61 11.10
CA SER E 309 9.91 -11.91 12.41
C SER E 309 10.06 -13.39 12.62
N THR E 310 10.88 -13.74 13.61
CA THR E 310 11.05 -15.13 13.99
C THR E 310 10.36 -15.37 15.32
N LYS E 311 10.33 -14.32 16.12
CA LYS E 311 9.84 -14.38 17.48
C LYS E 311 9.06 -13.11 17.86
N LEU E 312 7.78 -13.29 18.21
CA LEU E 312 6.97 -12.17 18.73
C LEU E 312 6.30 -12.58 20.04
N ARG E 313 7.12 -12.87 21.03
CA ARG E 313 6.65 -13.33 22.32
C ARG E 313 6.47 -12.15 23.24
N MET E 314 5.27 -12.03 23.80
CA MET E 314 4.88 -10.88 24.59
C MET E 314 4.76 -11.25 26.06
N ALA E 315 5.53 -10.57 26.91
CA ALA E 315 5.54 -10.84 28.35
C ALA E 315 4.17 -10.54 29.00
N THR E 316 3.71 -11.46 29.84
CA THR E 316 2.51 -11.26 30.64
C THR E 316 2.89 -11.31 32.12
N GLY E 317 3.74 -12.25 32.50
CA GLY E 317 4.25 -12.30 33.86
C GLY E 317 5.34 -11.28 34.11
N LEU E 318 6.08 -11.47 35.20
CA LEU E 318 7.18 -10.57 35.56
C LEU E 318 8.55 -11.20 35.35
N ARG E 319 9.60 -10.40 35.51
CA ARG E 319 10.95 -10.90 35.40
C ARG E 319 11.06 -12.09 36.34
N ASN E 320 11.49 -13.23 35.82
CA ASN E 320 11.57 -14.45 36.63
C ASN E 320 12.92 -14.63 37.28
N ILE E 321 12.97 -14.38 38.58
CA ILE E 321 14.20 -14.49 39.34
C ILE E 321 14.00 -15.51 40.45
N PRO E 322 14.08 -16.80 40.11
CA PRO E 322 13.83 -17.86 41.09
C PRO E 322 14.90 -17.88 42.16
N SER E 323 16.05 -17.28 41.85
CA SER E 323 17.21 -17.29 42.74
C SER E 323 17.34 -18.67 43.35
N ARG E 324 18.03 -19.56 42.63
CA ARG E 324 18.21 -20.95 43.05
C ARG E 324 19.21 -21.09 44.19
N GLN E 325 19.26 -22.10 44.89
N GLY F 1 14.24 -2.25 38.12
CA GLY F 1 13.58 -1.66 36.97
C GLY F 1 13.29 -0.18 37.20
N LEU F 2 12.43 0.37 36.36
CA LEU F 2 12.09 1.78 36.44
C LEU F 2 11.68 2.27 37.85
N PHE F 3 11.19 1.37 38.68
CA PHE F 3 10.72 1.74 40.03
C PHE F 3 11.62 1.11 41.09
N GLY F 4 12.70 0.48 40.63
CA GLY F 4 13.73 -0.09 41.48
C GLY F 4 13.34 -1.05 42.59
N ALA F 5 12.26 -1.78 42.40
CA ALA F 5 11.76 -2.69 43.43
C ALA F 5 12.09 -4.14 43.12
N ILE F 6 11.61 -4.59 41.97
CA ILE F 6 11.87 -5.94 41.49
C ILE F 6 13.29 -6.00 40.94
N ALA F 7 14.07 -6.98 41.43
CA ALA F 7 15.49 -7.07 41.11
C ALA F 7 16.17 -5.78 41.56
N GLY F 8 15.59 -5.15 42.57
CA GLY F 8 16.08 -3.87 43.06
C GLY F 8 16.37 -3.96 44.54
N PHE F 9 15.59 -3.25 45.35
CA PHE F 9 15.78 -3.33 46.79
C PHE F 9 15.16 -4.59 47.36
N ILE F 10 14.22 -5.17 46.60
CA ILE F 10 13.76 -6.53 46.84
C ILE F 10 14.45 -7.42 45.79
N GLU F 11 15.57 -8.03 46.18
CA GLU F 11 16.50 -8.63 45.21
C GLU F 11 15.98 -9.80 44.40
N GLY F 12 15.18 -10.64 45.02
CA GLY F 12 14.71 -11.81 44.32
C GLY F 12 13.24 -12.10 44.49
N GLY F 13 12.80 -13.17 43.86
CA GLY F 13 11.40 -13.56 43.90
C GLY F 13 11.19 -14.79 44.74
N TRP F 14 9.93 -15.17 44.94
CA TRP F 14 9.56 -16.29 45.79
C TRP F 14 8.90 -17.37 44.97
N THR F 15 9.57 -18.51 44.82
CA THR F 15 8.91 -19.66 44.21
C THR F 15 7.87 -20.18 45.20
N GLY F 16 8.09 -19.87 46.48
CA GLY F 16 7.17 -20.24 47.52
C GLY F 16 5.78 -19.68 47.32
N MET F 17 5.69 -18.38 47.07
CA MET F 17 4.39 -17.75 46.87
C MET F 17 3.79 -18.13 45.52
N ILE F 18 2.67 -18.85 45.56
CA ILE F 18 2.09 -19.38 44.33
C ILE F 18 0.62 -19.02 44.11
N ASP F 19 -0.01 -18.29 45.03
CA ASP F 19 -1.40 -17.90 44.83
C ASP F 19 -1.55 -16.60 44.03
N GLY F 20 -0.45 -15.88 43.83
CA GLY F 20 -0.47 -14.63 43.10
C GLY F 20 0.90 -14.08 42.72
N TRP F 21 0.87 -12.88 42.16
CA TRP F 21 2.08 -12.26 41.69
C TRP F 21 2.83 -11.48 42.78
N TYR F 22 2.11 -10.78 43.64
CA TYR F 22 2.72 -9.99 44.71
C TYR F 22 2.14 -10.48 46.02
N GLY F 23 2.90 -10.34 47.09
CA GLY F 23 2.39 -10.78 48.36
C GLY F 23 3.34 -10.60 49.52
N TYR F 24 2.98 -11.22 50.64
CA TYR F 24 3.71 -11.03 51.88
C TYR F 24 4.30 -12.34 52.33
N HIS F 25 5.46 -12.28 52.97
CA HIS F 25 5.96 -13.46 53.66
C HIS F 25 5.32 -13.43 55.03
N HIS F 26 6.10 -13.00 56.03
CA HIS F 26 5.65 -12.97 57.43
C HIS F 26 6.18 -14.15 58.22
N GLN F 27 6.81 -13.82 59.34
CA GLN F 27 7.29 -14.81 60.29
C GLN F 27 6.79 -14.46 61.68
N ASN F 28 5.94 -15.32 62.19
CA ASN F 28 5.24 -15.08 63.42
C ASN F 28 5.72 -16.08 64.45
N GLU F 29 5.23 -15.95 65.67
CA GLU F 29 5.53 -16.93 66.69
C GLU F 29 4.78 -18.23 66.42
N GLN F 30 3.75 -18.15 65.58
CA GLN F 30 2.95 -19.31 65.21
C GLN F 30 3.26 -19.81 63.80
N GLY F 31 4.46 -19.49 63.30
CA GLY F 31 4.94 -20.02 62.04
C GLY F 31 5.20 -19.02 60.93
N SER F 32 6.02 -19.41 59.95
CA SER F 32 6.27 -18.62 58.74
C SER F 32 5.13 -18.90 57.76
N GLY F 33 5.12 -18.19 56.64
CA GLY F 33 4.08 -18.41 55.62
C GLY F 33 4.05 -17.41 54.49
N TYR F 34 3.57 -17.84 53.32
CA TYR F 34 3.39 -16.92 52.19
C TYR F 34 1.91 -16.66 52.01
N ALA F 35 1.55 -15.45 51.60
CA ALA F 35 0.18 -15.14 51.19
C ALA F 35 0.22 -14.13 50.06
N ALA F 36 -0.62 -14.33 49.04
CA ALA F 36 -0.66 -13.39 47.93
C ALA F 36 -1.55 -12.24 48.31
N ASP F 37 -1.23 -11.05 47.83
CA ASP F 37 -2.14 -9.93 47.95
C ASP F 37 -3.18 -10.04 46.85
N GLN F 38 -4.39 -10.47 47.20
CA GLN F 38 -5.42 -10.73 46.20
C GLN F 38 -5.82 -9.50 45.41
N LYS F 39 -5.93 -8.37 46.10
CA LYS F 39 -6.41 -7.15 45.47
C LYS F 39 -5.54 -6.72 44.30
N SER F 40 -4.24 -6.54 44.56
CA SER F 40 -3.35 -6.04 43.52
C SER F 40 -3.10 -7.07 42.44
N THR F 41 -2.92 -8.34 42.83
CA THR F 41 -2.73 -9.41 41.85
C THR F 41 -3.88 -9.47 40.84
N GLN F 42 -5.13 -9.39 41.32
CA GLN F 42 -6.24 -9.38 40.39
C GLN F 42 -6.20 -8.15 39.51
N ASN F 43 -6.09 -6.97 40.11
CA ASN F 43 -5.99 -5.72 39.38
C ASN F 43 -4.98 -5.83 38.25
N ALA F 44 -3.81 -6.38 38.58
CA ALA F 44 -2.75 -6.59 37.60
C ALA F 44 -3.23 -7.52 36.49
N ILE F 45 -3.80 -8.66 36.87
CA ILE F 45 -4.23 -9.63 35.86
C ILE F 45 -5.26 -9.04 34.91
N ASP F 46 -6.21 -8.27 35.44
CA ASP F 46 -7.21 -7.64 34.60
C ASP F 46 -6.55 -6.68 33.63
N GLY F 47 -5.46 -6.06 34.07
CA GLY F 47 -4.76 -5.09 33.27
C GLY F 47 -3.99 -5.77 32.15
N ILE F 48 -3.15 -6.72 32.53
CA ILE F 48 -2.37 -7.46 31.54
C ILE F 48 -3.28 -8.14 30.51
N THR F 49 -4.37 -8.75 31.00
CA THR F 49 -5.36 -9.35 30.12
C THR F 49 -5.90 -8.33 29.13
N ASN F 50 -6.33 -7.17 29.63
CA ASN F 50 -6.84 -6.17 28.74
C ASN F 50 -5.77 -5.81 27.72
N LYS F 51 -4.52 -5.72 28.20
CA LYS F 51 -3.38 -5.34 27.36
C LYS F 51 -3.24 -6.32 26.23
N VAL F 52 -3.23 -7.60 26.57
CA VAL F 52 -3.14 -8.63 25.55
C VAL F 52 -4.33 -8.64 24.58
N ASN F 53 -5.56 -8.45 25.07
CA ASN F 53 -6.71 -8.41 24.18
C ASN F 53 -6.70 -7.22 23.23
N SER F 54 -6.12 -6.10 23.67
CA SER F 54 -6.00 -4.93 22.79
C SER F 54 -5.12 -5.28 21.61
N VAL F 55 -3.93 -5.79 21.92
CA VAL F 55 -2.94 -6.13 20.88
C VAL F 55 -3.42 -7.20 19.87
N ILE F 56 -4.24 -8.14 20.34
CA ILE F 56 -4.80 -9.18 19.47
C ILE F 56 -6.17 -8.80 18.84
N GLU F 57 -7.09 -8.29 19.65
CA GLU F 57 -8.45 -7.99 19.20
C GLU F 57 -8.49 -6.83 18.20
N LYS F 58 -7.62 -5.84 18.35
CA LYS F 58 -7.71 -4.64 17.54
C LYS F 58 -7.33 -4.83 16.09
N MET F 59 -6.66 -5.93 15.78
CA MET F 59 -6.23 -6.23 14.41
C MET F 59 -7.44 -6.45 13.54
N ASN F 60 -7.63 -5.57 12.57
CA ASN F 60 -8.70 -5.67 11.59
C ASN F 60 -8.44 -6.86 10.67
N THR F 61 -8.90 -8.05 11.06
CA THR F 61 -8.60 -9.27 10.29
C THR F 61 -8.85 -9.09 8.80
N GLN F 62 -7.82 -9.37 8.01
CA GLN F 62 -8.00 -9.40 6.57
C GLN F 62 -9.32 -10.10 6.25
N PHE F 63 -9.70 -10.11 4.98
CA PHE F 63 -11.01 -10.62 4.64
C PHE F 63 -10.93 -11.29 3.28
N THR F 64 -10.37 -12.48 3.28
CA THR F 64 -10.01 -13.17 2.04
C THR F 64 -9.00 -12.26 1.26
N ALA F 65 -8.38 -12.78 0.20
CA ALA F 65 -7.52 -12.02 -0.71
C ALA F 65 -6.18 -12.71 -0.90
N VAL F 66 -5.65 -12.76 -2.11
CA VAL F 66 -4.34 -13.41 -2.34
C VAL F 66 -3.18 -12.48 -2.67
N GLY F 67 -2.49 -12.92 -3.72
CA GLY F 67 -1.70 -12.09 -4.61
C GLY F 67 -2.29 -12.46 -5.97
N LYS F 68 -1.74 -11.90 -7.04
CA LYS F 68 -2.41 -11.92 -8.34
C LYS F 68 -1.52 -12.64 -9.36
N GLU F 69 -2.02 -12.79 -10.59
CA GLU F 69 -1.27 -13.43 -11.68
C GLU F 69 -1.15 -12.53 -12.90
N PHE F 70 0.07 -12.29 -13.37
CA PHE F 70 0.29 -11.46 -14.56
C PHE F 70 1.12 -12.16 -15.65
N ASN F 71 0.80 -11.88 -16.92
CA ASN F 71 1.57 -12.44 -18.04
C ASN F 71 2.91 -11.73 -18.31
N ASN F 72 3.61 -12.14 -19.38
CA ASN F 72 4.97 -11.65 -19.66
C ASN F 72 5.04 -10.19 -20.14
N LEU F 73 3.88 -9.63 -20.49
CA LEU F 73 3.77 -8.22 -20.90
C LEU F 73 3.13 -7.35 -19.82
N GLU F 74 3.06 -7.87 -18.61
CA GLU F 74 2.53 -7.11 -17.49
C GLU F 74 3.57 -7.07 -16.37
N ARG F 75 4.83 -6.87 -16.72
CA ARG F 75 5.89 -6.86 -15.72
C ARG F 75 5.70 -5.67 -14.79
N ARG F 76 5.32 -4.52 -15.34
CA ARG F 76 5.22 -3.31 -14.53
C ARG F 76 4.15 -3.39 -13.46
N ILE F 77 2.98 -3.92 -13.82
CA ILE F 77 1.96 -4.16 -12.84
C ILE F 77 2.37 -5.26 -11.87
N GLU F 78 3.00 -6.31 -12.37
CA GLU F 78 3.49 -7.39 -11.51
C GLU F 78 4.34 -6.81 -10.39
N ASN F 79 5.25 -5.92 -10.76
CA ASN F 79 6.18 -5.32 -9.82
C ASN F 79 5.54 -4.35 -8.86
N LEU F 80 4.51 -3.65 -9.33
CA LEU F 80 3.69 -2.76 -8.51
C LEU F 80 3.01 -3.55 -7.41
N ASN F 81 2.44 -4.69 -7.77
CA ASN F 81 1.88 -5.65 -6.83
C ASN F 81 2.92 -6.06 -5.80
N LYS F 82 4.10 -6.44 -6.28
CA LYS F 82 5.20 -6.83 -5.42
C LYS F 82 5.58 -5.70 -4.47
N LYS F 83 5.69 -4.49 -5.00
CA LYS F 83 5.98 -3.31 -4.18
C LYS F 83 4.95 -3.12 -3.08
N VAL F 84 3.69 -3.34 -3.41
CA VAL F 84 2.61 -3.26 -2.44
C VAL F 84 2.79 -4.30 -1.37
N ASP F 85 2.98 -5.53 -1.77
CA ASP F 85 3.07 -6.62 -0.80
C ASP F 85 4.29 -6.47 0.09
N ASP F 86 5.43 -6.15 -0.52
CA ASP F 86 6.67 -5.98 0.22
C ASP F 86 6.56 -4.76 1.11
N GLY F 87 5.82 -3.76 0.63
CA GLY F 87 5.59 -2.56 1.40
C GLY F 87 4.87 -2.83 2.70
N PHE F 88 3.76 -3.56 2.62
CA PHE F 88 3.02 -3.95 3.79
C PHE F 88 3.88 -4.79 4.70
N LEU F 89 4.70 -5.67 4.12
CA LEU F 89 5.59 -6.56 4.87
C LEU F 89 6.54 -5.81 5.81
N ASP F 90 7.18 -4.76 5.28
CA ASP F 90 8.21 -4.00 6.00
C ASP F 90 7.56 -3.22 7.13
N ILE F 91 6.38 -2.70 6.86
CA ILE F 91 5.62 -1.93 7.84
C ILE F 91 5.12 -2.82 8.94
N TRP F 92 4.53 -3.97 8.61
CA TRP F 92 4.03 -4.87 9.64
C TRP F 92 5.13 -5.48 10.51
N THR F 93 6.24 -5.84 9.87
CA THR F 93 7.37 -6.37 10.61
C THR F 93 7.89 -5.34 11.60
N TYR F 94 8.20 -4.15 11.11
CA TYR F 94 8.78 -3.12 11.95
C TYR F 94 7.84 -2.80 13.10
N ASN F 95 6.57 -2.58 12.80
CA ASN F 95 5.64 -2.17 13.84
C ASN F 95 5.40 -3.32 14.79
N ALA F 96 5.25 -4.52 14.27
CA ALA F 96 5.06 -5.67 15.15
C ALA F 96 6.20 -5.80 16.14
N GLU F 97 7.42 -5.73 15.61
CA GLU F 97 8.65 -5.96 16.37
C GLU F 97 8.85 -4.93 17.46
N LEU F 98 8.63 -3.66 17.13
CA LEU F 98 8.76 -2.57 18.09
C LEU F 98 7.62 -2.49 19.12
N LEU F 99 6.41 -2.82 18.69
CA LEU F 99 5.25 -2.85 19.57
C LEU F 99 5.47 -3.80 20.71
N VAL F 100 5.77 -5.04 20.38
CA VAL F 100 6.11 -6.04 21.38
C VAL F 100 7.22 -5.57 22.32
N LEU F 101 8.28 -4.97 21.78
CA LEU F 101 9.37 -4.46 22.61
C LEU F 101 8.94 -3.40 23.59
N LEU F 102 8.19 -2.40 23.15
CA LEU F 102 7.66 -1.36 24.03
C LEU F 102 6.72 -1.98 25.04
N GLU F 103 5.74 -2.74 24.56
CA GLU F 103 4.75 -3.33 25.45
C GLU F 103 5.40 -4.11 26.55
N ASN F 104 6.50 -4.79 26.20
CA ASN F 104 7.22 -5.62 27.16
C ASN F 104 7.93 -4.81 28.24
N GLU F 105 8.68 -3.81 27.81
CA GLU F 105 9.27 -2.90 28.74
C GLU F 105 8.18 -2.37 29.70
N ARG F 106 7.10 -1.83 29.14
CA ARG F 106 5.98 -1.28 29.92
C ARG F 106 5.46 -2.30 30.94
N THR F 107 5.24 -3.54 30.49
CA THR F 107 4.70 -4.62 31.32
C THR F 107 5.55 -4.92 32.54
N LEU F 108 6.85 -5.11 32.32
CA LEU F 108 7.77 -5.37 33.43
C LEU F 108 7.84 -4.18 34.36
N ASP F 109 7.74 -2.97 33.83
CA ASP F 109 7.74 -1.78 34.67
C ASP F 109 6.45 -1.71 35.47
N PHE F 110 5.37 -2.19 34.86
CA PHE F 110 4.07 -2.24 35.50
C PHE F 110 4.15 -3.09 36.75
N HIS F 111 4.74 -4.27 36.62
CA HIS F 111 4.89 -5.16 37.76
C HIS F 111 5.82 -4.54 38.79
N ASP F 112 6.91 -3.93 38.33
CA ASP F 112 7.81 -3.25 39.24
C ASP F 112 7.03 -2.19 40.06
N SER F 113 6.30 -1.33 39.37
CA SER F 113 5.37 -0.41 40.02
C SER F 113 4.46 -1.06 41.08
N ASN F 114 3.76 -2.13 40.71
CA ASN F 114 2.83 -2.78 41.64
C ASN F 114 3.52 -3.31 42.91
N VAL F 115 4.75 -3.81 42.78
CA VAL F 115 5.50 -4.27 43.95
C VAL F 115 5.85 -3.09 44.85
N ARG F 116 6.42 -2.06 44.25
CA ARG F 116 6.77 -0.88 45.01
C ARG F 116 5.58 -0.28 45.73
N ASN F 117 4.50 -0.04 45.00
CA ASN F 117 3.30 0.50 45.62
C ASN F 117 2.76 -0.35 46.74
N LEU F 118 3.01 -1.65 46.70
CA LEU F 118 2.56 -2.53 47.77
C LEU F 118 3.45 -2.33 48.99
N TYR F 119 4.75 -2.26 48.75
CA TYR F 119 5.69 -1.99 49.82
C TYR F 119 5.37 -0.67 50.53
N GLU F 120 5.09 0.38 49.78
CA GLU F 120 4.88 1.69 50.36
C GLU F 120 3.53 1.79 51.02
N LYS F 121 2.62 0.94 50.59
CA LYS F 121 1.29 0.85 51.19
C LYS F 121 1.36 0.21 52.57
N VAL F 122 2.26 -0.77 52.74
CA VAL F 122 2.55 -1.37 54.04
C VAL F 122 3.36 -0.40 54.90
N LYS F 123 4.43 0.17 54.32
CA LYS F 123 5.28 1.08 55.07
C LYS F 123 4.51 2.18 55.78
N SER F 124 3.56 2.77 55.05
CA SER F 124 2.82 3.92 55.54
C SER F 124 1.62 3.49 56.37
N GLN F 125 1.64 2.23 56.79
CA GLN F 125 0.57 1.70 57.61
C GLN F 125 1.17 1.36 58.96
N LEU F 126 2.39 0.87 58.92
CA LEU F 126 3.11 0.46 60.13
C LEU F 126 3.76 1.67 60.78
N LYS F 127 4.25 2.59 59.96
CA LYS F 127 4.91 3.79 60.46
C LYS F 127 5.99 3.41 61.48
N ASN F 128 5.95 4.01 62.67
CA ASN F 128 6.99 3.77 63.68
C ASN F 128 6.77 2.56 64.59
N ASN F 129 5.96 1.61 64.14
CA ASN F 129 5.76 0.37 64.86
C ASN F 129 6.61 -0.77 64.32
N ALA F 130 7.28 -0.53 63.20
CA ALA F 130 8.12 -1.52 62.54
C ALA F 130 9.43 -0.86 62.12
N LYS F 131 10.46 -1.65 61.89
CA LYS F 131 11.73 -1.13 61.42
C LYS F 131 11.97 -1.55 59.98
N GLU F 132 12.17 -0.59 59.10
CA GLU F 132 12.56 -0.90 57.72
C GLU F 132 13.94 -1.54 57.66
N ILE F 133 13.99 -2.85 57.44
CA ILE F 133 15.26 -3.56 57.31
C ILE F 133 15.86 -3.49 55.90
N GLY F 134 15.11 -4.00 54.91
CA GLY F 134 15.58 -4.07 53.54
C GLY F 134 15.17 -5.38 52.90
N ASN F 135 15.15 -5.41 51.57
CA ASN F 135 14.58 -6.54 50.85
C ASN F 135 13.07 -6.64 51.03
N GLY F 136 12.48 -5.51 51.42
CA GLY F 136 11.05 -5.39 51.52
C GLY F 136 10.55 -5.91 52.84
N CYS F 137 11.42 -5.93 53.84
CA CYS F 137 11.01 -6.45 55.13
C CYS F 137 10.84 -5.39 56.20
N PHE F 138 9.76 -5.54 56.97
CA PHE F 138 9.55 -4.73 58.15
C PHE F 138 9.66 -5.64 59.36
N GLU F 139 10.38 -5.18 60.37
CA GLU F 139 10.47 -5.91 61.64
C GLU F 139 9.68 -5.16 62.70
N PHE F 140 8.71 -5.83 63.30
CA PHE F 140 7.80 -5.20 64.27
C PHE F 140 8.48 -4.92 65.60
N TYR F 141 8.06 -3.81 66.22
CA TYR F 141 8.49 -3.47 67.58
C TYR F 141 7.53 -4.08 68.59
N HIS F 142 6.34 -4.44 68.14
CA HIS F 142 5.32 -4.88 69.07
C HIS F 142 4.95 -6.35 68.96
N LYS F 143 5.72 -7.10 68.20
CA LYS F 143 5.55 -8.55 68.15
C LYS F 143 4.07 -8.95 67.98
N CYS F 144 3.67 -9.19 66.74
CA CYS F 144 2.25 -9.35 66.41
C CYS F 144 1.88 -10.70 65.81
N ASP F 145 0.74 -11.23 66.24
CA ASP F 145 0.30 -12.59 65.92
C ASP F 145 -0.44 -12.70 64.59
N ASP F 146 -0.79 -13.94 64.21
CA ASP F 146 -1.42 -14.21 62.92
C ASP F 146 -2.68 -13.39 62.69
N ALA F 147 -3.26 -12.86 63.75
CA ALA F 147 -4.48 -12.06 63.63
C ALA F 147 -4.14 -10.66 63.15
N CYS F 148 -3.08 -10.10 63.73
CA CYS F 148 -2.56 -8.79 63.32
C CYS F 148 -1.93 -8.85 61.93
N MET F 149 -1.14 -9.89 61.67
CA MET F 149 -0.55 -10.06 60.35
C MET F 149 -1.63 -9.90 59.29
N GLU F 150 -2.79 -10.52 59.53
CA GLU F 150 -3.86 -10.50 58.55
C GLU F 150 -4.48 -9.12 58.43
N SER F 151 -4.38 -8.34 59.50
CA SER F 151 -4.92 -6.99 59.44
C SER F 151 -4.02 -6.15 58.56
N VAL F 152 -2.71 -6.40 58.61
CA VAL F 152 -1.76 -5.63 57.82
C VAL F 152 -1.91 -5.90 56.34
N ARG F 153 -1.93 -7.18 55.97
CA ARG F 153 -2.03 -7.56 54.57
C ARG F 153 -3.45 -7.30 54.09
N ASN F 154 -4.33 -7.05 55.04
CA ASN F 154 -5.71 -6.78 54.73
C ASN F 154 -6.00 -5.29 54.65
N GLY F 155 -5.06 -4.48 55.14
CA GLY F 155 -5.15 -3.03 55.05
C GLY F 155 -5.78 -2.33 56.24
N THR F 156 -6.10 -3.09 57.28
CA THR F 156 -6.74 -2.52 58.46
C THR F 156 -5.76 -2.14 59.58
N TYR F 157 -4.78 -3.00 59.86
CA TYR F 157 -3.79 -2.77 60.92
C TYR F 157 -4.14 -1.74 62.01
N ASP F 158 -3.67 -0.50 61.84
CA ASP F 158 -4.12 0.59 62.72
C ASP F 158 -3.38 0.72 64.06
N TYR F 159 -2.64 1.83 64.21
CA TYR F 159 -1.83 2.11 65.39
C TYR F 159 -0.63 2.94 64.97
N PRO F 160 -0.87 4.14 64.42
CA PRO F 160 0.26 4.93 63.91
C PRO F 160 1.51 4.84 64.78
N LYS F 161 1.54 5.29 65.93
C1 GAL G . -35.15 -2.13 -48.13
C2 GAL G . -34.91 -1.17 -46.95
C3 GAL G . -35.94 -1.57 -45.87
C4 GAL G . -37.39 -1.27 -46.29
C5 GAL G . -37.67 -2.18 -47.53
C6 GAL G . -39.09 -1.85 -48.09
O1 GAL G . -34.59 -2.31 -49.48
O2 GAL G . -33.57 -1.36 -46.46
O3 GAL G . -35.59 -0.98 -44.68
O4 GAL G . -37.64 0.14 -46.56
O5 GAL G . -36.55 -1.94 -48.59
O6 GAL G . -39.46 -2.76 -49.16
C1 NAG G . -35.04 -1.84 -43.57
C2 NAG G . -34.28 -0.98 -42.53
C3 NAG G . -34.09 -1.83 -41.25
C4 NAG G . -35.50 -2.39 -40.76
C5 NAG G . -36.17 -3.27 -41.89
C6 NAG G . -37.57 -3.96 -41.54
C7 NAG G . -32.66 0.73 -43.50
C8 NAG G . -31.26 0.96 -44.03
N2 NAG G . -32.96 -0.56 -43.08
O3 NAG G . -33.54 -1.01 -40.23
O4 NAG G . -35.27 -3.20 -39.54
O5 NAG G . -36.32 -2.41 -43.07
O6 NAG G . -38.68 -3.14 -41.03
O7 NAG G . -33.47 1.70 -43.45
C1 GAL G . -35.52 -2.92 -38.38
C2 GAL G . -35.76 -3.90 -37.15
C3 GAL G . -35.90 -3.12 -35.78
C4 GAL G . -34.83 -1.93 -35.82
C5 GAL G . -35.47 -0.86 -36.83
C6 GAL G . -34.65 0.35 -36.95
O2 GAL G . -36.88 -4.69 -37.49
O3 GAL G . -35.66 -4.05 -34.70
O4 GAL G . -33.47 -2.34 -36.29
O5 GAL G . -35.53 -1.45 -38.23
O6 GAL G . -35.11 1.18 -38.08
C1 SIA G . -34.21 3.10 -36.62
C2 SIA G . -34.29 2.48 -38.13
C3 SIA G . -34.87 3.40 -39.17
C4 SIA G . -33.81 4.60 -39.39
C5 SIA G . -32.45 3.98 -39.87
C6 SIA G . -31.81 2.93 -38.82
C7 SIA G . -30.63 2.22 -39.38
C8 SIA G . -30.06 1.25 -38.34
C9 SIA G . -28.76 0.62 -38.87
C10 SIA G . -30.94 5.65 -41.01
C11 SIA G . -30.10 6.52 -40.83
N5 SIA G . -31.47 5.04 -39.93
O1A SIA G . -35.31 3.52 -36.15
O1B SIA G . -33.14 3.16 -35.96
O4 SIA G . -34.30 5.31 -40.33
O6 SIA G . -32.96 2.21 -38.60
O7 SIA G . -31.12 1.46 -40.50
O8 SIA G . -29.82 2.01 -37.15
O9 SIA G . -28.25 -0.31 -37.94
O10 SIA G . -31.36 5.27 -42.42
C1 NAG H . 18.40 14.98 -32.16
C2 NAG H . 17.46 14.18 -33.03
C3 NAG H . 17.39 15.23 -34.11
C4 NAG H . 16.78 16.52 -33.53
C5 NAG H . 17.35 16.95 -32.15
C6 NAG H . 16.51 17.93 -31.33
C7 NAG H . 17.52 12.19 -34.47
C8 NAG H . 18.27 12.16 -35.77
N2 NAG H . 18.04 12.94 -33.50
O1 NAG H . 19.24 14.19 -31.40
O3 NAG H . 16.71 14.79 -35.26
O4 NAG H . 17.07 17.50 -34.49
O5 NAG H . 17.63 15.83 -31.35
O6 NAG H . 15.27 17.41 -30.91
O7 NAG H . 16.50 11.51 -34.34
C1 NAG I . 15.57 19.76 -34.66
C2 NAG I . 14.54 20.88 -34.80
C3 NAG I . 15.03 22.24 -34.29
C4 NAG I . 15.80 22.08 -32.98
C5 NAG I . 16.90 21.03 -33.15
C6 NAG I . 17.79 20.94 -31.92
C7 NAG I . 14.97 20.81 -37.22
C8 NAG I . 15.26 22.03 -38.06
N2 NAG I . 14.14 21.00 -36.19
O1 NAG I . 14.92 18.52 -34.79
O3 NAG I . 13.93 23.10 -34.13
O4 NAG I . 16.38 23.32 -32.59
O5 NAG I . 16.27 19.80 -33.44
O6 NAG I . 18.81 19.99 -32.11
O7 NAG I . 15.49 19.72 -37.49
C1 NAG J . 29.94 7.74 4.66
C2 NAG J . 29.31 8.94 3.96
C3 NAG J . 29.12 8.61 2.48
C4 NAG J . 30.45 8.23 1.84
C5 NAG J . 31.21 7.18 2.70
C6 NAG J . 32.66 6.99 2.22
C7 NAG J . 27.16 10.14 4.05
C8 NAG J . 25.81 9.59 3.70
N2 NAG J . 28.05 9.30 4.60
O1 NAG J . 30.08 7.95 6.05
O3 NAG J . 28.56 9.69 1.77
O4 NAG J . 30.22 7.77 0.51
O5 NAG J . 31.22 7.49 4.10
O6 NAG J . 32.74 5.95 1.26
O7 NAG J . 27.39 11.34 3.84
C1 NAG K . 34.74 20.32 25.16
C2 NAG K . 34.98 21.63 24.42
C3 NAG K . 35.50 21.30 23.02
C4 NAG K . 36.78 20.47 23.11
C5 NAG K . 36.71 19.35 24.15
C6 NAG K . 38.12 18.91 24.56
C7 NAG K . 33.52 23.45 25.25
C8 NAG K . 32.90 24.68 24.68
N2 NAG K . 33.79 22.47 24.38
O1 NAG K . 34.10 20.52 26.40
O3 NAG K . 35.76 22.50 22.32
O4 NAG K . 37.05 19.91 21.85
O5 NAG K . 35.99 19.67 25.33
O6 NAG K . 38.46 17.70 23.91
O7 NAG K . 33.73 23.38 26.47
C1 NAG L . 16.94 26.49 20.60
C2 NAG L . 16.87 25.71 19.28
C3 NAG L . 15.82 26.39 18.39
C4 NAG L . 14.48 26.36 19.11
C5 NAG L . 14.56 26.76 20.59
C6 NAG L . 13.31 26.26 21.32
C7 NAG L . 18.81 24.36 18.43
C8 NAG L . 20.07 24.12 19.22
N2 NAG L . 18.17 25.54 18.61
O1 NAG L . 18.00 26.10 21.44
O3 NAG L . 15.67 25.76 17.13
O4 NAG L . 13.58 27.19 18.43
O5 NAG L . 15.72 26.28 21.27
O6 NAG L . 13.08 26.99 22.50
O7 NAG L . 18.43 23.47 17.66
C1 NAG M . -32.53 7.83 -21.45
C2 NAG M . -33.03 7.10 -22.67
C3 NAG M . -34.41 6.55 -22.41
C4 NAG M . -34.15 5.61 -21.25
C5 NAG M . -33.92 6.46 -20.03
C6 NAG M . -33.79 5.63 -18.77
C7 NAG M . -31.76 8.10 -24.44
C8 NAG M . -31.69 9.13 -25.54
N2 NAG M . -32.92 8.02 -23.77
O1 NAG M . -31.15 7.97 -21.72
O3 NAG M . -34.88 5.81 -23.51
O4 NAG M . -35.19 4.66 -21.11
O5 NAG M . -32.72 7.18 -20.21
O6 NAG M . -33.35 6.49 -17.75
O7 NAG M . -30.80 7.38 -24.19
C1 NAG N . -37.26 3.26 -19.80
C2 NAG N . -37.40 2.87 -21.25
C3 NAG N . -38.31 1.65 -21.22
C4 NAG N . -37.83 0.61 -20.18
C5 NAG N . -36.88 1.11 -19.07
C6 NAG N . -35.76 0.08 -18.87
C7 NAG N . -37.41 4.39 -23.16
C8 NAG N . -37.84 5.75 -23.61
N2 NAG N . -37.98 3.93 -22.05
O1 NAG N . -36.86 4.60 -19.62
O3 NAG N . -38.39 1.06 -22.49
O4 NAG N . -38.97 0.02 -19.57
O5 NAG N . -36.29 2.39 -19.32
O6 NAG N . -34.55 0.71 -18.51
O7 NAG N . -36.56 3.74 -23.78
C1 NAG O . 3.26 35.04 47.79
C2 NAG O . 4.70 35.29 47.37
C3 NAG O . 5.63 34.62 48.37
C4 NAG O . 5.33 35.09 49.79
C5 NAG O . 3.83 35.11 50.12
C6 NAG O . 3.55 35.95 51.38
C7 NAG O . 4.53 35.40 44.90
C8 NAG O . 3.65 34.62 43.98
N2 NAG O . 4.94 34.79 46.02
O1 NAG O . 2.33 35.54 46.84
O3 NAG O . 6.98 34.90 48.06
O4 NAG O . 6.00 34.23 50.70
O5 NAG O . 3.03 35.63 49.06
O6 NAG O . 3.60 35.14 52.53
O7 NAG O . 4.85 36.56 44.62
C1 NAG P . 1.25 -33.93 -21.40
C2 NAG P . 0.50 -33.63 -22.70
C3 NAG P . 0.95 -34.71 -23.69
C4 NAG P . 2.49 -34.68 -23.89
C5 NAG P . 3.23 -34.70 -22.54
C6 NAG P . 4.75 -34.51 -22.75
C7 NAG P . -1.77 -32.96 -23.37
C8 NAG P . -2.52 -33.80 -24.36
N2 NAG P . -0.94 -33.59 -22.51
O1 NAG P . 0.71 -33.18 -20.34
O3 NAG P . 0.24 -34.53 -24.89
O4 NAG P . 2.99 -35.74 -24.68
O5 NAG P . 2.66 -33.77 -21.58
O6 NAG P . 5.44 -35.74 -22.86
O7 NAG P . -1.94 -31.75 -23.40
C1 NAG Q . 21.00 -17.42 23.43
C2 NAG Q . 21.00 -15.92 23.12
C3 NAG Q . 21.13 -15.09 24.41
C4 NAG Q . 20.16 -15.58 25.50
C5 NAG Q . 20.18 -17.10 25.67
C6 NAG Q . 19.08 -17.54 26.62
C7 NAG Q . 21.93 -15.18 20.94
C8 NAG Q . 21.59 -16.22 19.91
N2 NAG Q . 22.10 -15.59 22.20
O1 NAG Q . 20.77 -18.17 22.24
O3 NAG Q . 20.90 -13.71 24.12
O4 NAG Q . 20.36 -14.92 26.74
O5 NAG Q . 20.05 -17.77 24.43
O6 NAG Q . 19.56 -17.54 27.94
O7 NAG Q . 22.06 -13.99 20.61
C1 NAG R . -10.76 -7.83 57.42
C2 NAG R . -11.16 -9.29 57.51
C3 NAG R . -12.10 -9.18 58.69
C4 NAG R . -11.30 -8.67 59.91
C5 NAG R . -10.28 -7.53 59.63
C6 NAG R . -9.14 -7.48 60.65
C7 NAG R . -11.02 -10.30 55.27
C8 NAG R . -11.15 -9.73 53.88
N2 NAG R . -11.74 -9.74 56.25
O1 NAG R . -10.49 -7.46 56.09
O3 NAG R . -12.80 -10.38 58.98
O4 NAG R . -12.23 -8.22 60.89
O5 NAG R . -9.71 -7.66 58.34
O6 NAG R . -9.54 -8.08 61.85
O7 NAG R . -10.25 -11.24 55.46
#